data_4E3R
#
_entry.id   4E3R
#
_cell.length_a   62.980
_cell.length_b   161.940
_cell.length_c   179.270
_cell.angle_alpha   90.00
_cell.angle_beta   90.00
_cell.angle_gamma   90.00
#
_symmetry.space_group_name_H-M   'P 21 21 21'
#
loop_
_entity.id
_entity.type
_entity.pdbx_description
1 polymer 'Pyruvate transaminase'
2 non-polymer 'SULFATE ION'
3 non-polymer 'SODIUM ION'
4 water water
#
_entity_poly.entity_id   1
_entity_poly.type   'polypeptide(L)'
_entity_poly.pdbx_seq_one_letter_code
;MGSSHHHHHHSSGLVPRGSHMNKPQSWEARAETYSLYGWTDMPSLHQRGTVVVTHGEGPYIVDVNGRRYLDANSGLFNMV
AGFDHKGLIDAAKAQYERFPGYHAAFGKMSDQTVMLSEKLVEVSPFDSGRVFYTNSGSEANDTMVKMLWFLHAAEGKPQK
RKILTRWNAYHGATAVSASMTGFPYNSVFGLPLPGFVHLTCPHYWRYGEEGETEEQFVARLARELEETIQREGADTIAGF
FAEPVMGAGGVIPPAKGYFQAILPILRKYDIPVISDEVVCGFGRTGNTWGCVTYDFTPDAIISS(LLP)NLTAGFFPMGA
VILGPELSKRLETAIEAIEEFPHGFTASGHPVGCAIALKAIDVVMNEGLAENVRRLAPRFEERLKHIAERPNIGEYRGIG
FMWALEAVKDKASKTPFDGNLSVSERIANTCTDLGLICFPLGQSVVLCPPFILTEAQMDEMFDKLEKALDKVFAEVA
;
_entity_poly.pdbx_strand_id   A,B,C,D
#
loop_
_chem_comp.id
_chem_comp.type
_chem_comp.name
_chem_comp.formula
NA non-polymer 'SODIUM ION' 'Na 1'
SO4 non-polymer 'SULFATE ION' 'O4 S -2'
#
# COMPACT_ATOMS: atom_id res chain seq x y z
N ASN A 22 -25.04 21.08 35.26
CA ASN A 22 -25.86 19.89 35.00
C ASN A 22 -24.93 18.68 34.99
N LYS A 23 -24.78 18.03 36.16
CA LYS A 23 -23.87 16.89 36.34
C LYS A 23 -24.57 15.58 36.68
N PRO A 24 -24.07 14.41 36.19
CA PRO A 24 -24.72 13.13 36.53
C PRO A 24 -24.56 12.75 38.01
N GLN A 25 -25.55 12.08 38.58
CA GLN A 25 -25.55 11.68 39.98
C GLN A 25 -25.33 10.18 40.16
N SER A 26 -26.12 9.35 39.47
CA SER A 26 -26.05 7.89 39.62
C SER A 26 -24.79 7.30 38.97
N TRP A 27 -24.43 6.08 39.38
CA TRP A 27 -23.30 5.37 38.80
C TRP A 27 -23.49 5.18 37.30
N GLU A 28 -24.74 4.88 36.90
CA GLU A 28 -25.13 4.63 35.51
C GLU A 28 -25.00 5.90 34.66
N ALA A 29 -25.49 7.04 35.16
CA ALA A 29 -25.41 8.31 34.45
C ALA A 29 -23.97 8.80 34.38
N ARG A 30 -23.16 8.57 35.44
CA ARG A 30 -21.75 9.00 35.44
C ARG A 30 -20.98 8.18 34.37
N ALA A 31 -21.27 6.86 34.27
CA ALA A 31 -20.68 6.00 33.26
C ALA A 31 -21.02 6.49 31.87
N GLU A 32 -22.29 6.80 31.61
CA GLU A 32 -22.69 7.31 30.29
C GLU A 32 -22.18 8.70 29.93
N THR A 33 -21.98 9.56 30.93
CA THR A 33 -21.52 10.93 30.71
C THR A 33 -20.04 11.02 30.26
N TYR A 34 -19.18 10.16 30.81
CA TYR A 34 -17.73 10.28 30.59
C TYR A 34 -17.07 9.14 29.84
N SER A 35 -17.83 8.10 29.44
CA SER A 35 -17.21 6.94 28.78
C SER A 35 -17.44 6.95 27.27
N LEU A 36 -16.46 6.43 26.56
CA LEU A 36 -16.63 6.18 25.15
C LEU A 36 -16.62 4.64 25.14
N TYR A 37 -17.82 4.03 25.01
CA TYR A 37 -17.96 2.57 25.09
C TYR A 37 -17.38 1.82 23.92
N GLY A 38 -16.66 0.75 24.24
CA GLY A 38 -16.10 -0.15 23.25
C GLY A 38 -16.75 -1.51 23.41
N TRP A 39 -17.00 -2.20 22.28
CA TRP A 39 -17.66 -3.53 22.19
C TRP A 39 -18.97 -3.55 22.98
N THR A 40 -19.74 -2.46 22.90
CA THR A 40 -20.98 -2.35 23.67
C THR A 40 -22.14 -2.07 22.73
N ASP A 41 -23.17 -2.91 22.83
CA ASP A 41 -24.38 -2.72 22.05
C ASP A 41 -25.13 -1.52 22.64
N MET A 42 -25.09 -0.40 21.90
CA MET A 42 -25.66 0.87 22.32
C MET A 42 -27.18 0.89 22.54
N PRO A 43 -28.02 0.24 21.69
CA PRO A 43 -29.47 0.18 22.02
C PRO A 43 -29.72 -0.52 23.37
N SER A 44 -29.02 -1.63 23.66
CA SER A 44 -29.14 -2.37 24.90
C SER A 44 -28.61 -1.53 26.07
N LEU A 45 -27.48 -0.80 25.86
CA LEU A 45 -26.94 0.03 26.94
C LEU A 45 -27.90 1.16 27.31
N HIS A 46 -28.50 1.85 26.32
CA HIS A 46 -29.44 2.94 26.61
C HIS A 46 -30.73 2.45 27.31
N GLN A 47 -31.18 1.24 26.97
CA GLN A 47 -32.38 0.64 27.57
C GLN A 47 -32.09 0.13 28.99
N ARG A 48 -30.96 -0.55 29.18
CA ARG A 48 -30.60 -1.25 30.43
C ARG A 48 -29.73 -0.51 31.40
N GLY A 49 -28.88 0.37 30.89
CA GLY A 49 -27.90 1.06 31.71
C GLY A 49 -26.65 0.22 31.88
N THR A 50 -25.53 0.88 32.21
CA THR A 50 -24.23 0.21 32.41
C THR A 50 -24.31 -0.63 33.67
N VAL A 51 -23.74 -1.85 33.64
CA VAL A 51 -23.61 -2.67 34.85
C VAL A 51 -22.29 -2.19 35.49
N VAL A 52 -22.36 -1.50 36.63
CA VAL A 52 -21.17 -0.96 37.33
C VAL A 52 -20.82 -1.95 38.45
N VAL A 53 -19.63 -2.56 38.35
CA VAL A 53 -19.19 -3.65 39.23
C VAL A 53 -18.22 -3.17 40.32
N THR A 54 -18.43 -3.63 41.57
CA THR A 54 -17.60 -3.17 42.68
C THR A 54 -16.66 -4.24 43.23
N HIS A 55 -17.04 -5.52 43.15
CA HIS A 55 -16.20 -6.60 43.69
C HIS A 55 -16.76 -7.92 43.21
N GLY A 56 -16.09 -8.99 43.57
CA GLY A 56 -16.56 -10.33 43.22
C GLY A 56 -16.25 -11.32 44.32
N GLU A 57 -16.70 -12.57 44.12
CA GLU A 57 -16.47 -13.66 45.08
C GLU A 57 -16.47 -14.92 44.27
N GLY A 58 -15.32 -15.59 44.18
CA GLY A 58 -15.22 -16.78 43.36
C GLY A 58 -15.60 -16.48 41.91
N PRO A 59 -16.57 -17.20 41.30
CA PRO A 59 -16.93 -16.88 39.89
C PRO A 59 -18.02 -15.81 39.74
N TYR A 60 -18.42 -15.17 40.83
CA TYR A 60 -19.48 -14.17 40.82
C TYR A 60 -18.96 -12.76 40.83
N ILE A 61 -19.74 -11.83 40.28
CA ILE A 61 -19.43 -10.39 40.36
C ILE A 61 -20.63 -9.75 41.04
N VAL A 62 -20.41 -8.62 41.69
CA VAL A 62 -21.47 -7.90 42.41
C VAL A 62 -21.52 -6.46 41.92
N ASP A 63 -22.70 -5.99 41.54
CA ASP A 63 -22.83 -4.62 41.05
C ASP A 63 -23.07 -3.62 42.20
N VAL A 64 -23.12 -2.31 41.85
CA VAL A 64 -23.38 -1.21 42.79
C VAL A 64 -24.70 -1.36 43.59
N ASN A 65 -25.68 -2.11 43.05
CA ASN A 65 -26.98 -2.30 43.72
C ASN A 65 -27.06 -3.59 44.52
N GLY A 66 -25.92 -4.24 44.67
CA GLY A 66 -25.82 -5.49 45.42
C GLY A 66 -26.36 -6.69 44.68
N ARG A 67 -26.61 -6.59 43.35
CA ARG A 67 -27.05 -7.74 42.56
C ARG A 67 -25.84 -8.56 42.21
N ARG A 68 -25.94 -9.88 42.41
CA ARG A 68 -24.84 -10.79 42.11
C ARG A 68 -25.08 -11.55 40.79
N TYR A 69 -24.02 -11.76 40.01
CA TYR A 69 -24.11 -12.45 38.73
C TYR A 69 -23.02 -13.49 38.64
N LEU A 70 -23.36 -14.65 38.11
CA LEU A 70 -22.37 -15.69 37.87
C LEU A 70 -21.72 -15.31 36.54
N ASP A 71 -20.41 -15.01 36.53
CA ASP A 71 -19.75 -14.61 35.28
C ASP A 71 -19.21 -15.84 34.56
N ALA A 72 -20.04 -16.38 33.68
CA ALA A 72 -19.71 -17.59 32.95
C ALA A 72 -18.77 -17.33 31.78
N ASN A 73 -18.31 -16.07 31.64
CA ASN A 73 -17.32 -15.72 30.61
C ASN A 73 -15.97 -15.43 31.22
N SER A 74 -15.82 -15.59 32.56
CA SER A 74 -14.56 -15.26 33.28
C SER A 74 -14.15 -13.79 32.98
N GLY A 75 -15.15 -12.89 32.89
CA GLY A 75 -14.92 -11.50 32.49
C GLY A 75 -14.79 -11.52 30.99
N LEU A 76 -13.57 -11.53 30.48
CA LEU A 76 -13.32 -11.64 29.02
C LEU A 76 -12.40 -12.86 28.76
N PHE A 77 -12.83 -14.04 29.25
CA PHE A 77 -12.12 -15.35 29.19
C PHE A 77 -10.90 -15.40 30.12
N ASN A 78 -10.52 -14.27 30.72
CA ASN A 78 -9.27 -14.17 31.46
C ASN A 78 -9.26 -14.45 32.94
N MET A 79 -10.38 -14.23 33.63
CA MET A 79 -10.38 -14.40 35.12
C MET A 79 -10.65 -15.82 35.57
N VAL A 80 -9.74 -16.70 35.18
CA VAL A 80 -9.79 -18.15 35.39
C VAL A 80 -9.79 -18.60 36.85
N ALA A 81 -9.23 -17.78 37.75
CA ALA A 81 -9.19 -18.10 39.18
C ALA A 81 -10.30 -17.32 39.92
N GLY A 82 -11.25 -16.78 39.18
CA GLY A 82 -12.34 -16.01 39.78
C GLY A 82 -11.98 -14.59 40.14
N PHE A 83 -12.86 -13.96 40.89
CA PHE A 83 -12.79 -12.52 41.18
C PHE A 83 -12.24 -12.08 42.52
N ASP A 84 -11.88 -13.00 43.39
CA ASP A 84 -11.36 -12.63 44.71
C ASP A 84 -10.29 -13.61 45.20
N HIS A 85 -9.55 -14.27 44.26
CA HIS A 85 -8.54 -15.29 44.61
C HIS A 85 -7.50 -14.75 45.58
N LYS A 86 -7.48 -15.30 46.80
CA LYS A 86 -6.60 -14.82 47.86
C LYS A 86 -5.11 -14.93 47.56
N GLY A 87 -4.67 -16.07 47.02
CA GLY A 87 -3.26 -16.29 46.69
C GLY A 87 -2.76 -15.25 45.70
N LEU A 88 -3.55 -15.01 44.64
CA LEU A 88 -3.21 -14.00 43.65
C LEU A 88 -3.27 -12.60 44.21
N ILE A 89 -4.27 -12.29 45.06
CA ILE A 89 -4.32 -10.96 45.69
C ILE A 89 -3.03 -10.74 46.51
N ASP A 90 -2.66 -11.77 47.31
CA ASP A 90 -1.47 -11.70 48.17
C ASP A 90 -0.19 -11.52 47.38
N ALA A 91 -0.06 -12.22 46.22
CA ALA A 91 1.14 -12.15 45.39
C ALA A 91 1.28 -10.74 44.79
N ALA A 92 0.16 -10.16 44.35
CA ALA A 92 0.16 -8.81 43.78
C ALA A 92 0.57 -7.81 44.85
N LYS A 93 -0.04 -7.92 46.06
CA LYS A 93 0.28 -7.00 47.17
C LYS A 93 1.77 -7.11 47.54
N ALA A 94 2.29 -8.36 47.60
CA ALA A 94 3.71 -8.60 47.97
C ALA A 94 4.68 -7.94 46.99
N GLN A 95 4.34 -7.95 45.68
CA GLN A 95 5.24 -7.32 44.70
C GLN A 95 5.16 -5.80 44.78
N TYR A 96 3.97 -5.18 45.03
CA TYR A 96 3.91 -3.72 45.20
C TYR A 96 4.78 -3.32 46.39
N GLU A 97 4.74 -4.10 47.47
CA GLU A 97 5.59 -3.83 48.65
C GLU A 97 7.07 -3.97 48.32
N ARG A 98 7.41 -4.92 47.43
CA ARG A 98 8.80 -5.19 47.08
C ARG A 98 9.38 -4.20 46.07
N PHE A 99 8.75 -4.09 44.88
CA PHE A 99 9.25 -3.24 43.78
C PHE A 99 8.08 -2.99 42.85
N PRO A 100 7.42 -1.82 42.99
CA PRO A 100 6.12 -1.58 42.30
C PRO A 100 6.09 -1.21 40.83
N GLY A 101 7.27 -1.03 40.24
CA GLY A 101 7.31 -0.67 38.84
C GLY A 101 8.71 -0.48 38.32
N TYR A 102 8.88 -0.88 37.07
CA TYR A 102 10.12 -0.73 36.30
C TYR A 102 9.82 -1.12 34.85
N HIS A 103 10.85 -1.09 34.03
CA HIS A 103 10.79 -1.41 32.63
C HIS A 103 11.73 -2.55 32.33
N ALA A 104 11.85 -2.93 31.05
CA ALA A 104 12.76 -4.03 30.69
C ALA A 104 13.44 -3.66 29.37
N ALA A 105 14.02 -2.44 29.32
CA ALA A 105 14.64 -1.90 28.12
C ALA A 105 15.98 -1.29 28.48
N PHE A 106 16.79 -0.93 27.46
CA PHE A 106 18.11 -0.30 27.61
C PHE A 106 19.05 -1.11 28.52
N GLY A 107 19.01 -2.44 28.35
CA GLY A 107 19.86 -3.35 29.11
C GLY A 107 19.55 -3.54 30.57
N LYS A 108 18.32 -3.22 30.97
CA LYS A 108 17.89 -3.38 32.37
C LYS A 108 16.58 -4.14 32.39
N MET A 109 16.26 -4.77 33.52
CA MET A 109 15.01 -5.49 33.81
C MET A 109 14.96 -5.90 35.26
N SER A 110 13.76 -6.26 35.77
CA SER A 110 13.65 -6.70 37.15
C SER A 110 14.01 -8.17 37.28
N ASP A 111 14.28 -8.60 38.51
CA ASP A 111 14.50 -10.00 38.82
C ASP A 111 13.24 -10.82 38.45
N GLN A 112 12.03 -10.23 38.66
CA GLN A 112 10.74 -10.87 38.36
C GLN A 112 10.62 -11.17 36.87
N THR A 113 11.14 -10.24 36.04
CA THR A 113 11.16 -10.36 34.58
C THR A 113 12.00 -11.57 34.15
N VAL A 114 13.22 -11.68 34.71
CA VAL A 114 14.13 -12.81 34.43
C VAL A 114 13.43 -14.11 34.81
N MET A 115 12.82 -14.14 36.02
CA MET A 115 12.17 -15.36 36.48
C MET A 115 11.01 -15.79 35.60
N LEU A 116 10.19 -14.82 35.17
CA LEU A 116 9.07 -15.14 34.28
C LEU A 116 9.51 -15.65 32.91
N SER A 117 10.58 -15.10 32.33
CA SER A 117 11.07 -15.55 31.00
C SER A 117 11.53 -16.98 31.09
N GLU A 118 12.28 -17.29 32.17
CA GLU A 118 12.75 -18.65 32.44
C GLU A 118 11.54 -19.59 32.62
N LYS A 119 10.52 -19.17 33.39
CA LYS A 119 9.32 -19.99 33.61
C LYS A 119 8.54 -20.21 32.33
N LEU A 120 8.37 -19.17 31.50
CA LEU A 120 7.59 -19.29 30.26
C LEU A 120 8.23 -20.25 29.26
N VAL A 121 9.56 -20.21 29.14
CA VAL A 121 10.27 -21.15 28.28
C VAL A 121 10.07 -22.58 28.79
N GLU A 122 10.20 -22.78 30.13
CA GLU A 122 9.99 -24.09 30.78
C GLU A 122 8.58 -24.66 30.49
N VAL A 123 7.54 -23.86 30.71
CA VAL A 123 6.14 -24.31 30.57
C VAL A 123 5.67 -24.36 29.11
N SER A 124 6.35 -23.64 28.22
CA SER A 124 6.06 -23.70 26.78
C SER A 124 6.45 -25.11 26.28
N PRO A 125 5.93 -25.55 25.11
CA PRO A 125 6.37 -26.85 24.56
C PRO A 125 7.79 -26.81 23.98
N PHE A 126 8.48 -25.66 24.02
CA PHE A 126 9.83 -25.55 23.51
C PHE A 126 10.84 -25.96 24.57
N ASP A 127 11.94 -26.59 24.12
CA ASP A 127 13.07 -27.00 24.99
C ASP A 127 13.92 -25.77 25.36
N SER A 128 13.93 -24.73 24.50
CA SER A 128 14.68 -23.49 24.68
C SER A 128 13.96 -22.38 23.90
N GLY A 129 14.31 -21.14 24.18
CA GLY A 129 13.65 -20.03 23.50
C GLY A 129 13.85 -18.70 24.18
N ARG A 130 13.15 -17.68 23.68
CA ARG A 130 13.26 -16.30 24.18
C ARG A 130 11.91 -15.70 24.32
N VAL A 131 11.75 -14.81 25.30
CA VAL A 131 10.48 -14.16 25.57
C VAL A 131 10.60 -12.62 25.41
N PHE A 132 9.58 -12.03 24.82
CA PHE A 132 9.44 -10.59 24.66
C PHE A 132 8.07 -10.23 25.27
N TYR A 133 8.01 -9.18 26.08
CA TYR A 133 6.79 -8.79 26.75
C TYR A 133 6.08 -7.61 26.15
N THR A 134 4.75 -7.60 26.34
CA THR A 134 3.86 -6.51 25.96
C THR A 134 2.83 -6.40 27.11
N ASN A 135 1.86 -5.50 26.96
CA ASN A 135 0.78 -5.41 27.93
C ASN A 135 -0.40 -6.24 27.45
N SER A 136 -0.52 -6.43 26.15
CA SER A 136 -1.74 -7.09 25.66
C SER A 136 -1.46 -8.07 24.58
N GLY A 137 -2.45 -8.90 24.28
CA GLY A 137 -2.43 -9.85 23.17
C GLY A 137 -2.35 -9.13 21.83
N SER A 138 -3.04 -7.97 21.67
CA SER A 138 -3.03 -7.14 20.45
C SER A 138 -1.59 -6.66 20.20
N GLU A 139 -0.94 -6.07 21.23
CA GLU A 139 0.47 -5.63 21.10
C GLU A 139 1.38 -6.83 20.81
N ALA A 140 1.12 -7.99 21.43
CA ALA A 140 1.97 -9.16 21.19
C ALA A 140 1.86 -9.69 19.75
N ASN A 141 0.66 -9.65 19.14
CA ASN A 141 0.52 -10.06 17.74
C ASN A 141 1.13 -9.01 16.83
N ASP A 142 0.92 -7.73 17.16
CA ASP A 142 1.53 -6.60 16.39
C ASP A 142 3.06 -6.74 16.46
N THR A 143 3.60 -7.11 17.66
CA THR A 143 5.05 -7.35 17.88
C THR A 143 5.57 -8.52 17.05
N MET A 144 4.84 -9.65 17.07
CA MET A 144 5.26 -10.82 16.32
C MET A 144 5.29 -10.48 14.83
N VAL A 145 4.31 -9.68 14.34
CA VAL A 145 4.32 -9.29 12.91
C VAL A 145 5.59 -8.45 12.60
N LYS A 146 5.89 -7.47 13.45
CA LYS A 146 7.08 -6.63 13.27
C LYS A 146 8.34 -7.46 13.31
N MET A 147 8.41 -8.47 14.23
CA MET A 147 9.56 -9.38 14.36
C MET A 147 9.78 -10.16 13.05
N LEU A 148 8.69 -10.62 12.40
CA LEU A 148 8.79 -11.34 11.12
C LEU A 148 9.27 -10.42 10.00
N TRP A 149 8.71 -9.19 9.95
CA TRP A 149 9.15 -8.20 8.94
C TRP A 149 10.66 -7.92 9.10
N PHE A 150 11.08 -7.75 10.37
CA PHE A 150 12.47 -7.46 10.74
C PHE A 150 13.40 -8.63 10.32
N LEU A 151 13.02 -9.85 10.72
CA LEU A 151 13.80 -11.07 10.45
C LEU A 151 13.95 -11.38 8.98
N HIS A 152 12.84 -11.40 8.24
CA HIS A 152 12.90 -11.69 6.80
C HIS A 152 13.72 -10.66 6.03
N ALA A 153 13.60 -9.35 6.38
CA ALA A 153 14.41 -8.31 5.72
C ALA A 153 15.89 -8.50 6.02
N ALA A 154 16.24 -8.82 7.29
CA ALA A 154 17.63 -9.06 7.70
C ALA A 154 18.23 -10.25 6.97
N GLU A 155 17.36 -11.22 6.59
CA GLU A 155 17.75 -12.43 5.87
C GLU A 155 17.78 -12.26 4.34
N GLY A 156 17.53 -11.04 3.86
CA GLY A 156 17.55 -10.73 2.43
C GLY A 156 16.23 -10.96 1.71
N LYS A 157 15.12 -11.07 2.46
CA LYS A 157 13.80 -11.25 1.86
C LYS A 157 12.85 -10.16 2.41
N PRO A 158 13.12 -8.86 2.16
CA PRO A 158 12.25 -7.81 2.72
C PRO A 158 10.83 -7.79 2.14
N GLN A 159 10.61 -8.48 1.00
CA GLN A 159 9.28 -8.60 0.37
C GLN A 159 8.37 -9.60 1.13
N LYS A 160 8.96 -10.39 2.04
CA LYS A 160 8.26 -11.41 2.84
C LYS A 160 7.50 -10.69 3.98
N ARG A 161 6.31 -10.16 3.64
CA ARG A 161 5.53 -9.31 4.55
C ARG A 161 4.08 -9.72 4.81
N LYS A 162 3.49 -10.49 3.89
CA LYS A 162 2.07 -10.88 4.01
C LYS A 162 1.82 -11.80 5.17
N ILE A 163 0.70 -11.56 5.86
CA ILE A 163 0.30 -12.32 7.05
C ILE A 163 -0.94 -13.14 6.74
N LEU A 164 -0.86 -14.42 6.98
CA LEU A 164 -1.99 -15.31 6.74
C LEU A 164 -2.70 -15.59 8.05
N THR A 165 -4.01 -15.35 8.08
CA THR A 165 -4.86 -15.69 9.23
C THR A 165 -6.12 -16.30 8.63
N ARG A 166 -7.12 -16.59 9.44
CA ARG A 166 -8.36 -17.19 8.95
C ARG A 166 -9.50 -16.25 9.22
N TRP A 167 -10.53 -16.30 8.37
CA TRP A 167 -11.80 -15.60 8.57
C TRP A 167 -12.34 -16.10 9.94
N ASN A 168 -12.94 -15.20 10.73
CA ASN A 168 -13.47 -15.45 12.09
C ASN A 168 -12.37 -15.57 13.16
N ALA A 169 -11.10 -15.40 12.78
CA ALA A 169 -10.02 -15.38 13.78
C ALA A 169 -10.10 -14.04 14.52
N TYR A 170 -9.69 -14.03 15.79
CA TYR A 170 -9.60 -12.79 16.53
C TYR A 170 -8.18 -12.71 17.06
N HIS A 171 -7.43 -11.66 16.64
CA HIS A 171 -6.04 -11.48 17.03
C HIS A 171 -5.81 -10.16 17.77
N GLY A 172 -6.84 -9.32 17.83
CA GLY A 172 -6.70 -8.06 18.56
C GLY A 172 -7.27 -6.83 17.89
N ALA A 173 -6.97 -5.65 18.50
CA ALA A 173 -7.56 -4.38 18.10
C ALA A 173 -6.60 -3.26 17.68
N THR A 174 -5.26 -3.52 17.60
CA THR A 174 -4.40 -2.46 17.04
C THR A 174 -4.68 -2.51 15.52
N ALA A 175 -4.23 -1.54 14.71
CA ALA A 175 -4.51 -1.60 13.26
C ALA A 175 -4.04 -2.91 12.63
N VAL A 176 -2.85 -3.38 13.04
CA VAL A 176 -2.31 -4.64 12.52
C VAL A 176 -3.04 -5.88 13.05
N SER A 177 -3.26 -5.97 14.37
CA SER A 177 -3.94 -7.13 14.93
C SER A 177 -5.42 -7.18 14.56
N ALA A 178 -6.03 -6.01 14.29
CA ALA A 178 -7.39 -5.94 13.75
C ALA A 178 -7.42 -6.38 12.27
N SER A 179 -6.32 -6.11 11.53
CA SER A 179 -6.19 -6.52 10.12
C SER A 179 -6.05 -8.05 10.03
N MET A 180 -5.45 -8.66 11.08
CA MET A 180 -5.30 -10.12 11.18
C MET A 180 -6.63 -10.76 11.54
N THR A 181 -7.47 -10.03 12.30
CA THR A 181 -8.80 -10.45 12.74
C THR A 181 -9.66 -10.59 11.48
N GLY A 182 -10.47 -11.64 11.39
CA GLY A 182 -11.25 -11.89 10.17
C GLY A 182 -12.74 -11.68 10.33
N PHE A 183 -13.15 -10.41 10.55
CA PHE A 183 -14.57 -10.07 10.68
C PHE A 183 -14.95 -8.85 9.85
N PRO A 184 -16.17 -8.85 9.26
CA PRO A 184 -16.63 -7.70 8.47
C PRO A 184 -16.70 -6.42 9.26
N TYR A 185 -16.86 -6.46 10.62
CA TYR A 185 -16.96 -5.23 11.39
C TYR A 185 -15.75 -4.27 11.23
N ASN A 186 -14.57 -4.80 10.92
CA ASN A 186 -13.36 -3.97 10.74
C ASN A 186 -13.39 -3.07 9.49
N SER A 187 -14.40 -3.23 8.60
CA SER A 187 -14.57 -2.37 7.43
C SER A 187 -14.90 -0.94 7.89
N VAL A 188 -15.45 -0.77 9.12
CA VAL A 188 -15.78 0.58 9.64
C VAL A 188 -14.50 1.44 9.83
N PHE A 189 -13.32 0.78 9.87
CA PHE A 189 -12.03 1.42 10.07
C PHE A 189 -11.24 1.46 8.78
N GLY A 190 -11.81 0.91 7.72
CA GLY A 190 -11.12 0.79 6.43
C GLY A 190 -10.04 -0.27 6.52
N LEU A 191 -10.24 -1.24 7.42
CA LEU A 191 -9.33 -2.37 7.65
C LEU A 191 -9.92 -3.67 7.03
N PRO A 192 -9.10 -4.68 6.64
CA PRO A 192 -7.65 -4.80 6.89
C PRO A 192 -6.77 -3.92 6.04
N LEU A 193 -5.57 -3.65 6.56
CA LEU A 193 -4.52 -2.96 5.84
C LEU A 193 -4.12 -3.94 4.70
N PRO A 194 -3.45 -3.50 3.62
CA PRO A 194 -3.00 -4.44 2.59
C PRO A 194 -1.97 -5.44 3.17
N GLY A 195 -1.89 -6.62 2.58
CA GLY A 195 -0.95 -7.65 3.00
C GLY A 195 -1.47 -8.60 4.04
N PHE A 196 -2.75 -8.49 4.40
CA PHE A 196 -3.36 -9.35 5.43
C PHE A 196 -4.38 -10.24 4.74
N VAL A 197 -4.03 -11.51 4.60
CA VAL A 197 -4.80 -12.50 3.86
C VAL A 197 -5.61 -13.40 4.78
N HIS A 198 -6.93 -13.48 4.53
CA HIS A 198 -7.85 -14.29 5.33
C HIS A 198 -8.27 -15.56 4.61
N LEU A 199 -7.88 -16.70 5.18
CA LEU A 199 -8.20 -18.02 4.64
C LEU A 199 -9.59 -18.46 5.13
N THR A 200 -10.13 -19.52 4.54
CA THR A 200 -11.43 -20.02 5.01
C THR A 200 -11.35 -20.50 6.47
N CYS A 201 -12.38 -20.15 7.24
CA CYS A 201 -12.50 -20.59 8.62
C CYS A 201 -12.76 -22.11 8.62
N PRO A 202 -11.97 -22.92 9.37
CA PRO A 202 -12.22 -24.38 9.39
C PRO A 202 -13.40 -24.83 10.25
N HIS A 203 -14.55 -24.15 10.12
CA HIS A 203 -15.80 -24.46 10.83
C HIS A 203 -16.64 -25.23 9.83
N TYR A 204 -16.59 -26.57 9.93
CA TYR A 204 -17.29 -27.44 8.97
C TYR A 204 -18.82 -27.21 8.93
N TRP A 205 -19.47 -27.10 10.11
CA TRP A 205 -20.90 -26.88 10.19
C TRP A 205 -21.39 -25.65 9.38
N ARG A 206 -20.63 -24.56 9.43
CA ARG A 206 -20.98 -23.32 8.74
C ARG A 206 -20.45 -23.26 7.31
N TYR A 207 -19.16 -23.56 7.09
CA TYR A 207 -18.51 -23.38 5.78
C TYR A 207 -18.41 -24.58 4.84
N GLY A 208 -18.71 -25.77 5.35
CA GLY A 208 -18.74 -26.96 4.51
C GLY A 208 -19.89 -26.82 3.53
N GLU A 209 -19.65 -27.11 2.24
CA GLU A 209 -20.66 -26.95 1.21
C GLU A 209 -21.64 -28.12 1.15
N GLU A 210 -22.80 -27.93 0.48
CA GLU A 210 -23.80 -28.97 0.27
C GLU A 210 -23.14 -30.15 -0.44
N GLY A 211 -23.15 -31.31 0.21
CA GLY A 211 -22.55 -32.52 -0.35
C GLY A 211 -21.05 -32.67 -0.14
N GLU A 212 -20.46 -31.78 0.66
CA GLU A 212 -19.04 -31.82 0.94
C GLU A 212 -18.81 -32.48 2.31
N THR A 213 -17.98 -33.56 2.33
CA THR A 213 -17.69 -34.26 3.58
C THR A 213 -16.68 -33.44 4.38
N GLU A 214 -16.50 -33.79 5.66
CA GLU A 214 -15.54 -33.09 6.49
C GLU A 214 -14.11 -33.31 5.97
N GLU A 215 -13.84 -34.53 5.43
CA GLU A 215 -12.55 -34.91 4.82
C GLU A 215 -12.28 -34.03 3.58
N GLN A 216 -13.30 -33.85 2.71
CA GLN A 216 -13.20 -33.00 1.51
C GLN A 216 -13.03 -31.53 1.91
N PHE A 217 -13.74 -31.10 2.97
CA PHE A 217 -13.65 -29.72 3.48
C PHE A 217 -12.21 -29.41 3.88
N VAL A 218 -11.59 -30.33 4.64
CA VAL A 218 -10.20 -30.16 5.07
C VAL A 218 -9.25 -30.13 3.86
N ALA A 219 -9.47 -31.05 2.88
CA ALA A 219 -8.70 -31.11 1.63
C ALA A 219 -8.84 -29.79 0.82
N ARG A 220 -10.04 -29.19 0.85
CA ARG A 220 -10.31 -27.93 0.18
C ARG A 220 -9.53 -26.79 0.86
N LEU A 221 -9.48 -26.76 2.20
CA LEU A 221 -8.73 -25.71 2.91
C LEU A 221 -7.23 -25.81 2.66
N ALA A 222 -6.71 -27.04 2.55
CA ALA A 222 -5.29 -27.31 2.26
C ALA A 222 -4.97 -26.83 0.82
N ARG A 223 -5.90 -27.11 -0.14
CA ARG A 223 -5.79 -26.68 -1.53
C ARG A 223 -5.86 -25.15 -1.63
N GLU A 224 -6.80 -24.53 -0.89
CA GLU A 224 -6.98 -23.08 -0.88
C GLU A 224 -5.74 -22.36 -0.36
N LEU A 225 -5.07 -22.98 0.63
CA LEU A 225 -3.83 -22.45 1.21
C LEU A 225 -2.69 -22.50 0.16
N GLU A 226 -2.55 -23.66 -0.52
CA GLU A 226 -1.55 -23.85 -1.57
C GLU A 226 -1.77 -22.87 -2.72
N GLU A 227 -3.04 -22.68 -3.15
CA GLU A 227 -3.38 -21.74 -4.22
C GLU A 227 -3.08 -20.29 -3.80
N THR A 228 -3.31 -19.95 -2.53
CA THR A 228 -3.03 -18.64 -1.96
C THR A 228 -1.53 -18.36 -2.00
N ILE A 229 -0.70 -19.33 -1.60
CA ILE A 229 0.75 -19.22 -1.56
C ILE A 229 1.28 -19.04 -3.01
N GLN A 230 0.65 -19.76 -3.95
CA GLN A 230 1.01 -19.69 -5.36
C GLN A 230 0.63 -18.36 -5.99
N ARG A 231 -0.59 -17.84 -5.72
CA ARG A 231 -1.09 -16.58 -6.27
C ARG A 231 -0.42 -15.34 -5.65
N GLU A 232 -0.03 -15.43 -4.37
CA GLU A 232 0.65 -14.32 -3.69
C GLU A 232 2.18 -14.34 -3.95
N GLY A 233 2.76 -15.54 -3.98
CA GLY A 233 4.19 -15.77 -4.09
C GLY A 233 4.70 -16.13 -2.71
N ALA A 234 5.30 -17.33 -2.55
CA ALA A 234 5.80 -17.83 -1.26
C ALA A 234 6.78 -16.90 -0.60
N ASP A 235 7.64 -16.26 -1.41
CA ASP A 235 8.64 -15.29 -0.93
C ASP A 235 8.02 -13.99 -0.43
N THR A 236 6.68 -13.81 -0.60
CA THR A 236 6.01 -12.60 -0.12
C THR A 236 5.24 -12.83 1.19
N ILE A 237 5.22 -14.09 1.70
CA ILE A 237 4.49 -14.46 2.91
C ILE A 237 5.38 -14.55 4.15
N ALA A 238 5.13 -13.68 5.14
CA ALA A 238 5.92 -13.59 6.37
C ALA A 238 5.59 -14.62 7.44
N GLY A 239 4.33 -15.01 7.53
CA GLY A 239 3.92 -15.93 8.57
C GLY A 239 2.44 -16.26 8.54
N PHE A 240 2.11 -17.31 9.28
CA PHE A 240 0.78 -17.81 9.46
C PHE A 240 0.50 -17.82 10.96
N PHE A 241 -0.66 -17.27 11.35
CA PHE A 241 -1.07 -17.25 12.74
C PHE A 241 -2.37 -18.02 12.86
N ALA A 242 -2.50 -18.80 13.93
CA ALA A 242 -3.74 -19.51 14.22
C ALA A 242 -3.97 -19.67 15.68
N GLU A 243 -5.23 -19.43 16.09
CA GLU A 243 -5.71 -19.78 17.41
C GLU A 243 -6.00 -21.28 17.23
N PRO A 244 -5.47 -22.19 18.07
CA PRO A 244 -5.80 -23.63 17.90
C PRO A 244 -7.32 -23.87 17.92
N VAL A 245 -8.03 -23.23 18.87
CA VAL A 245 -9.48 -23.18 18.92
C VAL A 245 -9.77 -21.66 18.82
N MET A 246 -10.60 -21.25 17.87
CA MET A 246 -10.99 -19.84 17.75
C MET A 246 -11.87 -19.51 18.92
N GLY A 247 -11.45 -18.52 19.69
CA GLY A 247 -12.13 -18.12 20.92
C GLY A 247 -13.18 -17.05 20.76
N ALA A 248 -12.74 -15.78 20.66
CA ALA A 248 -13.62 -14.62 20.55
C ALA A 248 -14.46 -14.65 19.27
N GLY A 249 -14.01 -15.44 18.30
CA GLY A 249 -14.71 -15.70 17.05
C GLY A 249 -15.91 -16.62 17.19
N GLY A 250 -16.17 -17.12 18.41
CA GLY A 250 -17.34 -17.94 18.68
C GLY A 250 -17.11 -19.36 19.11
N VAL A 251 -15.92 -19.67 19.67
CA VAL A 251 -15.54 -21.02 20.12
C VAL A 251 -15.63 -22.03 18.95
N ILE A 252 -14.59 -22.03 18.12
CA ILE A 252 -14.59 -22.84 16.92
C ILE A 252 -13.43 -23.82 16.89
N PRO A 253 -13.65 -25.06 17.37
CA PRO A 253 -12.58 -26.08 17.26
C PRO A 253 -12.45 -26.39 15.78
N PRO A 254 -11.25 -26.59 15.25
CA PRO A 254 -11.13 -26.80 13.80
C PRO A 254 -11.63 -28.15 13.33
N ALA A 255 -12.02 -28.25 12.05
CA ALA A 255 -12.46 -29.49 11.43
C ALA A 255 -11.38 -30.58 11.64
N LYS A 256 -11.80 -31.82 11.86
CA LYS A 256 -10.91 -32.96 12.09
C LYS A 256 -9.80 -33.05 11.03
N GLY A 257 -8.55 -33.12 11.47
CA GLY A 257 -7.39 -33.23 10.59
C GLY A 257 -6.89 -31.93 9.98
N TYR A 258 -7.46 -30.79 10.40
CA TYR A 258 -7.08 -29.48 9.88
C TYR A 258 -5.58 -29.19 9.95
N PHE A 259 -4.99 -29.22 11.15
CA PHE A 259 -3.58 -28.88 11.31
C PHE A 259 -2.65 -29.87 10.66
N GLN A 260 -3.03 -31.16 10.63
CA GLN A 260 -2.23 -32.21 10.00
C GLN A 260 -2.17 -32.00 8.48
N ALA A 261 -3.19 -31.36 7.90
CA ALA A 261 -3.24 -31.08 6.47
C ALA A 261 -2.56 -29.75 6.12
N ILE A 262 -2.70 -28.73 6.99
CA ILE A 262 -2.16 -27.42 6.65
C ILE A 262 -0.71 -27.20 7.00
N LEU A 263 -0.26 -27.70 8.16
CA LEU A 263 1.12 -27.50 8.61
C LEU A 263 2.20 -28.00 7.63
N PRO A 264 2.09 -29.18 6.97
CA PRO A 264 3.13 -29.58 6.00
C PRO A 264 3.27 -28.63 4.82
N ILE A 265 2.16 -27.96 4.41
CA ILE A 265 2.14 -26.98 3.32
C ILE A 265 2.92 -25.74 3.75
N LEU A 266 2.72 -25.31 5.03
CA LEU A 266 3.43 -24.15 5.56
C LEU A 266 4.95 -24.39 5.70
N ARG A 267 5.32 -25.59 6.19
CA ARG A 267 6.70 -25.99 6.36
C ARG A 267 7.42 -26.12 5.01
N LYS A 268 6.71 -26.63 3.98
CA LYS A 268 7.23 -26.79 2.61
C LYS A 268 7.65 -25.44 2.04
N TYR A 269 6.84 -24.38 2.26
CA TYR A 269 7.11 -23.05 1.75
C TYR A 269 7.85 -22.13 2.72
N ASP A 270 8.42 -22.70 3.80
CA ASP A 270 9.17 -21.95 4.83
C ASP A 270 8.37 -20.73 5.38
N ILE A 271 7.13 -20.96 5.80
CA ILE A 271 6.28 -19.92 6.34
C ILE A 271 6.15 -20.18 7.84
N PRO A 272 6.71 -19.28 8.68
CA PRO A 272 6.65 -19.47 10.14
C PRO A 272 5.23 -19.66 10.65
N VAL A 273 5.08 -20.56 11.62
CA VAL A 273 3.79 -20.93 12.20
C VAL A 273 3.70 -20.35 13.60
N ILE A 274 2.69 -19.50 13.82
CA ILE A 274 2.52 -18.88 15.12
C ILE A 274 1.24 -19.37 15.74
N SER A 275 1.32 -19.93 16.96
CA SER A 275 0.10 -20.32 17.66
C SER A 275 -0.32 -19.18 18.55
N ASP A 276 -1.50 -18.61 18.27
CA ASP A 276 -2.01 -17.53 19.11
C ASP A 276 -2.73 -18.25 20.28
N GLU A 277 -2.07 -18.28 21.43
CA GLU A 277 -2.53 -18.97 22.63
C GLU A 277 -3.13 -17.99 23.64
N VAL A 278 -3.56 -16.80 23.20
CA VAL A 278 -4.13 -15.79 24.10
C VAL A 278 -5.34 -16.33 24.90
N VAL A 279 -6.21 -17.10 24.24
CA VAL A 279 -7.33 -17.76 24.93
C VAL A 279 -6.98 -19.21 25.37
N CYS A 280 -6.38 -20.01 24.48
CA CYS A 280 -6.10 -21.44 24.75
C CYS A 280 -4.93 -21.66 25.70
N GLY A 281 -4.09 -20.65 25.89
CA GLY A 281 -2.94 -20.79 26.76
C GLY A 281 -3.33 -21.02 28.20
N PHE A 282 -2.62 -21.88 28.87
CA PHE A 282 -2.85 -22.17 30.28
C PHE A 282 -4.16 -22.82 30.65
N GLY A 283 -4.55 -23.85 29.92
CA GLY A 283 -5.61 -24.74 30.37
C GLY A 283 -7.01 -24.79 29.83
N ARG A 284 -7.51 -23.76 29.13
CA ARG A 284 -8.91 -23.82 28.69
C ARG A 284 -9.34 -24.99 27.79
N THR A 285 -8.43 -25.50 26.93
CA THR A 285 -8.76 -26.65 26.06
C THR A 285 -8.50 -28.04 26.71
N GLY A 286 -8.09 -28.07 27.98
CA GLY A 286 -7.79 -29.33 28.67
C GLY A 286 -6.31 -29.68 28.70
N ASN A 287 -5.46 -28.81 28.15
CA ASN A 287 -4.01 -28.96 28.17
C ASN A 287 -3.41 -27.60 28.42
N THR A 288 -2.12 -27.54 28.77
CA THR A 288 -1.44 -26.27 29.02
C THR A 288 -1.49 -25.37 27.78
N TRP A 289 -1.47 -25.96 26.58
CA TRP A 289 -1.54 -25.17 25.34
C TRP A 289 -2.50 -25.81 24.36
N GLY A 290 -3.19 -24.97 23.59
CA GLY A 290 -4.08 -25.48 22.53
C GLY A 290 -3.29 -26.23 21.47
N CYS A 291 -2.02 -25.81 21.21
CA CYS A 291 -1.17 -26.50 20.23
C CYS A 291 -0.79 -27.91 20.72
N VAL A 292 -0.77 -28.11 22.05
CA VAL A 292 -0.56 -29.46 22.61
C VAL A 292 -1.86 -30.27 22.38
N THR A 293 -3.05 -29.66 22.68
CA THR A 293 -4.35 -30.33 22.46
C THR A 293 -4.48 -30.80 21.01
N TYR A 294 -4.05 -29.94 20.06
CA TYR A 294 -4.10 -30.21 18.62
C TYR A 294 -2.83 -30.82 18.04
N ASP A 295 -1.90 -31.26 18.91
CA ASP A 295 -0.70 -32.02 18.56
C ASP A 295 0.19 -31.40 17.46
N PHE A 296 0.51 -30.12 17.60
CA PHE A 296 1.42 -29.50 16.65
C PHE A 296 2.38 -28.63 17.42
N THR A 297 3.59 -28.46 16.91
CA THR A 297 4.60 -27.62 17.54
C THR A 297 4.76 -26.37 16.67
N PRO A 298 4.40 -25.17 17.17
CA PRO A 298 4.58 -23.96 16.36
C PRO A 298 6.00 -23.43 16.47
N ASP A 299 6.31 -22.37 15.74
CA ASP A 299 7.63 -21.70 15.79
C ASP A 299 7.65 -20.64 16.91
N ALA A 300 6.45 -20.15 17.28
CA ALA A 300 6.26 -19.15 18.33
C ALA A 300 4.87 -19.24 18.92
N ILE A 301 4.73 -18.69 20.13
CA ILE A 301 3.46 -18.66 20.86
C ILE A 301 3.17 -17.25 21.32
N ILE A 302 1.88 -16.85 21.22
CA ILE A 302 1.40 -15.56 21.72
C ILE A 302 0.58 -15.89 22.94
N SER A 303 0.89 -15.25 24.05
CA SER A 303 0.17 -15.51 25.30
C SER A 303 -0.29 -14.21 25.92
N SER A 304 -1.48 -14.22 26.54
CA SER A 304 -2.01 -13.07 27.28
C SER A 304 -3.21 -13.59 28.09
N1 LLP A 305 -5.61 -12.81 20.41
C2 LLP A 305 -6.67 -13.56 20.83
C2' LLP A 305 -6.85 -15.03 20.38
C3 LLP A 305 -7.56 -13.05 21.80
O3 LLP A 305 -8.57 -13.82 22.22
C4 LLP A 305 -7.44 -11.72 22.34
C4' LLP A 305 -8.44 -11.20 23.47
C5 LLP A 305 -6.32 -10.95 21.78
C6 LLP A 305 -5.44 -11.51 20.86
C5' LLP A 305 -6.07 -9.52 22.20
OP4 LLP A 305 -5.68 -9.46 23.57
P LLP A 305 -5.97 -8.05 24.10
OP1 LLP A 305 -7.48 -7.80 24.06
OP2 LLP A 305 -5.36 -8.05 25.44
OP3 LLP A 305 -5.29 -7.05 23.25
N LLP A 305 -4.19 -12.73 28.43
CA LLP A 305 -5.40 -13.13 29.14
CB LLP A 305 -6.32 -13.86 28.12
CG LLP A 305 -7.18 -12.80 27.33
CD LLP A 305 -8.41 -13.39 26.63
CE LLP A 305 -9.11 -12.23 25.81
NZ LLP A 305 -8.69 -12.43 24.38
C LLP A 305 -5.13 -13.88 30.44
O LLP A 305 -4.69 -13.26 31.41
N ASN A 306 -5.25 -15.23 30.42
CA ASN A 306 -5.04 -16.08 31.63
C ASN A 306 -3.65 -16.03 32.16
N LEU A 307 -2.68 -15.56 31.35
CA LEU A 307 -1.28 -15.41 31.76
C LEU A 307 -1.20 -14.80 33.19
N THR A 308 -2.06 -13.83 33.52
CA THR A 308 -2.10 -13.22 34.85
C THR A 308 -3.42 -13.46 35.56
N ALA A 309 -4.27 -14.37 35.01
CA ALA A 309 -5.63 -14.61 35.55
C ALA A 309 -6.43 -13.28 35.62
N GLY A 310 -6.11 -12.35 34.71
CA GLY A 310 -6.77 -11.05 34.63
C GLY A 310 -6.38 -10.03 35.68
N PHE A 311 -5.40 -10.35 36.53
CA PHE A 311 -4.97 -9.45 37.62
C PHE A 311 -4.04 -8.34 37.15
N PHE A 312 -3.46 -8.45 35.94
CA PHE A 312 -2.52 -7.41 35.46
C PHE A 312 -2.44 -7.52 33.94
N PRO A 313 -2.29 -6.40 33.21
CA PRO A 313 -2.16 -6.52 31.76
C PRO A 313 -0.76 -6.96 31.35
N MET A 314 -0.69 -8.21 30.85
CA MET A 314 0.56 -8.76 30.33
C MET A 314 0.27 -9.47 29.04
N GLY A 315 1.23 -9.39 28.13
CA GLY A 315 1.24 -10.21 26.93
C GLY A 315 2.66 -10.71 26.76
N ALA A 316 2.82 -11.83 26.05
CA ALA A 316 4.16 -12.34 25.82
C ALA A 316 4.28 -13.02 24.48
N VAL A 317 5.40 -12.82 23.84
CA VAL A 317 5.77 -13.52 22.60
C VAL A 317 6.83 -14.52 23.05
N ILE A 318 6.53 -15.78 22.85
CA ILE A 318 7.48 -16.81 23.30
C ILE A 318 8.11 -17.37 22.04
N LEU A 319 9.29 -17.20 21.68
CA LEU A 319 9.91 -17.67 20.44
C LEU A 319 10.59 -19.00 20.65
N GLY A 320 10.29 -19.97 19.78
CA GLY A 320 10.89 -21.29 19.81
C GLY A 320 12.37 -21.24 19.48
N PRO A 321 13.09 -22.37 19.53
CA PRO A 321 14.55 -22.32 19.27
C PRO A 321 14.99 -21.75 17.92
N GLU A 322 14.28 -22.12 16.83
CA GLU A 322 14.60 -21.72 15.46
C GLU A 322 14.42 -20.21 15.25
N LEU A 323 13.24 -19.66 15.60
CA LEU A 323 13.03 -18.21 15.44
C LEU A 323 13.90 -17.40 16.41
N SER A 324 14.17 -17.93 17.63
CA SER A 324 15.03 -17.26 18.60
C SER A 324 16.42 -17.05 18.02
N LYS A 325 17.03 -18.14 17.52
CA LYS A 325 18.35 -18.11 16.91
C LYS A 325 18.40 -17.17 15.70
N ARG A 326 17.39 -17.25 14.82
CA ARG A 326 17.32 -16.39 13.64
C ARG A 326 17.14 -14.92 13.98
N LEU A 327 16.27 -14.61 14.96
CA LEU A 327 16.08 -13.22 15.38
C LEU A 327 17.32 -12.69 16.09
N GLU A 328 17.95 -13.53 16.95
CA GLU A 328 19.18 -13.18 17.68
C GLU A 328 20.28 -12.76 16.70
N THR A 329 20.52 -13.56 15.63
CA THR A 329 21.51 -13.26 14.58
C THR A 329 21.22 -11.90 13.93
N ALA A 330 19.95 -11.69 13.52
CA ALA A 330 19.46 -10.47 12.89
C ALA A 330 19.64 -9.27 13.82
N ILE A 331 19.27 -9.43 15.12
CA ILE A 331 19.42 -8.34 16.09
C ILE A 331 20.90 -7.99 16.31
N GLU A 332 21.75 -9.03 16.41
CA GLU A 332 23.20 -8.83 16.59
C GLU A 332 23.80 -8.02 15.44
N ALA A 333 23.38 -8.29 14.18
CA ALA A 333 23.87 -7.59 12.98
C ALA A 333 23.50 -6.10 12.96
N ILE A 334 22.27 -5.73 13.38
CA ILE A 334 21.92 -4.31 13.43
C ILE A 334 22.24 -3.64 14.76
N GLU A 335 22.57 -4.46 15.79
CA GLU A 335 23.03 -4.07 17.14
C GLU A 335 21.96 -3.66 18.14
N GLU A 336 20.69 -3.62 17.70
CA GLU A 336 19.55 -3.26 18.54
C GLU A 336 18.25 -3.76 17.90
N PHE A 337 17.24 -3.98 18.73
CA PHE A 337 15.91 -4.32 18.27
C PHE A 337 15.10 -3.07 18.69
N PRO A 338 14.82 -2.13 17.75
CA PRO A 338 14.14 -0.89 18.14
C PRO A 338 12.64 -1.03 18.32
N HIS A 339 12.24 -1.75 19.37
CA HIS A 339 10.84 -2.03 19.67
C HIS A 339 10.64 -2.34 21.15
N GLY A 340 9.50 -1.92 21.69
CA GLY A 340 9.16 -2.18 23.08
C GLY A 340 8.12 -1.20 23.58
N PHE A 341 7.53 -1.51 24.73
CA PHE A 341 6.49 -0.70 25.33
C PHE A 341 6.95 -0.32 26.72
N THR A 342 6.59 0.88 27.19
CA THR A 342 7.00 1.35 28.52
C THR A 342 6.90 0.27 29.62
N ALA A 343 5.72 -0.38 29.74
CA ALA A 343 5.49 -1.37 30.81
C ALA A 343 5.89 -2.80 30.46
N SER A 344 6.46 -3.04 29.28
CA SER A 344 6.93 -4.40 28.92
C SER A 344 7.83 -4.92 30.03
N GLY A 345 7.53 -6.11 30.54
CA GLY A 345 8.33 -6.77 31.58
C GLY A 345 8.18 -6.15 32.95
N HIS A 346 7.06 -5.43 33.18
CA HIS A 346 6.76 -4.78 34.47
C HIS A 346 6.95 -5.80 35.63
N PRO A 347 7.66 -5.44 36.73
CA PRO A 347 7.90 -6.43 37.81
C PRO A 347 6.65 -6.96 38.48
N VAL A 348 5.58 -6.11 38.59
CA VAL A 348 4.32 -6.52 39.19
C VAL A 348 3.61 -7.54 38.31
N GLY A 349 3.48 -7.23 37.03
CA GLY A 349 2.90 -8.15 36.06
C GLY A 349 3.64 -9.47 36.04
N CYS A 350 4.97 -9.44 36.09
CA CYS A 350 5.82 -10.66 36.09
C CYS A 350 5.63 -11.52 37.34
N ALA A 351 5.63 -10.89 38.53
CA ALA A 351 5.37 -11.62 39.78
C ALA A 351 3.93 -12.23 39.77
N ILE A 352 2.94 -11.47 39.28
CA ILE A 352 1.56 -11.95 39.21
C ILE A 352 1.45 -13.14 38.25
N ALA A 353 2.09 -13.04 37.07
CA ALA A 353 2.05 -14.15 36.12
C ALA A 353 2.66 -15.40 36.69
N LEU A 354 3.80 -15.29 37.41
CA LEU A 354 4.46 -16.44 38.03
C LEU A 354 3.49 -17.12 38.99
N LYS A 355 2.73 -16.33 39.75
CA LYS A 355 1.73 -16.90 40.67
C LYS A 355 0.55 -17.50 39.88
N ALA A 356 0.00 -16.79 38.86
CA ALA A 356 -1.12 -17.32 38.06
C ALA A 356 -0.79 -18.68 37.42
N ILE A 357 0.42 -18.81 36.87
CA ILE A 357 0.87 -20.06 36.24
C ILE A 357 0.89 -21.18 37.27
N ASP A 358 1.46 -20.90 38.46
CA ASP A 358 1.50 -21.87 39.56
C ASP A 358 0.10 -22.27 40.04
N VAL A 359 -0.80 -21.28 40.21
CA VAL A 359 -2.17 -21.52 40.66
C VAL A 359 -2.90 -22.44 39.65
N VAL A 360 -2.81 -22.11 38.37
CA VAL A 360 -3.53 -22.87 37.35
C VAL A 360 -2.97 -24.29 37.19
N MET A 361 -1.65 -24.39 37.05
CA MET A 361 -1.02 -25.67 36.81
C MET A 361 -0.90 -26.57 38.03
N ASN A 362 -0.68 -25.97 39.22
CA ASN A 362 -0.40 -26.78 40.42
C ASN A 362 -1.41 -26.75 41.55
N GLU A 363 -2.44 -25.90 41.48
CA GLU A 363 -3.47 -25.82 42.52
C GLU A 363 -4.82 -26.42 42.10
N GLY A 364 -4.81 -27.20 41.03
CA GLY A 364 -5.99 -27.96 40.61
C GLY A 364 -6.96 -27.34 39.62
N LEU A 365 -6.74 -26.08 39.21
CA LEU A 365 -7.64 -25.37 38.29
C LEU A 365 -7.61 -25.99 36.92
N ALA A 366 -6.40 -26.22 36.35
CA ALA A 366 -6.30 -26.87 35.04
C ALA A 366 -6.90 -28.27 35.09
N GLU A 367 -6.68 -29.00 36.21
CA GLU A 367 -7.23 -30.35 36.39
C GLU A 367 -8.77 -30.32 36.47
N ASN A 368 -9.32 -29.28 37.13
CA ASN A 368 -10.77 -29.12 37.24
C ASN A 368 -11.43 -28.97 35.86
N VAL A 369 -10.79 -28.25 34.93
CA VAL A 369 -11.34 -28.16 33.58
C VAL A 369 -11.43 -29.55 32.94
N ARG A 370 -10.39 -30.41 33.12
CA ARG A 370 -10.38 -31.78 32.58
C ARG A 370 -11.44 -32.61 33.24
N ARG A 371 -11.60 -32.47 34.57
CA ARG A 371 -12.56 -33.21 35.38
C ARG A 371 -14.01 -32.92 34.98
N LEU A 372 -14.34 -31.62 34.85
CA LEU A 372 -15.69 -31.16 34.56
C LEU A 372 -16.08 -31.01 33.07
N ALA A 373 -15.11 -31.07 32.14
CA ALA A 373 -15.45 -30.98 30.68
C ALA A 373 -16.48 -32.03 30.21
N PRO A 374 -16.41 -33.33 30.60
CA PRO A 374 -17.45 -34.29 30.17
C PRO A 374 -18.87 -33.89 30.58
N ARG A 375 -19.07 -33.45 31.86
CA ARG A 375 -20.36 -33.01 32.41
C ARG A 375 -20.85 -31.78 31.63
N PHE A 376 -19.93 -30.86 31.31
CA PHE A 376 -20.18 -29.65 30.52
C PHE A 376 -20.73 -30.05 29.13
N GLU A 377 -20.02 -30.94 28.42
CA GLU A 377 -20.44 -31.41 27.09
C GLU A 377 -21.77 -32.18 27.15
N GLU A 378 -21.95 -33.07 28.16
CA GLU A 378 -23.16 -33.86 28.34
C GLU A 378 -24.39 -32.92 28.39
N ARG A 379 -24.33 -31.84 29.23
CA ARG A 379 -25.43 -30.90 29.35
C ARG A 379 -25.67 -30.15 28.05
N LEU A 380 -24.61 -29.73 27.35
CA LEU A 380 -24.77 -29.03 26.06
C LEU A 380 -25.40 -29.91 25.00
N LYS A 381 -25.06 -31.21 25.01
CA LYS A 381 -25.63 -32.20 24.07
C LYS A 381 -27.15 -32.26 24.30
N HIS A 382 -27.60 -32.26 25.57
CA HIS A 382 -29.02 -32.23 25.97
C HIS A 382 -29.67 -30.91 25.48
N ILE A 383 -29.00 -29.77 25.69
CA ILE A 383 -29.52 -28.48 25.25
C ILE A 383 -29.67 -28.42 23.72
N ALA A 384 -28.74 -29.04 23.00
CA ALA A 384 -28.72 -29.07 21.53
C ALA A 384 -29.85 -29.92 20.89
N GLU A 385 -30.68 -30.58 21.73
CA GLU A 385 -31.85 -31.35 21.28
C GLU A 385 -32.97 -30.38 20.90
N ARG A 386 -32.92 -29.12 21.42
CA ARG A 386 -33.91 -28.08 21.18
C ARG A 386 -34.00 -27.77 19.69
N PRO A 387 -35.23 -27.62 19.14
CA PRO A 387 -35.35 -27.31 17.71
C PRO A 387 -34.58 -26.07 17.24
N ASN A 388 -34.38 -25.06 18.14
CA ASN A 388 -33.68 -23.82 17.78
C ASN A 388 -32.19 -23.78 18.08
N ILE A 389 -31.56 -24.94 18.37
CA ILE A 389 -30.11 -24.99 18.56
C ILE A 389 -29.54 -25.78 17.38
N GLY A 390 -28.81 -25.08 16.51
CA GLY A 390 -28.19 -25.66 15.32
C GLY A 390 -27.10 -26.65 15.66
N GLU A 391 -26.28 -26.30 16.67
CA GLU A 391 -25.21 -27.17 17.18
C GLU A 391 -24.62 -26.63 18.47
N TYR A 392 -23.87 -27.49 19.13
CA TYR A 392 -23.02 -27.12 20.26
C TYR A 392 -21.63 -27.46 19.75
N ARG A 393 -20.64 -26.72 20.23
CA ARG A 393 -19.25 -26.97 19.83
C ARG A 393 -18.34 -26.50 20.95
N GLY A 394 -17.16 -27.06 21.01
CA GLY A 394 -16.20 -26.66 22.04
C GLY A 394 -15.35 -27.80 22.55
N ILE A 395 -14.64 -27.54 23.64
CA ILE A 395 -13.68 -28.47 24.25
C ILE A 395 -13.29 -27.89 25.60
N GLY A 396 -12.96 -28.75 26.57
CA GLY A 396 -12.53 -28.29 27.88
C GLY A 396 -13.53 -27.36 28.53
N PHE A 397 -13.13 -26.10 28.76
CA PHE A 397 -13.98 -25.08 29.37
C PHE A 397 -14.29 -23.91 28.40
N MET A 398 -14.36 -24.20 27.08
CA MET A 398 -14.77 -23.19 26.08
C MET A 398 -15.84 -23.80 25.22
N TRP A 399 -17.07 -23.27 25.26
CA TRP A 399 -18.17 -23.87 24.50
C TRP A 399 -19.08 -22.81 23.91
N ALA A 400 -19.80 -23.18 22.84
CA ALA A 400 -20.79 -22.31 22.19
C ALA A 400 -22.02 -23.11 21.78
N LEU A 401 -23.16 -22.41 21.71
CA LEU A 401 -24.45 -22.95 21.24
C LEU A 401 -24.86 -22.02 20.14
N GLU A 402 -25.21 -22.56 18.98
CA GLU A 402 -25.59 -21.76 17.80
C GLU A 402 -27.12 -21.78 17.67
N ALA A 403 -27.76 -20.61 17.63
CA ALA A 403 -29.22 -20.55 17.47
C ALA A 403 -29.59 -20.59 15.99
N VAL A 404 -30.63 -21.35 15.65
CA VAL A 404 -31.15 -21.43 14.28
C VAL A 404 -32.69 -21.30 14.29
N LYS A 405 -33.26 -20.74 13.22
CA LYS A 405 -34.72 -20.64 13.05
C LYS A 405 -35.25 -22.03 12.64
N ASP A 406 -34.50 -22.72 11.75
CA ASP A 406 -34.84 -24.05 11.27
C ASP A 406 -33.56 -24.90 11.24
N LYS A 407 -33.56 -25.99 12.00
CA LYS A 407 -32.43 -26.92 12.16
C LYS A 407 -31.95 -27.61 10.88
N ALA A 408 -32.87 -28.29 10.17
CA ALA A 408 -32.60 -29.06 8.95
C ALA A 408 -31.84 -28.28 7.87
N SER A 409 -32.22 -27.02 7.65
CA SER A 409 -31.61 -26.15 6.64
C SER A 409 -30.50 -25.26 7.18
N LYS A 410 -30.26 -25.27 8.51
CA LYS A 410 -29.26 -24.40 9.19
C LYS A 410 -29.66 -22.93 8.95
N THR A 411 -30.97 -22.65 8.83
CA THR A 411 -31.41 -21.29 8.59
C THR A 411 -31.36 -20.49 9.89
N PRO A 412 -30.62 -19.38 9.90
CA PRO A 412 -30.58 -18.57 11.13
C PRO A 412 -31.81 -17.66 11.22
N PHE A 413 -32.02 -17.10 12.42
CA PHE A 413 -33.07 -16.11 12.62
C PHE A 413 -32.58 -14.84 11.92
N ASP A 414 -33.52 -14.00 11.45
CA ASP A 414 -33.19 -12.71 10.84
C ASP A 414 -32.25 -11.96 11.78
N GLY A 415 -31.20 -11.38 11.21
CA GLY A 415 -30.20 -10.60 11.93
C GLY A 415 -30.78 -9.50 12.81
N ASN A 416 -31.92 -8.91 12.38
CA ASN A 416 -32.63 -7.84 13.08
C ASN A 416 -33.32 -8.32 14.35
N LEU A 417 -33.52 -9.64 14.51
CA LEU A 417 -34.13 -10.18 15.73
C LEU A 417 -33.12 -10.19 16.91
N SER A 418 -31.82 -10.03 16.61
CA SER A 418 -30.70 -9.99 17.57
C SER A 418 -30.86 -11.08 18.64
N VAL A 419 -31.05 -12.33 18.21
CA VAL A 419 -31.31 -13.49 19.08
C VAL A 419 -30.25 -13.70 20.17
N SER A 420 -28.97 -13.62 19.78
CA SER A 420 -27.85 -13.82 20.70
C SER A 420 -27.80 -12.75 21.79
N GLU A 421 -28.05 -11.47 21.44
CA GLU A 421 -28.08 -10.35 22.39
C GLU A 421 -29.30 -10.51 23.31
N ARG A 422 -30.44 -10.95 22.76
CA ARG A 422 -31.68 -11.21 23.52
C ARG A 422 -31.42 -12.28 24.57
N ILE A 423 -30.66 -13.35 24.22
CA ILE A 423 -30.34 -14.44 25.16
C ILE A 423 -29.42 -13.93 26.24
N ALA A 424 -28.34 -13.22 25.84
CA ALA A 424 -27.36 -12.69 26.80
C ALA A 424 -27.99 -11.69 27.78
N ASN A 425 -28.91 -10.84 27.30
CA ASN A 425 -29.63 -9.87 28.14
C ASN A 425 -30.55 -10.56 29.12
N THR A 426 -31.27 -11.61 28.66
CA THR A 426 -32.17 -12.37 29.52
C THR A 426 -31.31 -13.08 30.60
N CYS A 427 -30.16 -13.63 30.20
CA CYS A 427 -29.20 -14.26 31.11
C CYS A 427 -28.80 -13.28 32.21
N THR A 428 -28.45 -12.03 31.84
CA THR A 428 -28.08 -10.98 32.81
C THR A 428 -29.21 -10.73 33.80
N ASP A 429 -30.46 -10.64 33.30
CA ASP A 429 -31.64 -10.44 34.14
C ASP A 429 -31.83 -11.63 35.09
N LEU A 430 -31.30 -12.82 34.72
CA LEU A 430 -31.40 -14.03 35.55
C LEU A 430 -30.17 -14.24 36.45
N GLY A 431 -29.23 -13.30 36.44
CA GLY A 431 -28.01 -13.38 37.26
C GLY A 431 -26.92 -14.23 36.65
N LEU A 432 -26.80 -14.21 35.32
CA LEU A 432 -25.77 -14.95 34.59
C LEU A 432 -25.16 -14.06 33.49
N ILE A 433 -23.84 -14.00 33.42
CA ILE A 433 -23.17 -13.27 32.35
C ILE A 433 -22.62 -14.30 31.38
N CYS A 434 -22.97 -14.15 30.10
CA CYS A 434 -22.40 -14.99 29.05
C CYS A 434 -22.11 -14.08 27.85
N PHE A 435 -21.47 -14.62 26.83
CA PHE A 435 -21.00 -13.83 25.71
C PHE A 435 -21.76 -14.09 24.40
N PRO A 436 -22.53 -13.10 23.89
CA PRO A 436 -23.22 -13.31 22.59
C PRO A 436 -22.28 -13.00 21.44
N LEU A 437 -22.28 -13.82 20.39
CA LEU A 437 -21.47 -13.53 19.20
C LEU A 437 -22.15 -14.11 17.96
N GLY A 438 -22.50 -13.24 17.03
CA GLY A 438 -23.23 -13.65 15.84
C GLY A 438 -24.57 -14.20 16.26
N GLN A 439 -24.84 -15.46 15.87
CA GLN A 439 -26.06 -16.20 16.21
C GLN A 439 -25.77 -17.16 17.36
N SER A 440 -24.60 -17.00 18.01
CA SER A 440 -24.18 -17.90 19.07
C SER A 440 -24.14 -17.26 20.46
N VAL A 441 -24.09 -18.13 21.47
CA VAL A 441 -23.91 -17.77 22.88
C VAL A 441 -22.75 -18.63 23.34
N VAL A 442 -21.73 -18.00 23.90
CA VAL A 442 -20.50 -18.63 24.34
C VAL A 442 -20.46 -18.76 25.87
N LEU A 443 -19.90 -19.88 26.35
CA LEU A 443 -19.64 -20.14 27.77
C LEU A 443 -18.15 -20.44 27.95
N CYS A 444 -17.42 -19.58 28.69
CA CYS A 444 -15.98 -19.78 28.99
C CYS A 444 -15.80 -19.46 30.48
N PRO A 445 -16.39 -20.29 31.38
CA PRO A 445 -16.38 -19.94 32.81
C PRO A 445 -15.04 -20.10 33.53
N PRO A 446 -14.93 -19.53 34.75
CA PRO A 446 -13.67 -19.66 35.51
C PRO A 446 -13.35 -21.13 35.79
N PHE A 447 -12.05 -21.44 35.87
CA PHE A 447 -11.60 -22.84 36.13
C PHE A 447 -11.94 -23.35 37.54
N ILE A 448 -12.27 -22.43 38.46
CA ILE A 448 -12.67 -22.73 39.82
C ILE A 448 -14.15 -23.19 39.93
N LEU A 449 -14.92 -23.14 38.82
CA LEU A 449 -16.35 -23.51 38.81
C LEU A 449 -16.58 -24.87 39.47
N THR A 450 -17.55 -24.94 40.39
CA THR A 450 -17.89 -26.22 41.04
C THR A 450 -18.99 -26.86 40.21
N GLU A 451 -19.32 -28.12 40.51
CA GLU A 451 -20.44 -28.79 39.83
C GLU A 451 -21.74 -28.05 40.07
N ALA A 452 -22.01 -27.60 41.31
CA ALA A 452 -23.24 -26.85 41.65
C ALA A 452 -23.31 -25.53 40.89
N GLN A 453 -22.16 -24.84 40.70
CA GLN A 453 -22.12 -23.56 39.95
C GLN A 453 -22.33 -23.80 38.46
N MET A 454 -21.84 -24.94 37.93
CA MET A 454 -22.06 -25.33 36.53
C MET A 454 -23.58 -25.57 36.30
N ASP A 455 -24.22 -26.26 37.25
CA ASP A 455 -25.67 -26.50 37.21
C ASP A 455 -26.40 -25.16 37.24
N GLU A 456 -25.94 -24.22 38.09
CA GLU A 456 -26.54 -22.90 38.22
C GLU A 456 -26.46 -22.14 36.88
N MET A 457 -25.29 -22.18 36.22
CA MET A 457 -25.03 -21.56 34.92
C MET A 457 -26.03 -22.10 33.87
N PHE A 458 -26.15 -23.42 33.76
CA PHE A 458 -27.05 -24.08 32.82
C PHE A 458 -28.51 -23.85 33.10
N ASP A 459 -28.93 -23.90 34.39
CA ASP A 459 -30.34 -23.67 34.77
C ASP A 459 -30.80 -22.30 34.33
N LYS A 460 -29.96 -21.25 34.57
CA LYS A 460 -30.21 -19.87 34.16
C LYS A 460 -30.23 -19.72 32.62
N LEU A 461 -29.22 -20.30 31.92
CA LEU A 461 -29.12 -20.26 30.44
C LEU A 461 -30.33 -20.93 29.83
N GLU A 462 -30.70 -22.12 30.32
CA GLU A 462 -31.88 -22.82 29.80
C GLU A 462 -33.18 -22.01 29.97
N LYS A 463 -33.30 -21.29 31.09
CA LYS A 463 -34.47 -20.43 31.36
C LYS A 463 -34.50 -19.29 30.34
N ALA A 464 -33.32 -18.70 30.06
CA ALA A 464 -33.17 -17.62 29.08
C ALA A 464 -33.51 -18.09 27.66
N LEU A 465 -33.01 -19.29 27.25
CA LEU A 465 -33.28 -19.91 25.94
C LEU A 465 -34.80 -20.15 25.75
N ASP A 466 -35.45 -20.69 26.81
CA ASP A 466 -36.91 -20.93 26.84
C ASP A 466 -37.65 -19.60 26.59
N LYS A 467 -37.26 -18.52 27.33
CA LYS A 467 -37.90 -17.22 27.20
C LYS A 467 -37.77 -16.62 25.81
N VAL A 468 -36.52 -16.55 25.29
CA VAL A 468 -36.22 -15.97 23.98
C VAL A 468 -36.86 -16.74 22.83
N PHE A 469 -36.72 -18.08 22.81
CA PHE A 469 -37.29 -18.91 21.74
C PHE A 469 -38.82 -18.92 21.73
N ALA A 470 -39.46 -18.70 22.89
CA ALA A 470 -40.93 -18.62 22.96
C ALA A 470 -41.39 -17.34 22.25
N GLU A 471 -40.54 -16.28 22.29
CA GLU A 471 -40.80 -14.97 21.68
C GLU A 471 -40.52 -14.91 20.18
N VAL A 472 -39.47 -15.58 19.71
CA VAL A 472 -39.03 -15.53 18.30
C VAL A 472 -39.47 -16.67 17.38
N ALA A 473 -39.70 -17.89 17.91
CA ALA A 473 -40.10 -19.04 17.09
C ALA A 473 -41.61 -19.17 16.95
N ASN B 22 22.97 -27.92 30.56
CA ASN B 22 23.70 -26.65 30.48
C ASN B 22 22.71 -25.51 30.71
N LYS B 23 22.59 -25.09 31.98
CA LYS B 23 21.63 -24.09 32.41
C LYS B 23 22.28 -22.84 32.99
N PRO B 24 21.70 -21.65 32.75
CA PRO B 24 22.29 -20.42 33.31
C PRO B 24 22.20 -20.36 34.83
N GLN B 25 23.24 -19.82 35.49
CA GLN B 25 23.30 -19.74 36.95
C GLN B 25 23.05 -18.33 37.51
N SER B 26 23.83 -17.34 37.05
CA SER B 26 23.76 -15.97 37.54
C SER B 26 22.51 -15.24 37.03
N TRP B 27 22.12 -14.12 37.68
CA TRP B 27 20.98 -13.34 37.23
C TRP B 27 21.19 -12.84 35.79
N GLU B 28 22.43 -12.37 35.52
CA GLU B 28 22.87 -11.83 34.22
C GLU B 28 22.80 -12.91 33.14
N ALA B 29 23.24 -14.13 33.46
CA ALA B 29 23.22 -15.23 32.51
C ALA B 29 21.80 -15.70 32.23
N ARG B 30 20.95 -15.75 33.27
CA ARG B 30 19.55 -16.14 33.12
C ARG B 30 18.85 -15.12 32.24
N ALA B 31 19.15 -13.81 32.44
CA ALA B 31 18.53 -12.74 31.64
C ALA B 31 18.89 -12.93 30.16
N GLU B 32 20.18 -13.18 29.87
CA GLU B 32 20.67 -13.37 28.48
C GLU B 32 20.19 -14.62 27.76
N THR B 33 19.90 -15.68 28.51
CA THR B 33 19.45 -16.96 27.97
C THR B 33 17.96 -16.94 27.52
N TYR B 34 17.09 -16.27 28.28
CA TYR B 34 15.65 -16.29 28.01
C TYR B 34 15.03 -15.03 27.49
N SER B 35 15.82 -13.95 27.37
CA SER B 35 15.24 -12.68 26.94
C SER B 35 15.46 -12.39 25.50
N LEU B 36 14.47 -11.76 24.88
CA LEU B 36 14.63 -11.18 23.54
C LEU B 36 14.66 -9.68 23.93
N TYR B 37 15.83 -9.04 23.83
CA TYR B 37 15.97 -7.64 24.27
C TYR B 37 15.37 -6.61 23.33
N GLY B 38 14.65 -5.66 23.91
CA GLY B 38 14.11 -4.52 23.19
C GLY B 38 14.83 -3.24 23.59
N TRP B 39 15.05 -2.31 22.61
CA TRP B 39 15.69 -0.99 22.84
C TRP B 39 17.01 -1.14 23.63
N THR B 40 17.77 -2.18 23.30
CA THR B 40 19.02 -2.51 24.00
C THR B 40 20.16 -2.58 23.04
N ASP B 41 21.22 -1.81 23.33
CA ASP B 41 22.40 -1.84 22.48
C ASP B 41 23.14 -3.14 22.83
N MET B 42 23.09 -4.10 21.91
CA MET B 42 23.67 -5.44 22.07
C MET B 42 25.19 -5.48 22.31
N PRO B 43 26.05 -4.67 21.60
CA PRO B 43 27.49 -4.69 21.93
C PRO B 43 27.75 -4.29 23.40
N SER B 44 27.06 -3.25 23.90
CA SER B 44 27.17 -2.81 25.30
C SER B 44 26.60 -3.87 26.24
N LEU B 45 25.46 -4.51 25.86
CA LEU B 45 24.88 -5.53 26.74
C LEU B 45 25.84 -6.74 26.94
N HIS B 46 26.48 -7.21 25.88
CA HIS B 46 27.41 -8.35 26.02
C HIS B 46 28.65 -8.01 26.84
N GLN B 47 29.13 -6.76 26.72
CA GLN B 47 30.31 -6.28 27.44
C GLN B 47 30.02 -6.06 28.93
N ARG B 48 28.85 -5.47 29.24
CA ARG B 48 28.50 -5.05 30.60
C ARG B 48 27.59 -5.98 31.38
N GLY B 49 26.76 -6.72 30.67
CA GLY B 49 25.74 -7.58 31.28
C GLY B 49 24.48 -6.81 31.58
N THR B 50 23.37 -7.54 31.77
CA THR B 50 22.10 -6.92 32.12
C THR B 50 22.13 -6.39 33.54
N VAL B 51 21.56 -5.21 33.74
CA VAL B 51 21.43 -4.66 35.09
C VAL B 51 20.08 -5.24 35.57
N VAL B 52 20.13 -6.15 36.51
CA VAL B 52 18.94 -6.82 37.03
C VAL B 52 18.57 -6.14 38.34
N VAL B 53 17.40 -5.48 38.35
CA VAL B 53 16.89 -4.62 39.43
C VAL B 53 15.91 -5.36 40.36
N THR B 54 16.06 -5.19 41.69
CA THR B 54 15.18 -5.88 42.65
C THR B 54 14.23 -4.97 43.40
N HIS B 55 14.62 -3.70 43.61
CA HIS B 55 13.82 -2.74 44.36
C HIS B 55 14.39 -1.35 44.20
N GLY B 56 13.69 -0.38 44.76
CA GLY B 56 14.13 1.00 44.69
C GLY B 56 13.81 1.75 45.94
N GLU B 57 14.27 2.99 46.02
CA GLU B 57 14.06 3.86 47.19
C GLU B 57 14.08 5.26 46.67
N GLY B 58 12.96 5.96 46.77
CA GLY B 58 12.88 7.32 46.24
C GLY B 58 13.26 7.33 44.76
N PRO B 59 14.22 8.17 44.33
CA PRO B 59 14.61 8.14 42.90
C PRO B 59 15.69 7.12 42.54
N TYR B 60 16.05 6.26 43.50
CA TYR B 60 17.10 5.26 43.30
C TYR B 60 16.58 3.87 43.02
N ILE B 61 17.36 3.08 42.24
CA ILE B 61 17.06 1.67 41.96
C ILE B 61 18.23 0.88 42.51
N VAL B 62 17.99 -0.36 42.95
CA VAL B 62 19.04 -1.20 43.53
C VAL B 62 19.09 -2.52 42.74
N ASP B 63 20.29 -2.91 42.30
CA ASP B 63 20.47 -4.12 41.53
C ASP B 63 20.69 -5.36 42.43
N VAL B 64 20.72 -6.57 41.82
CA VAL B 64 20.92 -7.84 42.52
C VAL B 64 22.25 -7.90 43.29
N ASN B 65 23.25 -7.08 42.89
CA ASN B 65 24.55 -7.07 43.54
C ASN B 65 24.62 -6.03 44.65
N GLY B 66 23.49 -5.37 44.91
CA GLY B 66 23.36 -4.35 45.94
C GLY B 66 23.92 -2.99 45.56
N ARG B 67 24.16 -2.74 44.26
CA ARG B 67 24.60 -1.43 43.79
C ARG B 67 23.38 -0.55 43.57
N ARG B 68 23.46 0.69 44.02
CA ARG B 68 22.37 1.64 43.89
C ARG B 68 22.67 2.66 42.76
N TYR B 69 21.64 3.07 41.99
CA TYR B 69 21.79 4.04 40.90
C TYR B 69 20.72 5.09 41.05
N LEU B 70 21.09 6.36 40.80
CA LEU B 70 20.12 7.42 40.76
C LEU B 70 19.51 7.34 39.36
N ASP B 71 18.20 7.05 39.25
CA ASP B 71 17.56 6.93 37.94
C ASP B 71 17.01 8.27 37.54
N ALA B 72 17.84 9.01 36.81
CA ALA B 72 17.51 10.38 36.36
C ALA B 72 16.61 10.38 35.14
N ASN B 73 16.12 9.18 34.72
CA ASN B 73 15.16 9.05 33.63
C ASN B 73 13.79 8.63 34.14
N SER B 74 13.62 8.52 35.47
CA SER B 74 12.34 8.02 36.08
C SER B 74 11.98 6.65 35.49
N GLY B 75 12.98 5.83 35.18
CA GLY B 75 12.74 4.55 34.52
C GLY B 75 12.67 4.85 33.04
N LEU B 76 11.44 5.01 32.51
CA LEU B 76 11.19 5.43 31.11
C LEU B 76 10.26 6.64 31.15
N PHE B 77 10.67 7.71 31.88
CA PHE B 77 9.97 8.97 32.10
C PHE B 77 8.73 8.87 33.01
N ASN B 78 8.28 7.66 33.33
CA ASN B 78 6.99 7.39 33.96
C ASN B 78 6.95 7.32 35.48
N MET B 79 8.07 6.99 36.11
CA MET B 79 8.09 6.81 37.56
C MET B 79 8.38 8.09 38.33
N VAL B 80 7.48 9.06 38.14
CA VAL B 80 7.55 10.41 38.66
C VAL B 80 7.48 10.49 40.19
N ALA B 81 6.94 9.45 40.87
CA ALA B 81 6.85 9.48 42.35
C ALA B 81 7.95 8.61 42.97
N GLY B 82 8.88 8.20 42.13
CA GLY B 82 9.99 7.35 42.56
C GLY B 82 9.64 5.89 42.61
N PHE B 83 10.53 5.09 43.20
CA PHE B 83 10.41 3.62 43.16
C PHE B 83 9.84 2.90 44.38
N ASP B 84 9.41 3.61 45.43
CA ASP B 84 8.87 2.97 46.62
C ASP B 84 7.80 3.84 47.31
N HIS B 85 7.10 4.69 46.54
CA HIS B 85 6.08 5.61 47.06
C HIS B 85 5.02 4.86 47.87
N LYS B 86 5.00 5.09 49.19
CA LYS B 86 4.10 4.37 50.11
C LYS B 86 2.62 4.58 49.83
N GLY B 87 2.20 5.82 49.54
CA GLY B 87 0.80 6.13 49.21
C GLY B 87 0.33 5.33 48.01
N LEU B 88 1.16 5.30 46.95
CA LEU B 88 0.82 4.55 45.75
C LEU B 88 0.81 3.04 45.97
N ILE B 89 1.79 2.53 46.74
CA ILE B 89 1.82 1.08 47.05
C ILE B 89 0.53 0.72 47.81
N ASP B 90 0.16 1.54 48.81
CA ASP B 90 -1.04 1.30 49.62
C ASP B 90 -2.32 1.37 48.78
N ALA B 91 -2.39 2.29 47.80
CA ALA B 91 -3.58 2.40 46.93
C ALA B 91 -3.71 1.14 46.04
N ALA B 92 -2.59 0.65 45.51
CA ALA B 92 -2.55 -0.58 44.69
C ALA B 92 -3.01 -1.78 45.52
N LYS B 93 -2.45 -1.92 46.74
CA LYS B 93 -2.82 -3.03 47.64
C LYS B 93 -4.29 -2.96 48.00
N ALA B 94 -4.80 -1.75 48.30
CA ALA B 94 -6.21 -1.55 48.66
C ALA B 94 -7.13 -1.98 47.52
N GLN B 95 -6.76 -1.73 46.25
CA GLN B 95 -7.64 -2.15 45.17
C GLN B 95 -7.60 -3.66 44.90
N TYR B 96 -6.44 -4.29 45.05
CA TYR B 96 -6.36 -5.76 44.91
C TYR B 96 -7.22 -6.45 45.96
N GLU B 97 -7.28 -5.91 47.19
CA GLU B 97 -8.16 -6.47 48.22
C GLU B 97 -9.65 -6.28 47.88
N ARG B 98 -9.98 -5.14 47.28
CA ARG B 98 -11.35 -4.75 46.93
C ARG B 98 -11.89 -5.49 45.72
N PHE B 99 -11.23 -5.30 44.57
CA PHE B 99 -11.67 -5.90 43.31
C PHE B 99 -10.45 -5.96 42.42
N PRO B 100 -9.83 -7.16 42.27
CA PRO B 100 -8.53 -7.23 41.60
C PRO B 100 -8.48 -7.29 40.08
N GLY B 101 -9.63 -7.38 39.43
CA GLY B 101 -9.66 -7.42 37.98
C GLY B 101 -11.04 -7.46 37.39
N TYR B 102 -11.18 -6.82 36.23
CA TYR B 102 -12.39 -6.80 35.41
C TYR B 102 -12.09 -6.05 34.13
N HIS B 103 -13.09 -5.94 33.26
CA HIS B 103 -12.98 -5.29 31.97
C HIS B 103 -13.93 -4.09 31.91
N ALA B 104 -13.97 -3.43 30.78
CA ALA B 104 -14.86 -2.27 30.58
C ALA B 104 -15.51 -2.40 29.22
N ALA B 105 -16.05 -3.60 28.93
CA ALA B 105 -16.68 -3.91 27.66
C ALA B 105 -18.06 -4.53 27.84
N PHE B 106 -18.84 -4.64 26.73
CA PHE B 106 -20.16 -5.28 26.76
C PHE B 106 -21.13 -4.64 27.77
N GLY B 107 -21.03 -3.31 27.92
CA GLY B 107 -21.93 -2.57 28.81
C GLY B 107 -21.71 -2.77 30.30
N LYS B 108 -20.48 -3.19 30.68
CA LYS B 108 -20.07 -3.37 32.08
C LYS B 108 -18.75 -2.64 32.28
N MET B 109 -18.44 -2.26 33.52
CA MET B 109 -17.14 -1.64 33.92
C MET B 109 -17.15 -1.54 35.43
N SER B 110 -15.98 -1.34 36.04
CA SER B 110 -15.88 -1.19 37.47
C SER B 110 -16.25 0.23 37.91
N ASP B 111 -16.55 0.38 39.21
CA ASP B 111 -16.81 1.69 39.82
C ASP B 111 -15.52 2.55 39.66
N GLN B 112 -14.32 1.94 39.80
CA GLN B 112 -13.04 2.66 39.63
C GLN B 112 -12.90 3.28 38.21
N THR B 113 -13.39 2.57 37.18
CA THR B 113 -13.36 3.05 35.78
C THR B 113 -14.23 4.31 35.64
N VAL B 114 -15.45 4.29 36.22
CA VAL B 114 -16.36 5.45 36.15
C VAL B 114 -15.70 6.66 36.86
N MET B 115 -15.09 6.42 38.03
CA MET B 115 -14.45 7.51 38.79
C MET B 115 -13.29 8.13 38.02
N LEU B 116 -12.46 7.28 37.41
CA LEU B 116 -11.32 7.77 36.65
C LEU B 116 -11.76 8.59 35.43
N SER B 117 -12.76 8.12 34.68
CA SER B 117 -13.22 8.84 33.48
C SER B 117 -13.72 10.22 33.87
N GLU B 118 -14.46 10.30 34.98
CA GLU B 118 -14.97 11.56 35.52
C GLU B 118 -13.75 12.47 35.90
N LYS B 119 -12.77 11.91 36.62
CA LYS B 119 -11.57 12.63 37.04
C LYS B 119 -10.74 13.11 35.83
N LEU B 120 -10.55 12.25 34.82
CA LEU B 120 -9.76 12.65 33.65
C LEU B 120 -10.38 13.77 32.85
N VAL B 121 -11.72 13.74 32.67
CA VAL B 121 -12.38 14.86 31.96
C VAL B 121 -12.19 16.15 32.78
N GLU B 122 -12.35 16.05 34.12
CA GLU B 122 -12.21 17.18 35.05
C GLU B 122 -10.82 17.83 34.94
N VAL B 123 -9.74 17.02 35.05
CA VAL B 123 -8.34 17.51 35.01
C VAL B 123 -7.84 17.90 33.62
N SER B 124 -8.49 17.36 32.58
CA SER B 124 -8.17 17.73 31.20
C SER B 124 -8.55 19.23 30.98
N PRO B 125 -8.04 19.88 29.92
CA PRO B 125 -8.46 21.28 29.64
C PRO B 125 -9.88 21.38 29.09
N PHE B 126 -10.55 20.23 28.88
CA PHE B 126 -11.90 20.18 28.34
C PHE B 126 -12.98 20.42 29.40
N ASP B 127 -14.07 21.06 28.99
CA ASP B 127 -15.22 21.30 29.88
C ASP B 127 -16.04 20.01 30.01
N SER B 128 -16.04 19.19 28.95
CA SER B 128 -16.76 17.92 28.90
C SER B 128 -16.03 17.04 27.90
N GLY B 129 -16.35 15.77 27.88
CA GLY B 129 -15.71 14.85 26.94
C GLY B 129 -15.88 13.42 27.36
N ARG B 130 -15.20 12.52 26.67
CA ARG B 130 -15.31 11.07 26.91
C ARG B 130 -13.94 10.44 26.92
N VAL B 131 -13.83 9.33 27.63
CA VAL B 131 -12.55 8.65 27.81
C VAL B 131 -12.64 7.22 27.28
N PHE B 132 -11.62 6.80 26.56
CA PHE B 132 -11.47 5.43 26.10
C PHE B 132 -10.12 4.91 26.65
N TYR B 133 -10.12 3.75 27.34
CA TYR B 133 -8.88 3.25 27.93
C TYR B 133 -8.16 2.24 27.07
N THR B 134 -6.83 2.18 27.26
CA THR B 134 -5.94 1.19 26.66
C THR B 134 -4.92 0.81 27.76
N ASN B 135 -3.95 -0.03 27.44
CA ASN B 135 -2.90 -0.34 28.39
C ASN B 135 -1.70 0.58 28.18
N SER B 136 -1.47 0.98 26.94
CA SER B 136 -0.26 1.73 26.61
C SER B 136 -0.52 2.97 25.80
N GLY B 137 0.51 3.82 25.68
CA GLY B 137 0.46 5.01 24.83
C GLY B 137 0.42 4.62 23.36
N SER B 138 1.10 3.53 22.97
CA SER B 138 1.10 3.02 21.57
C SER B 138 -0.33 2.58 21.19
N GLU B 139 -1.00 1.80 22.07
CA GLU B 139 -2.40 1.40 21.78
C GLU B 139 -3.32 2.60 21.74
N ALA B 140 -3.06 3.59 22.61
CA ALA B 140 -3.91 4.80 22.66
C ALA B 140 -3.78 5.60 21.33
N ASN B 141 -2.55 5.77 20.82
CA ASN B 141 -2.34 6.46 19.52
C ASN B 141 -2.95 5.62 18.39
N ASP B 142 -2.73 4.30 18.42
CA ASP B 142 -3.33 3.37 17.43
C ASP B 142 -4.88 3.49 17.48
N THR B 143 -5.44 3.58 18.71
CA THR B 143 -6.88 3.76 18.95
C THR B 143 -7.36 5.11 18.36
N MET B 144 -6.65 6.22 18.67
CA MET B 144 -7.05 7.51 18.14
C MET B 144 -7.04 7.50 16.60
N VAL B 145 -6.04 6.85 15.99
CA VAL B 145 -6.00 6.77 14.52
C VAL B 145 -7.26 6.02 13.99
N LYS B 146 -7.60 4.86 14.61
CA LYS B 146 -8.79 4.10 14.20
C LYS B 146 -10.07 4.90 14.38
N MET B 147 -10.18 5.64 15.50
CA MET B 147 -11.32 6.52 15.77
C MET B 147 -11.47 7.57 14.65
N LEU B 148 -10.35 8.15 14.20
CA LEU B 148 -10.40 9.15 13.10
C LEU B 148 -10.85 8.53 11.77
N TRP B 149 -10.30 7.34 11.42
CA TRP B 149 -10.68 6.61 10.22
C TRP B 149 -12.17 6.27 10.29
N PHE B 150 -12.60 5.77 11.44
CA PHE B 150 -14.01 5.42 11.69
C PHE B 150 -14.93 6.66 11.50
N LEU B 151 -14.62 7.74 12.22
CA LEU B 151 -15.40 8.97 12.17
C LEU B 151 -15.52 9.59 10.78
N HIS B 152 -14.39 9.83 10.12
CA HIS B 152 -14.38 10.46 8.78
C HIS B 152 -15.14 9.65 7.76
N ALA B 153 -14.96 8.28 7.77
CA ALA B 153 -15.69 7.40 6.87
C ALA B 153 -17.19 7.50 7.16
N ALA B 154 -17.58 7.49 8.45
CA ALA B 154 -18.99 7.63 8.86
C ALA B 154 -19.58 8.96 8.43
N GLU B 155 -18.76 10.02 8.39
CA GLU B 155 -19.22 11.34 7.98
C GLU B 155 -19.17 11.57 6.46
N GLY B 156 -18.91 10.53 5.68
CA GLY B 156 -18.91 10.61 4.22
C GLY B 156 -17.56 10.86 3.57
N LYS B 157 -16.45 10.72 4.31
CA LYS B 157 -15.13 10.89 3.70
C LYS B 157 -14.21 9.69 4.00
N PRO B 158 -14.41 8.52 3.32
CA PRO B 158 -13.55 7.34 3.58
C PRO B 158 -12.10 7.52 3.14
N GLN B 159 -11.83 8.53 2.28
CA GLN B 159 -10.48 8.83 1.81
C GLN B 159 -9.70 9.66 2.86
N LYS B 160 -10.37 10.17 3.93
CA LYS B 160 -9.74 10.99 4.97
C LYS B 160 -9.02 10.03 5.94
N ARG B 161 -7.78 9.65 5.58
CA ARG B 161 -7.02 8.63 6.32
C ARG B 161 -5.59 8.99 6.69
N LYS B 162 -4.98 9.96 6.00
CA LYS B 162 -3.56 10.30 6.28
C LYS B 162 -3.33 10.93 7.62
N ILE B 163 -2.22 10.55 8.27
CA ILE B 163 -1.88 11.06 9.60
C ILE B 163 -0.64 11.93 9.51
N LEU B 164 -0.74 13.17 10.02
CA LEU B 164 0.39 14.11 10.04
C LEU B 164 1.09 14.04 11.38
N THR B 165 2.39 13.81 11.37
CA THR B 165 3.26 13.87 12.56
C THR B 165 4.49 14.64 12.14
N ARG B 166 5.52 14.69 12.99
CA ARG B 166 6.74 15.41 12.65
C ARG B 166 7.88 14.41 12.67
N TRP B 167 8.97 14.72 11.98
CA TRP B 167 10.22 13.97 12.07
C TRP B 167 10.72 14.13 13.53
N ASN B 168 11.33 13.08 14.12
CA ASN B 168 11.79 13.03 15.53
C ASN B 168 10.65 12.84 16.52
N ALA B 169 9.40 12.77 16.04
CA ALA B 169 8.29 12.48 16.97
C ALA B 169 8.37 11.02 17.42
N TYR B 170 7.91 10.74 18.65
CA TYR B 170 7.80 9.38 19.15
C TYR B 170 6.38 9.20 19.63
N HIS B 171 5.64 8.27 18.99
CA HIS B 171 4.24 8.01 19.31
C HIS B 171 3.99 6.56 19.71
N GLY B 172 5.01 5.72 19.62
CA GLY B 172 4.83 4.34 20.05
C GLY B 172 5.45 3.30 19.15
N ALA B 173 5.18 2.03 19.48
CA ALA B 173 5.79 0.87 18.85
C ALA B 173 4.85 -0.12 18.16
N THR B 174 3.52 0.16 18.08
CA THR B 174 2.67 -0.74 17.25
C THR B 174 3.02 -0.36 15.79
N ALA B 175 2.67 -1.18 14.78
CA ALA B 175 3.00 -0.80 13.40
C ALA B 175 2.51 0.62 13.03
N VAL B 176 1.30 1.00 13.48
CA VAL B 176 0.74 2.33 13.21
C VAL B 176 1.43 3.43 14.04
N SER B 177 1.61 3.23 15.36
CA SER B 177 2.28 4.26 16.17
C SER B 177 3.75 4.37 15.83
N ALA B 178 4.37 3.29 15.30
CA ALA B 178 5.75 3.32 14.81
C ALA B 178 5.84 4.06 13.48
N SER B 179 4.74 4.06 12.70
CA SER B 179 4.68 4.79 11.43
C SER B 179 4.47 6.28 11.71
N MET B 180 3.81 6.60 12.81
CA MET B 180 3.61 7.97 13.30
C MET B 180 4.94 8.50 13.83
N THR B 181 5.71 7.63 14.50
CA THR B 181 7.05 7.92 15.01
C THR B 181 7.92 8.40 13.80
N GLY B 182 8.79 9.38 14.01
CA GLY B 182 9.61 9.94 12.94
C GLY B 182 11.08 9.63 13.05
N PHE B 183 11.44 8.34 13.02
CA PHE B 183 12.85 7.96 13.12
C PHE B 183 13.23 6.96 12.07
N PRO B 184 14.43 7.11 11.49
CA PRO B 184 14.89 6.17 10.45
C PRO B 184 15.07 4.74 10.94
N TYR B 185 15.25 4.51 12.26
CA TYR B 185 15.41 3.15 12.79
C TYR B 185 14.24 2.20 12.45
N ASN B 186 13.05 2.77 12.14
CA ASN B 186 11.87 1.99 11.79
C ASN B 186 11.89 1.37 10.40
N SER B 187 12.90 1.75 9.58
CA SER B 187 13.16 1.19 8.25
C SER B 187 13.41 -0.33 8.37
N VAL B 188 13.97 -0.80 9.52
CA VAL B 188 14.25 -2.24 9.78
C VAL B 188 12.96 -3.11 9.73
N PHE B 189 11.78 -2.46 9.93
CA PHE B 189 10.47 -3.14 9.89
C PHE B 189 9.70 -2.87 8.57
N GLY B 190 10.29 -2.09 7.67
CA GLY B 190 9.65 -1.71 6.41
C GLY B 190 8.57 -0.68 6.66
N LEU B 191 8.76 0.12 7.72
CA LEU B 191 7.88 1.19 8.18
C LEU B 191 8.52 2.55 7.84
N PRO B 192 7.74 3.63 7.66
CA PRO B 192 6.29 3.77 7.89
C PRO B 192 5.39 3.14 6.86
N LEU B 193 4.20 2.80 7.30
CA LEU B 193 3.13 2.35 6.41
C LEU B 193 2.74 3.56 5.52
N PRO B 194 2.12 3.34 4.33
CA PRO B 194 1.65 4.50 3.53
C PRO B 194 0.60 5.30 4.30
N GLY B 195 0.54 6.60 4.03
CA GLY B 195 -0.41 7.51 4.64
C GLY B 195 0.05 8.18 5.92
N PHE B 196 1.31 7.96 6.31
CA PHE B 196 1.88 8.56 7.52
C PHE B 196 2.89 9.61 7.10
N VAL B 197 2.47 10.88 7.15
CA VAL B 197 3.24 11.97 6.61
C VAL B 197 4.02 12.68 7.72
N HIS B 198 5.33 12.87 7.52
CA HIS B 198 6.17 13.50 8.53
C HIS B 198 6.63 14.90 8.15
N LEU B 199 6.22 15.88 8.94
CA LEU B 199 6.56 17.29 8.75
C LEU B 199 7.91 17.59 9.35
N THR B 200 8.48 18.75 9.03
CA THR B 200 9.77 19.15 9.59
C THR B 200 9.64 19.26 11.10
N CYS B 201 10.68 18.74 11.80
CA CYS B 201 10.77 18.84 13.24
C CYS B 201 11.01 20.32 13.60
N PRO B 202 10.21 20.93 14.52
CA PRO B 202 10.43 22.34 14.88
C PRO B 202 11.62 22.57 15.82
N HIS B 203 12.78 21.95 15.52
CA HIS B 203 14.02 22.08 16.31
C HIS B 203 14.86 23.13 15.60
N TYR B 204 14.80 24.39 16.10
CA TYR B 204 15.48 25.50 15.46
C TYR B 204 17.00 25.33 15.31
N TRP B 205 17.67 24.90 16.38
CA TRP B 205 19.11 24.67 16.39
C TRP B 205 19.55 23.69 15.29
N ARG B 206 18.78 22.59 15.10
CA ARG B 206 19.14 21.60 14.09
C ARG B 206 18.66 21.93 12.67
N TYR B 207 17.38 22.28 12.53
CA TYR B 207 16.76 22.46 11.20
C TYR B 207 16.69 23.87 10.64
N GLY B 208 17.07 24.85 11.45
CA GLY B 208 17.16 26.24 11.02
C GLY B 208 18.30 26.36 10.03
N GLU B 209 18.03 27.00 8.90
CA GLU B 209 19.04 27.18 7.85
C GLU B 209 20.03 28.27 8.24
N GLU B 210 21.24 28.27 7.64
CA GLU B 210 22.22 29.32 7.91
C GLU B 210 21.58 30.65 7.52
N GLY B 211 21.62 31.61 8.44
CA GLY B 211 21.01 32.92 8.24
C GLY B 211 19.50 33.00 8.41
N GLU B 212 18.87 31.93 8.85
CA GLU B 212 17.42 31.91 9.06
C GLU B 212 17.15 32.21 10.55
N THR B 213 16.32 33.21 10.85
CA THR B 213 15.97 33.58 12.24
C THR B 213 14.91 32.59 12.72
N GLU B 214 14.67 32.52 14.05
CA GLU B 214 13.66 31.63 14.61
C GLU B 214 12.24 31.97 14.08
N GLU B 215 11.92 33.26 13.89
CA GLU B 215 10.64 33.74 13.34
C GLU B 215 10.47 33.23 11.88
N GLN B 216 11.54 33.33 11.06
CA GLN B 216 11.50 32.88 9.66
C GLN B 216 11.34 31.37 9.60
N PHE B 217 12.02 30.66 10.50
CA PHE B 217 11.96 29.19 10.63
C PHE B 217 10.51 28.70 10.88
N VAL B 218 9.81 29.34 11.83
CA VAL B 218 8.43 29.01 12.17
C VAL B 218 7.51 29.34 11.00
N ALA B 219 7.72 30.51 10.35
CA ALA B 219 6.97 30.90 9.14
C ALA B 219 7.16 29.86 8.04
N ARG B 220 8.40 29.35 7.88
CA ARG B 220 8.68 28.31 6.87
C ARG B 220 7.92 27.02 7.20
N LEU B 221 7.94 26.58 8.48
CA LEU B 221 7.23 25.37 8.91
C LEU B 221 5.75 25.48 8.61
N ALA B 222 5.17 26.68 8.85
CA ALA B 222 3.75 26.94 8.56
C ALA B 222 3.51 26.89 7.04
N ARG B 223 4.44 27.44 6.23
CA ARG B 223 4.33 27.39 4.75
C ARG B 223 4.44 25.95 4.24
N GLU B 224 5.40 25.15 4.80
CA GLU B 224 5.58 23.75 4.42
C GLU B 224 4.31 22.93 4.77
N LEU B 225 3.70 23.20 5.95
CA LEU B 225 2.49 22.49 6.34
C LEU B 225 1.37 22.76 5.31
N GLU B 226 1.14 24.04 4.98
CA GLU B 226 0.12 24.42 4.01
C GLU B 226 0.38 23.78 2.64
N GLU B 227 1.64 23.75 2.16
CA GLU B 227 2.01 23.13 0.87
C GLU B 227 1.77 21.62 0.95
N THR B 228 2.10 20.95 2.09
CA THR B 228 1.86 19.51 2.27
C THR B 228 0.36 19.23 2.18
N ILE B 229 -0.46 20.00 2.92
CA ILE B 229 -1.92 19.87 2.89
C ILE B 229 -2.44 20.01 1.46
N GLN B 230 -2.02 21.08 0.73
CA GLN B 230 -2.44 21.33 -0.66
C GLN B 230 -2.04 20.21 -1.62
N ARG B 231 -0.84 19.66 -1.45
CA ARG B 231 -0.33 18.58 -2.29
C ARG B 231 -0.94 17.22 -1.98
N GLU B 232 -1.28 16.97 -0.71
CA GLU B 232 -1.90 15.69 -0.30
C GLU B 232 -3.41 15.74 -0.49
N GLY B 233 -3.98 16.94 -0.32
CA GLY B 233 -5.41 17.22 -0.37
C GLY B 233 -5.95 17.12 1.03
N ALA B 234 -6.58 18.20 1.55
CA ALA B 234 -7.12 18.22 2.93
C ALA B 234 -8.15 17.14 3.22
N ASP B 235 -8.95 16.78 2.18
CA ASP B 235 -9.98 15.75 2.26
C ASP B 235 -9.37 14.37 2.47
N THR B 236 -8.04 14.20 2.28
CA THR B 236 -7.38 12.90 2.50
C THR B 236 -6.65 12.83 3.87
N ILE B 237 -6.63 13.95 4.65
CA ILE B 237 -5.90 13.99 5.93
C ILE B 237 -6.84 13.85 7.12
N ALA B 238 -6.66 12.75 7.88
CA ALA B 238 -7.47 12.38 9.05
C ALA B 238 -7.19 13.15 10.32
N GLY B 239 -5.94 13.57 10.52
CA GLY B 239 -5.57 14.25 11.74
C GLY B 239 -4.09 14.56 11.87
N PHE B 240 -3.78 15.40 12.83
CA PHE B 240 -2.41 15.83 13.14
C PHE B 240 -2.16 15.51 14.59
N PHE B 241 -1.04 14.84 14.87
CA PHE B 241 -0.66 14.53 16.23
C PHE B 241 0.62 15.28 16.57
N ALA B 242 0.69 15.81 17.78
CA ALA B 242 1.94 16.43 18.23
C ALA B 242 2.16 16.23 19.71
N GLU B 243 3.37 15.91 20.07
CA GLU B 243 3.81 15.95 21.44
C GLU B 243 4.12 17.45 21.62
N PRO B 244 3.58 18.16 22.65
CA PRO B 244 3.93 19.58 22.82
C PRO B 244 5.44 19.82 22.89
N VAL B 245 6.14 19.01 23.69
CA VAL B 245 7.58 18.95 23.77
C VAL B 245 7.88 17.51 23.39
N MET B 246 8.71 17.31 22.35
CA MET B 246 9.10 15.98 21.92
C MET B 246 10.02 15.39 22.97
N GLY B 247 9.57 14.30 23.58
CA GLY B 247 10.27 13.67 24.71
C GLY B 247 11.28 12.62 24.33
N ALA B 248 10.81 11.38 23.98
CA ALA B 248 11.71 10.26 23.62
C ALA B 248 12.57 10.54 22.40
N GLY B 249 12.19 11.55 21.61
CA GLY B 249 12.92 12.00 20.43
C GLY B 249 14.09 12.92 20.71
N GLY B 250 14.35 13.19 21.99
CA GLY B 250 15.52 13.94 22.40
C GLY B 250 15.27 15.23 23.16
N VAL B 251 14.08 15.36 23.77
CA VAL B 251 13.66 16.56 24.53
C VAL B 251 13.75 17.80 23.64
N ILE B 252 12.75 17.96 22.79
CA ILE B 252 12.76 19.08 21.83
C ILE B 252 11.59 20.04 22.02
N PRO B 253 11.79 21.14 22.79
CA PRO B 253 10.74 22.16 22.86
C PRO B 253 10.60 22.80 21.47
N PRO B 254 9.38 23.07 21.00
CA PRO B 254 9.22 23.63 19.63
C PRO B 254 9.73 25.07 19.55
N ALA B 255 10.16 25.51 18.37
CA ALA B 255 10.61 26.89 18.14
C ALA B 255 9.47 27.85 18.54
N LYS B 256 9.83 29.04 19.03
CA LYS B 256 8.90 30.06 19.53
C LYS B 256 7.75 30.37 18.55
N GLY B 257 6.51 30.28 19.03
CA GLY B 257 5.34 30.59 18.22
C GLY B 257 4.89 29.50 17.24
N TYR B 258 5.53 28.31 17.30
CA TYR B 258 5.20 27.17 16.42
C TYR B 258 3.71 26.82 16.40
N PHE B 259 3.11 26.48 17.56
CA PHE B 259 1.69 26.12 17.63
C PHE B 259 0.74 27.24 17.20
N GLN B 260 1.11 28.49 17.48
CA GLN B 260 0.37 29.70 17.10
C GLN B 260 0.35 29.86 15.58
N ALA B 261 1.42 29.38 14.88
CA ALA B 261 1.48 29.44 13.42
C ALA B 261 0.80 28.25 12.73
N ILE B 262 1.02 27.05 13.23
CA ILE B 262 0.49 25.83 12.60
C ILE B 262 -1.00 25.53 12.87
N LEU B 263 -1.48 25.75 14.11
CA LEU B 263 -2.89 25.41 14.41
C LEU B 263 -3.96 26.11 13.57
N PRO B 264 -3.84 27.42 13.23
CA PRO B 264 -4.87 28.05 12.37
C PRO B 264 -4.97 27.35 11.01
N ILE B 265 -3.82 26.88 10.47
CA ILE B 265 -3.76 26.17 9.18
C ILE B 265 -4.53 24.84 9.29
N LEU B 266 -4.24 24.05 10.32
CA LEU B 266 -4.93 22.78 10.56
C LEU B 266 -6.44 23.01 10.75
N ARG B 267 -6.81 24.07 11.50
CA ARG B 267 -8.23 24.40 11.74
C ARG B 267 -8.95 24.80 10.44
N LYS B 268 -8.29 25.59 9.58
CA LYS B 268 -8.79 26.04 8.27
C LYS B 268 -9.11 24.84 7.36
N TYR B 269 -8.28 23.78 7.40
CA TYR B 269 -8.43 22.61 6.56
C TYR B 269 -9.20 21.45 7.19
N ASP B 270 -9.95 21.70 8.27
CA ASP B 270 -10.74 20.68 9.00
C ASP B 270 -9.89 19.42 9.35
N ILE B 271 -8.72 19.65 9.98
CA ILE B 271 -7.83 18.56 10.38
C ILE B 271 -7.80 18.50 11.90
N PRO B 272 -8.38 17.44 12.53
CA PRO B 272 -8.37 17.35 14.00
C PRO B 272 -6.95 17.39 14.56
N VAL B 273 -6.82 18.09 15.69
CA VAL B 273 -5.56 18.28 16.37
C VAL B 273 -5.55 17.41 17.61
N ILE B 274 -4.57 16.53 17.70
CA ILE B 274 -4.40 15.63 18.85
C ILE B 274 -3.10 15.94 19.56
N SER B 275 -3.17 16.21 20.88
CA SER B 275 -1.96 16.45 21.67
C SER B 275 -1.54 15.13 22.26
N ASP B 276 -0.33 14.66 21.88
CA ASP B 276 0.17 13.43 22.47
C ASP B 276 0.80 13.88 23.80
N GLU B 277 0.09 13.62 24.90
CA GLU B 277 0.52 14.04 26.22
C GLU B 277 1.10 12.84 27.02
N VAL B 278 1.58 11.79 26.33
CA VAL B 278 2.10 10.61 27.05
C VAL B 278 3.24 10.98 28.01
N VAL B 279 4.17 11.84 27.55
CA VAL B 279 5.29 12.31 28.37
C VAL B 279 4.93 13.61 29.10
N CYS B 280 4.30 14.56 28.39
CA CYS B 280 3.98 15.90 28.93
C CYS B 280 2.79 15.91 29.90
N GLY B 281 1.96 14.89 29.87
CA GLY B 281 0.77 14.87 30.74
C GLY B 281 1.15 14.73 32.20
N PHE B 282 0.48 15.46 33.06
CA PHE B 282 0.70 15.44 34.50
C PHE B 282 2.01 16.00 35.03
N GLY B 283 2.38 17.20 34.59
CA GLY B 283 3.43 17.96 35.24
C GLY B 283 4.83 18.19 34.71
N ARG B 284 5.35 17.35 33.82
CA ARG B 284 6.76 17.47 33.41
C ARG B 284 7.18 18.80 32.77
N THR B 285 6.28 19.46 32.03
CA THR B 285 6.61 20.77 31.42
C THR B 285 6.37 21.96 32.37
N GLY B 286 5.89 21.71 33.60
CA GLY B 286 5.60 22.79 34.55
C GLY B 286 4.13 23.17 34.65
N ASN B 287 3.28 22.48 33.87
CA ASN B 287 1.82 22.64 33.93
C ASN B 287 1.25 21.24 33.86
N THR B 288 -0.06 21.10 34.16
CA THR B 288 -0.74 19.80 34.09
C THR B 288 -0.62 19.19 32.70
N TRP B 289 -0.69 20.00 31.65
CA TRP B 289 -0.57 19.46 30.29
C TRP B 289 0.42 20.27 29.50
N GLY B 290 1.09 19.62 28.56
CA GLY B 290 2.03 20.33 27.68
C GLY B 290 1.29 21.31 26.79
N CYS B 291 0.04 20.96 26.38
CA CYS B 291 -0.78 21.87 25.58
C CYS B 291 -1.17 23.17 26.36
N VAL B 292 -1.22 23.09 27.71
CA VAL B 292 -1.44 24.26 28.57
C VAL B 292 -0.20 25.15 28.54
N THR B 293 0.99 24.55 28.74
CA THR B 293 2.30 25.24 28.70
C THR B 293 2.48 26.00 27.37
N TYR B 294 2.03 25.37 26.25
CA TYR B 294 2.12 25.91 24.89
C TYR B 294 0.86 26.61 24.39
N ASP B 295 -0.07 26.88 25.32
CA ASP B 295 -1.27 27.67 25.12
C ASP B 295 -2.14 27.32 23.90
N PHE B 296 -2.51 26.03 23.79
CA PHE B 296 -3.39 25.60 22.72
C PHE B 296 -4.38 24.57 23.23
N THR B 297 -5.55 24.52 22.59
CA THR B 297 -6.58 23.57 22.97
C THR B 297 -6.68 22.51 21.87
N PRO B 298 -6.27 21.27 22.13
CA PRO B 298 -6.40 20.22 21.10
C PRO B 298 -7.84 19.70 21.08
N ASP B 299 -8.15 18.82 20.11
CA ASP B 299 -9.48 18.21 20.00
C ASP B 299 -9.54 16.95 20.86
N ALA B 300 -8.37 16.36 21.14
CA ALA B 300 -8.23 15.17 21.98
C ALA B 300 -6.84 15.10 22.59
N ILE B 301 -6.71 14.32 23.67
CA ILE B 301 -5.45 14.10 24.37
C ILE B 301 -5.18 12.62 24.49
N ILE B 302 -3.90 12.24 24.34
CA ILE B 302 -3.41 10.88 24.55
C ILE B 302 -2.61 10.93 25.83
N SER B 303 -2.91 10.02 26.76
CA SER B 303 -2.21 9.98 28.04
C SER B 303 -1.78 8.59 28.38
N SER B 304 -0.61 8.44 29.05
CA SER B 304 -0.11 7.16 29.54
C SER B 304 1.09 7.51 30.44
N1 LLP B 305 3.70 8.54 22.86
C2 LLP B 305 4.72 9.16 23.46
C2' LLP B 305 4.98 10.67 23.39
C3 LLP B 305 5.58 8.42 24.30
O3 LLP B 305 6.58 9.07 24.91
C4 LLP B 305 5.41 7.00 24.54
C4' LLP B 305 6.38 6.25 25.53
C5 LLP B 305 4.32 6.37 23.80
C6 LLP B 305 3.46 7.14 23.00
C5' LLP B 305 4.14 4.92 23.93
OP4 LLP B 305 3.65 4.52 25.22
P LLP B 305 3.96 3.03 25.46
OP1 LLP B 305 5.45 2.78 25.45
OP2 LLP B 305 3.36 2.74 26.75
OP3 LLP B 305 3.32 2.33 24.30
N LLP B 305 2.09 6.62 30.57
CA LLP B 305 3.31 6.90 31.39
CB LLP B 305 4.32 7.82 30.64
CG LLP B 305 5.09 7.03 29.55
CD LLP B 305 6.39 7.71 29.11
CE LLP B 305 7.12 6.79 28.06
NZ LLP B 305 6.49 7.21 26.72
C LLP B 305 2.98 7.36 32.83
O LLP B 305 2.60 6.50 33.63
N ASN B 306 3.06 8.69 33.13
CA ASN B 306 2.81 9.26 34.48
C ASN B 306 1.41 9.08 34.98
N LEU B 307 0.47 8.79 34.08
CA LEU B 307 -0.94 8.57 34.43
C LEU B 307 -1.08 7.66 35.66
N THR B 308 -0.20 6.64 35.79
CA THR B 308 -0.19 5.74 36.95
C THR B 308 1.11 5.81 37.71
N ALA B 309 1.97 6.80 37.39
CA ALA B 309 3.33 6.92 37.99
C ALA B 309 4.14 5.60 37.80
N GLY B 310 3.85 4.89 36.71
CA GLY B 310 4.55 3.65 36.38
C GLY B 310 4.15 2.42 37.19
N PHE B 311 3.11 2.52 38.02
CA PHE B 311 2.68 1.40 38.87
C PHE B 311 1.76 0.41 38.15
N PHE B 312 1.21 0.79 36.98
CA PHE B 312 0.30 -0.10 36.27
C PHE B 312 0.21 0.36 34.81
N PRO B 313 0.14 -0.55 33.83
CA PRO B 313 0.04 -0.09 32.43
C PRO B 313 -1.35 0.43 32.11
N MET B 314 -1.45 1.75 31.91
CA MET B 314 -2.68 2.41 31.50
C MET B 314 -2.37 3.41 30.44
N GLY B 315 -3.27 3.48 29.47
CA GLY B 315 -3.27 4.50 28.45
C GLY B 315 -4.69 5.03 28.41
N ALA B 316 -4.87 6.26 27.93
CA ALA B 316 -6.21 6.84 27.76
C ALA B 316 -6.28 7.79 26.62
N VAL B 317 -7.41 7.71 25.90
CA VAL B 317 -7.73 8.68 24.86
C VAL B 317 -8.81 9.58 25.51
N ILE B 318 -8.55 10.82 25.61
CA ILE B 318 -9.49 11.75 26.26
C ILE B 318 -10.08 12.62 25.16
N LEU B 319 -11.25 12.48 24.72
CA LEU B 319 -11.85 13.20 23.60
C LEU B 319 -12.54 14.45 24.07
N GLY B 320 -12.28 15.57 23.39
CA GLY B 320 -12.89 16.86 23.69
C GLY B 320 -14.36 16.89 23.30
N PRO B 321 -15.09 18.02 23.53
CA PRO B 321 -16.54 18.01 23.27
C PRO B 321 -16.95 17.71 21.83
N GLU B 322 -16.21 18.29 20.86
CA GLU B 322 -16.51 18.17 19.42
C GLU B 322 -16.38 16.74 18.92
N LEU B 323 -15.21 16.11 19.14
CA LEU B 323 -14.99 14.72 18.72
C LEU B 323 -15.87 13.77 19.52
N SER B 324 -16.12 14.02 20.84
CA SER B 324 -17.03 13.17 21.63
C SER B 324 -18.41 13.07 20.97
N LYS B 325 -19.00 14.22 20.67
CA LYS B 325 -20.33 14.33 20.05
C LYS B 325 -20.34 13.64 18.68
N ARG B 326 -19.35 13.96 17.84
CA ARG B 326 -19.24 13.40 16.48
C ARG B 326 -19.03 11.90 16.49
N LEU B 327 -18.15 11.37 17.36
CA LEU B 327 -17.96 9.92 17.47
C LEU B 327 -19.20 9.24 18.04
N GLU B 328 -19.86 9.85 19.05
CA GLU B 328 -21.08 9.24 19.61
C GLU B 328 -22.15 9.06 18.54
N THR B 329 -22.34 10.09 17.67
CA THR B 329 -23.32 10.05 16.57
C THR B 329 -22.99 8.90 15.61
N ALA B 330 -21.72 8.80 15.21
CA ALA B 330 -21.24 7.75 14.31
C ALA B 330 -21.40 6.35 14.93
N ILE B 331 -21.08 6.19 16.23
CA ILE B 331 -21.21 4.88 16.91
C ILE B 331 -22.69 4.47 17.02
N GLU B 332 -23.57 5.43 17.37
CA GLU B 332 -25.01 5.17 17.48
C GLU B 332 -25.61 4.62 16.17
N ALA B 333 -25.16 5.15 15.02
CA ALA B 333 -25.60 4.70 13.69
C ALA B 333 -25.24 3.23 13.40
N ILE B 334 -24.06 2.74 13.87
CA ILE B 334 -23.67 1.32 13.68
C ILE B 334 -23.97 0.43 14.89
N GLU B 335 -24.50 1.06 15.97
CA GLU B 335 -24.94 0.42 17.22
C GLU B 335 -23.86 -0.11 18.15
N GLU B 336 -22.62 -0.28 17.65
CA GLU B 336 -21.51 -0.80 18.45
C GLU B 336 -20.17 -0.36 17.88
N PHE B 337 -19.22 0.11 18.75
CA PHE B 337 -17.88 0.52 18.35
C PHE B 337 -17.00 -0.75 18.53
N PRO B 338 -16.62 -1.42 17.42
CA PRO B 338 -15.95 -2.71 17.53
C PRO B 338 -14.44 -2.56 17.78
N HIS B 339 -14.11 -2.17 19.01
CA HIS B 339 -12.74 -1.85 19.39
C HIS B 339 -12.59 -1.86 20.90
N GLY B 340 -11.46 -2.41 21.36
CA GLY B 340 -11.16 -2.42 22.79
C GLY B 340 -10.10 -3.45 23.12
N PHE B 341 -9.59 -3.40 24.35
CA PHE B 341 -8.56 -4.33 24.79
C PHE B 341 -9.06 -5.00 26.03
N THR B 342 -8.63 -6.25 26.26
CA THR B 342 -9.06 -7.03 27.43
C THR B 342 -8.99 -6.27 28.75
N ALA B 343 -7.85 -5.63 29.01
CA ALA B 343 -7.63 -4.94 30.26
C ALA B 343 -8.00 -3.46 30.23
N SER B 344 -8.58 -2.95 29.12
CA SER B 344 -9.02 -1.54 29.06
C SER B 344 -9.97 -1.26 30.26
N GLY B 345 -9.62 -0.27 31.07
CA GLY B 345 -10.43 0.13 32.21
C GLY B 345 -10.38 -0.79 33.40
N HIS B 346 -9.29 -1.58 33.51
CA HIS B 346 -9.02 -2.49 34.63
C HIS B 346 -9.21 -1.71 35.95
N PRO B 347 -9.96 -2.28 36.94
CA PRO B 347 -10.24 -1.57 38.21
C PRO B 347 -8.98 -1.15 38.97
N VAL B 348 -7.96 -2.03 38.98
CA VAL B 348 -6.69 -1.74 39.66
C VAL B 348 -5.95 -0.56 39.01
N GLY B 349 -5.79 -0.60 37.70
CA GLY B 349 -5.18 0.51 36.97
C GLY B 349 -5.93 1.81 37.20
N CYS B 350 -7.28 1.76 37.22
CA CYS B 350 -8.07 2.99 37.47
C CYS B 350 -7.89 3.51 38.90
N ALA B 351 -7.89 2.61 39.90
CA ALA B 351 -7.66 3.05 41.29
C ALA B 351 -6.27 3.65 41.45
N ILE B 352 -5.27 3.04 40.81
CA ILE B 352 -3.88 3.54 40.88
C ILE B 352 -3.76 4.90 40.19
N ALA B 353 -4.39 5.05 39.01
CA ALA B 353 -4.36 6.34 38.29
C ALA B 353 -4.99 7.45 39.11
N LEU B 354 -6.12 7.16 39.76
CA LEU B 354 -6.79 8.14 40.64
C LEU B 354 -5.80 8.59 41.76
N LYS B 355 -5.03 7.66 42.31
CA LYS B 355 -4.05 8.02 43.35
C LYS B 355 -2.85 8.79 42.78
N ALA B 356 -2.35 8.36 41.62
CA ALA B 356 -1.20 9.00 40.98
C ALA B 356 -1.50 10.43 40.61
N ILE B 357 -2.72 10.70 40.12
CA ILE B 357 -3.12 12.08 39.74
C ILE B 357 -3.17 12.94 40.99
N ASP B 358 -3.75 12.38 42.08
CA ASP B 358 -3.83 13.11 43.35
C ASP B 358 -2.44 13.37 43.94
N VAL B 359 -1.56 12.34 43.91
CA VAL B 359 -0.18 12.48 44.42
C VAL B 359 0.58 13.60 43.65
N VAL B 360 0.55 13.54 42.31
CA VAL B 360 1.22 14.52 41.45
C VAL B 360 0.67 15.94 41.60
N MET B 361 -0.67 16.10 41.49
CA MET B 361 -1.26 17.42 41.55
C MET B 361 -1.39 18.02 42.92
N ASN B 362 -1.67 17.19 43.93
CA ASN B 362 -1.99 17.68 45.26
C ASN B 362 -1.02 17.39 46.39
N GLU B 363 0.05 16.63 46.12
CA GLU B 363 1.03 16.32 47.17
C GLU B 363 2.40 17.00 46.94
N GLY B 364 2.39 18.03 46.10
CA GLY B 364 3.57 18.86 45.85
C GLY B 364 4.51 18.46 44.71
N LEU B 365 4.28 17.28 44.07
CA LEU B 365 5.19 16.80 42.99
C LEU B 365 5.25 17.69 41.76
N ALA B 366 4.08 18.06 41.19
CA ALA B 366 4.04 18.96 40.03
C ALA B 366 4.64 20.31 40.44
N GLU B 367 4.39 20.76 41.69
CA GLU B 367 4.94 22.02 42.17
C GLU B 367 6.46 21.97 42.33
N ASN B 368 7.01 20.80 42.74
CA ASN B 368 8.45 20.65 42.89
C ASN B 368 9.16 20.82 41.53
N VAL B 369 8.49 20.41 40.43
CA VAL B 369 9.02 20.56 39.05
C VAL B 369 9.20 22.07 38.80
N ARG B 370 8.15 22.87 39.08
CA ARG B 370 8.18 24.33 38.92
C ARG B 370 9.22 24.97 39.82
N ARG B 371 9.35 24.49 41.07
CA ARG B 371 10.29 25.02 42.06
C ARG B 371 11.75 24.82 41.61
N LEU B 372 12.07 23.61 41.15
CA LEU B 372 13.44 23.22 40.79
C LEU B 372 13.87 23.40 39.35
N ALA B 373 12.93 23.67 38.42
CA ALA B 373 13.23 23.93 37.00
C ALA B 373 14.27 25.07 36.83
N PRO B 374 14.22 26.22 37.57
CA PRO B 374 15.26 27.26 37.34
C PRO B 374 16.68 26.81 37.68
N ARG B 375 16.86 26.10 38.81
CA ARG B 375 18.14 25.52 39.27
C ARG B 375 18.63 24.48 38.25
N PHE B 376 17.69 23.66 37.69
CA PHE B 376 17.97 22.64 36.67
C PHE B 376 18.59 23.32 35.44
N GLU B 377 17.94 24.38 34.96
CA GLU B 377 18.36 25.12 33.79
C GLU B 377 19.70 25.86 33.98
N GLU B 378 19.91 26.46 35.18
CA GLU B 378 21.14 27.21 35.52
C GLU B 378 22.38 26.28 35.45
N ARG B 379 22.25 25.05 35.95
CA ARG B 379 23.35 24.08 35.90
C ARG B 379 23.63 23.59 34.46
N LEU B 380 22.58 23.37 33.69
CA LEU B 380 22.75 22.96 32.28
C LEU B 380 23.41 24.06 31.47
N LYS B 381 23.07 25.33 31.77
CA LYS B 381 23.64 26.51 31.12
C LYS B 381 25.16 26.56 31.39
N HIS B 382 25.57 26.23 32.61
CA HIS B 382 27.00 26.21 32.95
C HIS B 382 27.72 25.05 32.25
N ILE B 383 27.08 23.88 32.16
CA ILE B 383 27.61 22.68 31.48
C ILE B 383 27.75 22.96 29.97
N ALA B 384 26.80 23.71 29.38
CA ALA B 384 26.80 24.06 27.95
C ALA B 384 27.95 25.01 27.52
N GLU B 385 28.76 25.47 28.49
CA GLU B 385 29.92 26.33 28.24
C GLU B 385 31.05 25.48 27.69
N ARG B 386 31.03 24.15 27.96
CA ARG B 386 32.02 23.19 27.46
C ARG B 386 32.07 23.24 25.92
N PRO B 387 33.27 23.15 25.28
CA PRO B 387 33.32 23.21 23.81
C PRO B 387 32.63 22.05 23.09
N ASN B 388 32.42 20.92 23.77
CA ASN B 388 31.77 19.77 23.15
C ASN B 388 30.28 19.69 23.38
N ILE B 389 29.66 20.76 23.91
CA ILE B 389 28.21 20.79 24.10
C ILE B 389 27.67 21.85 23.13
N GLY B 390 26.92 21.39 22.12
CA GLY B 390 26.30 22.25 21.10
C GLY B 390 25.19 23.10 21.68
N GLU B 391 24.36 22.49 22.53
CA GLU B 391 23.27 23.18 23.22
C GLU B 391 22.72 22.39 24.37
N TYR B 392 21.97 23.09 25.20
CA TYR B 392 21.13 22.49 26.20
C TYR B 392 19.72 22.92 25.76
N ARG B 393 18.74 22.10 26.04
CA ARG B 393 17.36 22.42 25.69
C ARG B 393 16.41 21.74 26.65
N GLY B 394 15.22 22.29 26.80
CA GLY B 394 14.19 21.68 27.65
C GLY B 394 13.34 22.66 28.41
N ILE B 395 12.59 22.12 29.38
CA ILE B 395 11.63 22.86 30.19
C ILE B 395 11.20 22.00 31.36
N GLY B 396 10.88 22.65 32.48
CA GLY B 396 10.41 21.98 33.69
C GLY B 396 11.39 20.92 34.15
N PHE B 397 10.99 19.64 34.05
CA PHE B 397 11.81 18.50 34.43
C PHE B 397 12.16 17.58 33.24
N MET B 398 12.29 18.15 32.04
CA MET B 398 12.73 17.37 30.85
C MET B 398 13.79 18.19 30.15
N TRP B 399 15.03 17.69 30.11
CA TRP B 399 16.13 18.44 29.53
C TRP B 399 17.03 17.53 28.73
N ALA B 400 17.82 18.13 27.83
CA ALA B 400 18.80 17.39 27.04
C ALA B 400 20.05 18.21 26.80
N LEU B 401 21.17 17.52 26.59
CA LEU B 401 22.46 18.13 26.25
C LEU B 401 22.88 17.51 24.93
N GLU B 402 23.23 18.34 23.95
CA GLU B 402 23.64 17.86 22.62
C GLU B 402 25.16 17.93 22.53
N ALA B 403 25.80 16.79 22.21
CA ALA B 403 27.27 16.73 22.05
C ALA B 403 27.67 17.05 20.62
N VAL B 404 28.75 17.82 20.46
CA VAL B 404 29.32 18.20 19.16
C VAL B 404 30.84 18.06 19.18
N LYS B 405 31.43 17.78 18.01
CA LYS B 405 32.88 17.73 17.83
C LYS B 405 33.37 19.19 17.75
N ASP B 406 32.61 20.04 17.02
CA ASP B 406 32.92 21.46 16.86
C ASP B 406 31.65 22.29 17.03
N LYS B 407 31.64 23.19 18.03
CA LYS B 407 30.52 24.06 18.37
C LYS B 407 30.14 25.08 17.27
N ALA B 408 31.11 25.90 16.81
CA ALA B 408 30.90 26.94 15.79
C ALA B 408 30.21 26.48 14.50
N SER B 409 30.55 25.27 14.02
CA SER B 409 29.97 24.69 12.80
C SER B 409 28.87 23.64 13.09
N LYS B 410 28.60 23.35 14.38
CA LYS B 410 27.62 22.34 14.85
C LYS B 410 27.93 20.96 14.29
N THR B 411 29.22 20.65 14.15
CA THR B 411 29.67 19.37 13.61
C THR B 411 29.60 18.33 14.69
N PRO B 412 28.88 17.21 14.48
CA PRO B 412 28.85 16.18 15.50
C PRO B 412 30.09 15.28 15.41
N PHE B 413 30.24 14.38 16.38
CA PHE B 413 31.26 13.35 16.37
C PHE B 413 30.72 12.30 15.42
N ASP B 414 31.62 11.53 14.77
CA ASP B 414 31.22 10.47 13.85
C ASP B 414 30.29 9.50 14.59
N GLY B 415 29.27 9.00 13.89
CA GLY B 415 28.30 8.07 14.45
C GLY B 415 28.92 6.83 15.06
N ASN B 416 30.05 6.37 14.48
CA ASN B 416 30.81 5.19 14.89
C ASN B 416 31.43 5.32 16.30
N LEU B 417 31.61 6.56 16.79
CA LEU B 417 32.16 6.85 18.11
C LEU B 417 31.15 6.59 19.24
N SER B 418 29.84 6.52 18.91
CA SER B 418 28.73 6.27 19.82
C SER B 418 28.81 7.14 21.10
N VAL B 419 29.04 8.46 20.92
CA VAL B 419 29.25 9.40 22.02
C VAL B 419 28.19 9.39 23.13
N SER B 420 26.90 9.44 22.75
CA SER B 420 25.80 9.47 23.72
C SER B 420 25.77 8.17 24.52
N GLU B 421 25.97 7.03 23.83
CA GLU B 421 26.04 5.71 24.46
C GLU B 421 27.20 5.62 25.45
N ARG B 422 28.36 6.18 25.08
CA ARG B 422 29.55 6.20 25.93
C ARG B 422 29.27 6.98 27.21
N ILE B 423 28.61 8.16 27.08
CA ILE B 423 28.24 9.00 28.23
C ILE B 423 27.26 8.21 29.12
N ALA B 424 26.24 7.57 28.52
CA ALA B 424 25.24 6.82 29.27
C ALA B 424 25.85 5.64 30.04
N ASN B 425 26.79 4.90 29.40
CA ASN B 425 27.48 3.77 30.01
C ASN B 425 28.35 4.23 31.15
N THR B 426 29.08 5.35 30.95
CA THR B 426 29.96 5.95 31.96
C THR B 426 29.11 6.43 33.12
N CYS B 427 27.92 7.02 32.84
CA CYS B 427 26.99 7.44 33.90
C CYS B 427 26.60 6.24 34.76
N THR B 428 26.24 5.11 34.13
CA THR B 428 25.87 3.86 34.84
C THR B 428 26.98 3.42 35.79
N ASP B 429 28.26 3.47 35.32
CA ASP B 429 29.44 3.13 36.11
C ASP B 429 29.63 4.06 37.30
N LEU B 430 29.08 5.27 37.21
CA LEU B 430 29.14 6.29 38.28
C LEU B 430 27.88 6.32 39.15
N GLY B 431 26.97 5.38 38.98
CA GLY B 431 25.74 5.33 39.76
C GLY B 431 24.66 6.28 39.30
N LEU B 432 24.60 6.56 37.99
CA LEU B 432 23.57 7.41 37.41
C LEU B 432 22.99 6.78 36.15
N ILE B 433 21.64 6.72 36.06
CA ILE B 433 20.97 6.24 34.84
C ILE B 433 20.45 7.47 34.11
N CYS B 434 20.83 7.62 32.84
CA CYS B 434 20.28 8.69 32.00
C CYS B 434 19.93 8.12 30.63
N PHE B 435 19.31 8.91 29.75
CA PHE B 435 18.87 8.38 28.45
C PHE B 435 19.66 8.91 27.23
N PRO B 436 20.43 8.03 26.52
CA PRO B 436 21.13 8.48 25.32
C PRO B 436 20.21 8.44 24.10
N LEU B 437 20.32 9.45 23.22
CA LEU B 437 19.54 9.48 21.97
C LEU B 437 20.25 10.30 20.91
N GLY B 438 20.61 9.66 19.80
CA GLY B 438 21.36 10.28 18.73
C GLY B 438 22.68 10.77 19.29
N GLN B 439 22.90 12.10 19.25
CA GLN B 439 24.09 12.72 19.81
C GLN B 439 23.79 13.41 21.13
N SER B 440 22.62 13.14 21.70
CA SER B 440 22.19 13.78 22.94
C SER B 440 22.09 12.84 24.12
N VAL B 441 22.08 13.43 25.32
CA VAL B 441 21.87 12.76 26.59
C VAL B 441 20.70 13.51 27.25
N VAL B 442 19.67 12.77 27.62
CA VAL B 442 18.42 13.25 28.19
C VAL B 442 18.36 13.05 29.71
N LEU B 443 17.80 14.04 30.43
CA LEU B 443 17.55 13.95 31.86
C LEU B 443 16.06 14.21 32.08
N CYS B 444 15.34 13.21 32.61
CA CYS B 444 13.91 13.31 32.92
C CYS B 444 13.65 12.72 34.30
N PRO B 445 14.15 13.37 35.37
CA PRO B 445 14.10 12.74 36.69
C PRO B 445 12.75 12.75 37.39
N PRO B 446 12.61 11.92 38.45
CA PRO B 446 11.33 11.87 39.18
C PRO B 446 11.03 13.22 39.78
N PHE B 447 9.74 13.54 39.94
CA PHE B 447 9.28 14.83 40.47
C PHE B 447 9.61 14.99 41.95
N ILE B 448 9.95 13.87 42.63
CA ILE B 448 10.32 13.86 44.06
C ILE B 448 11.78 14.26 44.29
N LEU B 449 12.56 14.48 43.21
CA LEU B 449 13.96 14.85 43.28
C LEU B 449 14.20 16.05 44.19
N THR B 450 15.12 15.92 45.13
CA THR B 450 15.49 17.03 46.02
C THR B 450 16.63 17.80 45.36
N GLU B 451 16.98 18.97 45.90
CA GLU B 451 18.11 19.76 45.40
C GLU B 451 19.43 18.95 45.53
N ALA B 452 19.61 18.22 46.65
CA ALA B 452 20.82 17.40 46.88
C ALA B 452 20.92 16.27 45.84
N GLN B 453 19.80 15.62 45.49
CA GLN B 453 19.78 14.57 44.47
C GLN B 453 19.99 15.16 43.08
N MET B 454 19.50 16.39 42.84
CA MET B 454 19.75 17.09 41.58
C MET B 454 21.25 17.38 41.46
N ASP B 455 21.88 17.83 42.56
CA ASP B 455 23.32 18.11 42.60
C ASP B 455 24.11 16.81 42.32
N GLU B 456 23.67 15.68 42.92
CA GLU B 456 24.28 14.35 42.76
C GLU B 456 24.18 13.93 41.29
N MET B 457 22.99 14.15 40.67
CA MET B 457 22.72 13.85 39.28
C MET B 457 23.75 14.55 38.37
N PHE B 458 23.87 15.89 38.51
CA PHE B 458 24.80 16.70 37.72
C PHE B 458 26.27 16.44 37.98
N ASP B 459 26.64 16.18 39.25
CA ASP B 459 28.03 15.86 39.60
C ASP B 459 28.47 14.59 38.88
N LYS B 460 27.61 13.58 38.88
CA LYS B 460 27.90 12.32 38.20
C LYS B 460 27.95 12.52 36.67
N LEU B 461 26.99 13.29 36.09
CA LEU B 461 26.92 13.57 34.65
C LEU B 461 28.18 14.31 34.19
N GLU B 462 28.57 15.37 34.91
CA GLU B 462 29.76 16.16 34.58
C GLU B 462 31.04 15.34 34.55
N LYS B 463 31.19 14.38 35.49
CA LYS B 463 32.36 13.49 35.54
C LYS B 463 32.36 12.58 34.30
N ALA B 464 31.17 12.08 33.91
CA ALA B 464 30.99 11.22 32.74
C ALA B 464 31.32 11.98 31.46
N LEU B 465 30.92 13.27 31.40
CA LEU B 465 31.19 14.15 30.27
C LEU B 465 32.70 14.38 30.14
N ASP B 466 33.39 14.69 31.28
CA ASP B 466 34.85 14.88 31.32
C ASP B 466 35.58 13.65 30.76
N LYS B 467 35.17 12.43 31.20
CA LYS B 467 35.81 11.18 30.78
C LYS B 467 35.65 10.91 29.30
N VAL B 468 34.41 10.95 28.79
CA VAL B 468 34.08 10.69 27.38
C VAL B 468 34.75 11.71 26.42
N PHE B 469 34.62 13.02 26.71
CA PHE B 469 35.22 14.06 25.88
C PHE B 469 36.75 14.06 25.85
N ALA B 470 37.41 13.57 26.93
CA ALA B 470 38.87 13.48 26.99
C ALA B 470 39.39 12.35 26.08
N GLU B 471 38.61 11.27 25.94
CA GLU B 471 38.96 10.12 25.10
C GLU B 471 38.66 10.38 23.64
N VAL B 472 37.57 11.11 23.38
CA VAL B 472 37.05 11.36 22.05
C VAL B 472 37.42 12.69 21.36
N ALA B 473 37.79 13.73 22.15
CA ALA B 473 38.17 15.05 21.60
C ALA B 473 39.58 15.48 22.00
N ASN C 22 -32.81 9.58 -32.92
CA ASN C 22 -32.38 10.96 -32.73
C ASN C 22 -31.11 11.27 -33.58
N LYS C 23 -29.95 10.74 -33.17
CA LYS C 23 -28.62 10.83 -33.83
C LYS C 23 -28.00 12.23 -34.17
N PRO C 24 -26.72 12.46 -33.77
CA PRO C 24 -26.07 13.75 -34.08
C PRO C 24 -25.79 13.94 -35.57
N GLN C 25 -25.86 15.20 -36.06
CA GLN C 25 -25.69 15.55 -37.48
C GLN C 25 -24.29 16.14 -37.81
N SER C 26 -23.94 17.23 -37.13
CA SER C 26 -22.69 17.96 -37.35
C SER C 26 -21.48 17.21 -36.77
N TRP C 27 -20.28 17.62 -37.20
CA TRP C 27 -19.03 17.04 -36.72
C TRP C 27 -18.91 17.23 -35.21
N GLU C 28 -19.28 18.44 -34.73
CA GLU C 28 -19.23 18.87 -33.33
C GLU C 28 -20.14 18.03 -32.43
N ALA C 29 -21.39 17.79 -32.86
CA ALA C 29 -22.37 16.99 -32.14
C ALA C 29 -21.96 15.49 -32.14
N ARG C 30 -21.42 15.00 -33.27
CA ARG C 30 -20.94 13.60 -33.37
C ARG C 30 -19.79 13.40 -32.41
N ALA C 31 -18.85 14.36 -32.32
CA ALA C 31 -17.71 14.26 -31.41
C ALA C 31 -18.19 14.22 -29.94
N GLU C 32 -19.17 15.05 -29.57
CA GLU C 32 -19.69 15.09 -28.20
C GLU C 32 -20.52 13.87 -27.81
N THR C 33 -21.18 13.23 -28.78
CA THR C 33 -22.04 12.08 -28.54
C THR C 33 -21.24 10.79 -28.24
N TYR C 34 -20.13 10.57 -28.95
CA TYR C 34 -19.38 9.31 -28.85
C TYR C 34 -18.04 9.36 -28.18
N SER C 35 -17.58 10.55 -27.79
CA SER C 35 -16.26 10.66 -27.17
C SER C 35 -16.31 10.73 -25.65
N LEU C 36 -15.31 10.13 -25.00
CA LEU C 36 -15.04 10.33 -23.59
C LEU C 36 -13.80 11.24 -23.65
N TYR C 37 -13.99 12.55 -23.42
CA TYR C 37 -12.89 13.53 -23.53
C TYR C 37 -11.79 13.40 -22.50
N GLY C 38 -10.54 13.39 -22.97
CA GLY C 38 -9.36 13.39 -22.11
C GLY C 38 -8.69 14.75 -22.14
N TRP C 39 -8.16 15.21 -20.97
CA TRP C 39 -7.44 16.51 -20.83
C TRP C 39 -8.23 17.69 -21.45
N THR C 40 -9.56 17.67 -21.32
CA THR C 40 -10.42 18.68 -21.93
C THR C 40 -11.23 19.41 -20.88
N ASP C 41 -11.10 20.74 -20.84
CA ASP C 41 -11.90 21.57 -19.94
C ASP C 41 -13.32 21.52 -20.48
N MET C 42 -14.20 20.82 -19.76
CA MET C 42 -15.59 20.58 -20.15
C MET C 42 -16.46 21.83 -20.25
N PRO C 43 -16.39 22.83 -19.32
CA PRO C 43 -17.19 24.05 -19.52
C PRO C 43 -16.80 24.81 -20.80
N SER C 44 -15.50 24.79 -21.16
CA SER C 44 -15.02 25.40 -22.41
C SER C 44 -15.56 24.60 -23.60
N LEU C 45 -15.46 23.24 -23.55
CA LEU C 45 -15.94 22.40 -24.65
C LEU C 45 -17.43 22.64 -24.97
N HIS C 46 -18.30 22.66 -23.95
CA HIS C 46 -19.73 22.88 -24.19
C HIS C 46 -20.05 24.27 -24.76
N GLN C 47 -19.30 25.28 -24.34
CA GLN C 47 -19.48 26.65 -24.83
C GLN C 47 -18.93 26.82 -26.25
N ARG C 48 -17.75 26.25 -26.51
CA ARG C 48 -17.05 26.44 -27.79
C ARG C 48 -17.26 25.39 -28.85
N GLY C 49 -17.48 24.14 -28.45
CA GLY C 49 -17.58 23.01 -29.37
C GLY C 49 -16.21 22.41 -29.60
N THR C 50 -16.16 21.14 -30.07
CA THR C 50 -14.89 20.47 -30.38
C THR C 50 -14.32 21.07 -31.67
N VAL C 51 -12.98 21.25 -31.73
CA VAL C 51 -12.32 21.69 -32.95
C VAL C 51 -12.03 20.35 -33.69
N VAL C 52 -12.75 20.06 -34.78
CA VAL C 52 -12.57 18.81 -35.55
C VAL C 52 -11.66 19.14 -36.72
N VAL C 53 -10.43 18.61 -36.68
CA VAL C 53 -9.35 18.90 -37.65
C VAL C 53 -9.31 17.88 -38.80
N THR C 54 -9.14 18.34 -40.05
CA THR C 54 -9.12 17.42 -41.20
C THR C 54 -7.77 17.30 -41.88
N HIS C 55 -6.92 18.34 -41.78
CA HIS C 55 -5.62 18.34 -42.44
C HIS C 55 -4.80 19.53 -41.94
N GLY C 56 -3.57 19.60 -42.41
CA GLY C 56 -2.64 20.64 -42.04
C GLY C 56 -1.73 21.04 -43.18
N GLU C 57 -0.93 22.08 -42.96
CA GLU C 57 0.01 22.63 -43.95
C GLU C 57 1.10 23.30 -43.17
N GLY C 58 2.33 22.82 -43.27
CA GLY C 58 3.43 23.40 -42.49
C GLY C 58 3.09 23.40 -41.01
N PRO C 59 3.19 24.55 -40.30
CA PRO C 59 2.83 24.55 -38.87
C PRO C 59 1.33 24.82 -38.61
N TYR C 60 0.50 24.81 -39.67
CA TYR C 60 -0.93 25.11 -39.55
C TYR C 60 -1.81 23.87 -39.61
N ILE C 61 -2.96 23.95 -38.94
CA ILE C 61 -3.99 22.91 -38.97
C ILE C 61 -5.25 23.59 -39.51
N VAL C 62 -6.10 22.81 -40.16
CA VAL C 62 -7.35 23.33 -40.74
C VAL C 62 -8.50 22.46 -40.22
N ASP C 63 -9.55 23.10 -39.72
CA ASP C 63 -10.72 22.38 -39.21
C ASP C 63 -11.78 22.14 -40.29
N VAL C 64 -12.85 21.40 -39.93
CA VAL C 64 -13.98 21.05 -40.80
C VAL C 64 -14.69 22.29 -41.37
N ASN C 65 -14.55 23.43 -40.71
CA ASN C 65 -15.18 24.68 -41.17
C ASN C 65 -14.25 25.56 -41.99
N GLY C 66 -13.08 25.04 -42.32
CA GLY C 66 -12.09 25.79 -43.09
C GLY C 66 -11.36 26.87 -42.31
N ARG C 67 -11.39 26.83 -40.97
CA ARG C 67 -10.63 27.81 -40.18
C ARG C 67 -9.22 27.29 -40.03
N ARG C 68 -8.24 28.14 -40.29
CA ARG C 68 -6.84 27.74 -40.16
C ARG C 68 -6.28 28.25 -38.85
N TYR C 69 -5.40 27.46 -38.20
CA TYR C 69 -4.77 27.83 -36.94
C TYR C 69 -3.29 27.58 -36.99
N LEU C 70 -2.51 28.52 -36.47
CA LEU C 70 -1.08 28.27 -36.37
C LEU C 70 -0.93 27.45 -35.07
N ASP C 71 -0.51 26.17 -35.18
CA ASP C 71 -0.41 25.34 -33.97
C ASP C 71 0.95 25.53 -33.36
N ALA C 72 1.02 26.49 -32.45
CA ALA C 72 2.25 26.86 -31.76
C ALA C 72 2.59 25.89 -30.65
N ASN C 73 1.84 24.77 -30.52
CA ASN C 73 2.17 23.70 -29.57
C ASN C 73 2.64 22.43 -30.31
N SER C 74 2.80 22.48 -31.66
CA SER C 74 3.19 21.33 -32.50
C SER C 74 2.23 20.16 -32.17
N GLY C 75 0.96 20.48 -31.93
CA GLY C 75 -0.02 19.48 -31.51
C GLY C 75 0.16 19.28 -30.01
N LEU C 76 0.91 18.25 -29.62
CA LEU C 76 1.26 17.98 -28.22
C LEU C 76 2.76 17.88 -28.09
N PHE C 77 3.46 18.97 -28.52
CA PHE C 77 4.92 19.14 -28.55
C PHE C 77 5.62 18.26 -29.59
N ASN C 78 4.87 17.33 -30.19
CA ASN C 78 5.47 16.28 -31.02
C ASN C 78 5.53 16.47 -32.50
N MET C 79 4.68 17.34 -33.07
CA MET C 79 4.70 17.51 -34.54
C MET C 79 5.73 18.54 -35.03
N VAL C 80 6.99 18.31 -34.69
CA VAL C 80 8.14 19.17 -34.99
C VAL C 80 8.41 19.48 -36.48
N ALA C 81 7.99 18.59 -37.40
CA ALA C 81 8.17 18.77 -38.85
C ALA C 81 6.87 19.30 -39.47
N GLY C 82 5.96 19.75 -38.62
CA GLY C 82 4.67 20.27 -39.07
C GLY C 82 3.67 19.19 -39.44
N PHE C 83 2.60 19.60 -40.14
CA PHE C 83 1.43 18.76 -40.42
C PHE C 83 1.26 18.16 -41.79
N ASP C 84 2.20 18.38 -42.71
CA ASP C 84 2.11 17.78 -44.05
C ASP C 84 3.50 17.48 -44.64
N HIS C 85 4.50 17.25 -43.77
CA HIS C 85 5.87 17.02 -44.21
C HIS C 85 5.95 15.90 -45.26
N LYS C 86 6.27 16.26 -46.51
CA LYS C 86 6.32 15.31 -47.63
C LYS C 86 7.31 14.13 -47.44
N GLY C 87 8.52 14.42 -46.97
CA GLY C 87 9.52 13.38 -46.70
C GLY C 87 9.02 12.31 -45.75
N LEU C 88 8.43 12.76 -44.63
CA LEU C 88 7.89 11.85 -43.62
C LEU C 88 6.65 11.08 -44.12
N ILE C 89 5.79 11.75 -44.91
CA ILE C 89 4.61 11.12 -45.51
C ILE C 89 5.07 9.99 -46.44
N ASP C 90 6.07 10.28 -47.32
CA ASP C 90 6.61 9.30 -48.28
C ASP C 90 7.28 8.13 -47.56
N ALA C 91 8.05 8.39 -46.48
CA ALA C 91 8.70 7.31 -45.70
C ALA C 91 7.66 6.38 -45.05
N ALA C 92 6.55 6.96 -44.53
CA ALA C 92 5.46 6.19 -43.91
C ALA C 92 4.79 5.33 -44.98
N LYS C 93 4.45 5.93 -46.15
CA LYS C 93 3.84 5.18 -47.27
C LYS C 93 4.77 4.06 -47.77
N ALA C 94 6.08 4.36 -47.92
CA ALA C 94 7.06 3.36 -48.38
C ALA C 94 7.14 2.13 -47.47
N GLN C 95 7.08 2.34 -46.13
CA GLN C 95 7.13 1.21 -45.21
C GLN C 95 5.85 0.40 -45.24
N TYR C 96 4.67 1.05 -45.39
CA TYR C 96 3.43 0.30 -45.51
C TYR C 96 3.46 -0.60 -46.72
N GLU C 97 4.09 -0.15 -47.81
CA GLU C 97 4.23 -0.95 -49.05
C GLU C 97 5.21 -2.09 -48.86
N ARG C 98 6.26 -1.90 -48.02
CA ARG C 98 7.30 -2.90 -47.77
C ARG C 98 6.90 -3.98 -46.77
N PHE C 99 6.50 -3.59 -45.55
CA PHE C 99 6.11 -4.52 -44.48
C PHE C 99 5.30 -3.69 -43.46
N PRO C 100 3.97 -3.81 -43.52
CA PRO C 100 3.07 -2.93 -42.74
C PRO C 100 2.89 -3.24 -41.26
N GLY C 101 3.38 -4.37 -40.81
CA GLY C 101 3.20 -4.73 -39.41
C GLY C 101 3.91 -5.98 -39.01
N TYR C 102 4.41 -5.98 -37.76
CA TYR C 102 5.06 -7.09 -37.06
C TYR C 102 5.33 -6.72 -35.61
N HIS C 103 5.92 -7.64 -34.87
CA HIS C 103 6.24 -7.48 -33.46
C HIS C 103 7.77 -7.60 -33.25
N ALA C 104 8.23 -7.46 -32.01
CA ALA C 104 9.64 -7.56 -31.66
C ALA C 104 9.76 -8.40 -30.39
N ALA C 105 9.04 -9.54 -30.38
CA ALA C 105 9.04 -10.47 -29.25
C ALA C 105 9.27 -11.89 -29.73
N PHE C 106 9.51 -12.82 -28.77
CA PHE C 106 9.72 -14.24 -29.06
C PHE C 106 10.88 -14.53 -30.01
N GLY C 107 11.95 -13.74 -29.90
CA GLY C 107 13.16 -13.95 -30.69
C GLY C 107 13.09 -13.50 -32.14
N LYS C 108 12.10 -12.65 -32.46
CA LYS C 108 11.85 -12.09 -33.81
C LYS C 108 11.69 -10.58 -33.74
N MET C 109 11.97 -9.88 -34.84
CA MET C 109 11.80 -8.43 -35.01
C MET C 109 12.04 -8.09 -36.48
N SER C 110 11.63 -6.88 -36.91
CA SER C 110 11.83 -6.47 -38.30
C SER C 110 13.26 -5.93 -38.50
N ASP C 111 13.67 -5.80 -39.76
CA ASP C 111 14.97 -5.21 -40.12
C ASP C 111 14.99 -3.74 -39.67
N GLN C 112 13.83 -3.05 -39.75
CA GLN C 112 13.65 -1.66 -39.33
C GLN C 112 13.92 -1.49 -37.82
N THR C 113 13.45 -2.44 -36.99
CA THR C 113 13.67 -2.46 -35.53
C THR C 113 15.19 -2.46 -35.21
N VAL C 114 15.93 -3.35 -35.90
CA VAL C 114 17.39 -3.50 -35.75
C VAL C 114 18.07 -2.18 -36.13
N MET C 115 17.71 -1.62 -37.30
CA MET C 115 18.27 -0.36 -37.78
C MET C 115 17.98 0.80 -36.82
N LEU C 116 16.77 0.87 -36.26
CA LEU C 116 16.47 1.96 -35.32
C LEU C 116 17.24 1.79 -34.02
N SER C 117 17.38 0.54 -33.53
CA SER C 117 18.10 0.33 -32.26
C SER C 117 19.54 0.80 -32.37
N GLU C 118 20.18 0.47 -33.49
CA GLU C 118 21.55 0.83 -33.82
C GLU C 118 21.67 2.37 -33.93
N LYS C 119 20.71 3.02 -34.62
CA LYS C 119 20.64 4.48 -34.79
C LYS C 119 20.45 5.22 -33.46
N LEU C 120 19.54 4.72 -32.58
CA LEU C 120 19.26 5.33 -31.28
C LEU C 120 20.48 5.27 -30.38
N VAL C 121 21.20 4.14 -30.37
CA VAL C 121 22.41 4.03 -29.56
C VAL C 121 23.47 5.04 -30.09
N GLU C 122 23.60 5.13 -31.43
CA GLU C 122 24.54 6.03 -32.09
C GLU C 122 24.28 7.51 -31.73
N VAL C 123 23.03 7.97 -31.88
CA VAL C 123 22.65 9.38 -31.61
C VAL C 123 22.56 9.72 -30.11
N SER C 124 22.36 8.70 -29.26
CA SER C 124 22.33 8.88 -27.81
C SER C 124 23.75 9.30 -27.36
N PRO C 125 23.92 9.91 -26.16
CA PRO C 125 25.29 10.24 -25.70
C PRO C 125 26.07 9.01 -25.21
N PHE C 126 25.44 7.82 -25.28
CA PHE C 126 26.12 6.60 -24.87
C PHE C 126 27.02 6.07 -25.99
N ASP C 127 28.15 5.44 -25.61
CA ASP C 127 29.07 4.80 -26.55
C ASP C 127 28.47 3.48 -27.01
N SER C 128 27.72 2.82 -26.12
CA SER C 128 27.06 1.54 -26.40
C SER C 128 25.79 1.45 -25.56
N GLY C 129 24.96 0.47 -25.88
CA GLY C 129 23.75 0.29 -25.11
C GLY C 129 22.72 -0.57 -25.80
N ARG C 130 21.53 -0.63 -25.20
CA ARG C 130 20.43 -1.46 -25.68
C ARG C 130 19.14 -0.66 -25.67
N VAL C 131 18.24 -1.00 -26.59
CA VAL C 131 16.96 -0.30 -26.77
C VAL C 131 15.79 -1.28 -26.54
N PHE C 132 14.77 -0.84 -25.81
CA PHE C 132 13.50 -1.58 -25.58
C PHE C 132 12.40 -0.67 -26.08
N TYR C 133 11.51 -1.17 -26.92
CA TYR C 133 10.45 -0.33 -27.48
C TYR C 133 9.13 -0.43 -26.77
N THR C 134 8.36 0.68 -26.84
CA THR C 134 6.99 0.82 -26.35
C THR C 134 6.22 1.62 -27.41
N ASN C 135 4.95 1.93 -27.15
CA ASN C 135 4.17 2.77 -28.05
C ASN C 135 4.20 4.22 -27.57
N SER C 136 4.30 4.43 -26.24
CA SER C 136 4.21 5.77 -25.67
C SER C 136 5.26 6.04 -24.62
N GLY C 137 5.37 7.32 -24.27
CA GLY C 137 6.27 7.79 -23.22
C GLY C 137 5.84 7.26 -21.87
N SER C 138 4.50 7.13 -21.66
CA SER C 138 3.96 6.59 -20.40
C SER C 138 4.38 5.13 -20.21
N GLU C 139 4.24 4.32 -21.27
CA GLU C 139 4.63 2.90 -21.23
C GLU C 139 6.14 2.77 -21.05
N ALA C 140 6.92 3.67 -21.69
CA ALA C 140 8.40 3.63 -21.60
C ALA C 140 8.82 3.90 -20.14
N ASN C 141 8.20 4.90 -19.48
CA ASN C 141 8.49 5.22 -18.06
C ASN C 141 8.04 4.07 -17.16
N ASP C 142 6.84 3.51 -17.45
CA ASP C 142 6.29 2.36 -16.71
C ASP C 142 7.25 1.19 -16.87
N THR C 143 7.78 0.98 -18.11
CA THR C 143 8.78 -0.03 -18.45
C THR C 143 10.07 0.17 -17.68
N MET C 144 10.61 1.41 -17.67
CA MET C 144 11.85 1.66 -16.96
C MET C 144 11.73 1.33 -15.46
N VAL C 145 10.62 1.71 -14.84
CA VAL C 145 10.36 1.41 -13.42
C VAL C 145 10.41 -0.11 -13.19
N LYS C 146 9.66 -0.89 -14.00
CA LYS C 146 9.67 -2.37 -13.87
C LYS C 146 11.08 -2.96 -14.06
N MET C 147 11.86 -2.42 -15.01
CA MET C 147 13.25 -2.86 -15.28
C MET C 147 14.10 -2.63 -14.04
N LEU C 148 13.91 -1.49 -13.35
CA LEU C 148 14.65 -1.19 -12.11
C LEU C 148 14.24 -2.13 -10.99
N TRP C 149 12.93 -2.36 -10.84
CA TRP C 149 12.44 -3.32 -9.82
C TRP C 149 13.02 -4.70 -10.09
N PHE C 150 13.01 -5.12 -11.35
CA PHE C 150 13.54 -6.42 -11.78
C PHE C 150 15.03 -6.53 -11.45
N LEU C 151 15.81 -5.53 -11.87
CA LEU C 151 17.26 -5.49 -11.70
C LEU C 151 17.70 -5.52 -10.26
N HIS C 152 17.18 -4.58 -9.45
CA HIS C 152 17.54 -4.50 -8.04
C HIS C 152 17.21 -5.78 -7.28
N ALA C 153 16.04 -6.39 -7.55
CA ALA C 153 15.67 -7.65 -6.87
C ALA C 153 16.60 -8.79 -7.30
N ALA C 154 16.97 -8.84 -8.59
CA ALA C 154 17.90 -9.84 -9.13
C ALA C 154 19.29 -9.68 -8.51
N GLU C 155 19.67 -8.44 -8.18
CA GLU C 155 20.97 -8.14 -7.55
C GLU C 155 20.96 -8.29 -6.02
N GLY C 156 19.85 -8.79 -5.47
CA GLY C 156 19.72 -9.04 -4.03
C GLY C 156 19.17 -7.91 -3.18
N LYS C 157 18.51 -6.92 -3.81
CA LYS C 157 17.90 -5.81 -3.10
C LYS C 157 16.42 -5.65 -3.51
N PRO C 158 15.53 -6.60 -3.12
CA PRO C 158 14.11 -6.47 -3.51
C PRO C 158 13.36 -5.30 -2.88
N GLN C 159 13.92 -4.66 -1.83
CA GLN C 159 13.30 -3.49 -1.20
C GLN C 159 13.62 -2.18 -1.99
N LYS C 160 14.58 -2.24 -2.94
CA LYS C 160 15.00 -1.09 -3.74
C LYS C 160 13.92 -0.84 -4.79
N ARG C 161 12.83 -0.17 -4.36
CA ARG C 161 11.66 0.03 -5.21
C ARG C 161 11.18 1.48 -5.34
N LYS C 162 11.54 2.37 -4.41
CA LYS C 162 11.04 3.77 -4.49
C LYS C 162 11.52 4.54 -5.70
N ILE C 163 10.63 5.38 -6.28
CA ILE C 163 11.00 6.17 -7.47
C ILE C 163 11.02 7.66 -7.10
N LEU C 164 12.15 8.32 -7.35
CA LEU C 164 12.29 9.76 -7.08
C LEU C 164 11.99 10.57 -8.32
N THR C 165 11.01 11.49 -8.24
CA THR C 165 10.68 12.43 -9.31
C THR C 165 10.55 13.80 -8.64
N ARG C 166 10.16 14.85 -9.38
CA ARG C 166 10.00 16.19 -8.80
C ARG C 166 8.53 16.61 -8.91
N TRP C 167 8.08 17.49 -8.01
CA TRP C 167 6.77 18.12 -8.13
C TRP C 167 6.78 18.87 -9.45
N ASN C 168 5.64 18.91 -10.17
CA ASN C 168 5.50 19.53 -11.51
C ASN C 168 6.07 18.70 -12.67
N ALA C 169 6.64 17.53 -12.35
CA ALA C 169 7.15 16.63 -13.38
C ALA C 169 5.96 16.02 -14.09
N TYR C 170 6.13 15.74 -15.38
CA TYR C 170 5.08 15.02 -16.11
C TYR C 170 5.78 13.81 -16.74
N HIS C 171 5.38 12.60 -16.36
CA HIS C 171 5.99 11.36 -16.87
C HIS C 171 4.99 10.44 -17.58
N GLY C 172 3.72 10.79 -17.54
CA GLY C 172 2.74 9.97 -18.24
C GLY C 172 1.43 9.76 -17.52
N ALA C 173 0.60 8.87 -18.10
CA ALA C 173 -0.74 8.65 -17.59
C ALA C 173 -1.09 7.21 -17.21
N THR C 174 -0.13 6.26 -17.24
CA THR C 174 -0.45 4.92 -16.69
C THR C 174 -0.47 5.10 -15.16
N ALA C 175 -1.01 4.16 -14.36
CA ALA C 175 -1.03 4.37 -12.90
C ALA C 175 0.39 4.68 -12.35
N VAL C 176 1.43 3.98 -12.84
CA VAL C 176 2.82 4.24 -12.39
C VAL C 176 3.38 5.57 -12.92
N SER C 177 3.22 5.85 -14.23
CA SER C 177 3.77 7.11 -14.78
C SER C 177 3.00 8.33 -14.26
N ALA C 178 1.71 8.13 -13.90
CA ALA C 178 0.90 9.21 -13.28
C ALA C 178 1.33 9.44 -11.83
N SER C 179 1.82 8.38 -11.16
CA SER C 179 2.32 8.44 -9.77
C SER C 179 3.67 9.18 -9.76
N MET C 180 4.46 9.01 -10.83
CA MET C 180 5.75 9.69 -11.05
C MET C 180 5.49 11.17 -11.34
N THR C 181 4.40 11.45 -12.08
CA THR C 181 3.95 12.81 -12.40
C THR C 181 3.71 13.56 -11.07
N GLY C 182 4.05 14.83 -11.01
CA GLY C 182 3.92 15.61 -9.78
C GLY C 182 2.84 16.67 -9.80
N PHE C 183 1.57 16.27 -10.03
CA PHE C 183 0.46 17.23 -10.01
C PHE C 183 -0.68 16.81 -9.08
N PRO C 184 -1.36 17.78 -8.40
CA PRO C 184 -2.48 17.42 -7.52
C PRO C 184 -3.67 16.81 -8.22
N TYR C 185 -3.85 17.09 -9.53
CA TYR C 185 -4.97 16.55 -10.30
C TYR C 185 -5.08 15.03 -10.23
N ASN C 186 -3.96 14.33 -10.00
CA ASN C 186 -3.94 12.86 -9.90
C ASN C 186 -4.63 12.30 -8.65
N SER C 187 -4.96 13.16 -7.67
CA SER C 187 -5.70 12.78 -6.47
C SER C 187 -7.09 12.24 -6.83
N VAL C 188 -7.63 12.63 -8.01
CA VAL C 188 -8.94 12.15 -8.48
C VAL C 188 -8.95 10.62 -8.74
N PHE C 189 -7.74 10.03 -8.93
CA PHE C 189 -7.55 8.58 -9.13
C PHE C 189 -7.02 7.87 -7.88
N GLY C 190 -6.81 8.60 -6.78
CA GLY C 190 -6.26 8.04 -5.55
C GLY C 190 -4.77 7.80 -5.71
N LEU C 191 -4.16 8.55 -6.63
CA LEU C 191 -2.73 8.49 -6.95
C LEU C 191 -1.99 9.68 -6.32
N PRO C 192 -0.69 9.58 -6.01
CA PRO C 192 0.26 8.47 -6.32
C PRO C 192 0.11 7.17 -5.53
N LEU C 193 0.54 6.08 -6.16
CA LEU C 193 0.66 4.80 -5.48
C LEU C 193 1.79 4.98 -4.43
N PRO C 194 1.90 4.12 -3.39
CA PRO C 194 3.03 4.27 -2.45
C PRO C 194 4.37 4.02 -3.14
N GLY C 195 5.44 4.63 -2.63
CA GLY C 195 6.79 4.46 -3.17
C GLY C 195 7.18 5.44 -4.26
N PHE C 196 6.39 6.49 -4.48
CA PHE C 196 6.65 7.51 -5.51
C PHE C 196 6.85 8.83 -4.79
N VAL C 197 8.12 9.21 -4.66
CA VAL C 197 8.54 10.35 -3.84
C VAL C 197 8.80 11.55 -4.71
N HIS C 198 8.18 12.70 -4.36
CA HIS C 198 8.30 13.93 -5.13
C HIS C 198 9.16 14.97 -4.43
N LEU C 199 10.26 15.31 -5.08
CA LEU C 199 11.21 16.30 -4.57
C LEU C 199 10.77 17.68 -5.00
N THR C 200 11.38 18.73 -4.41
CA THR C 200 11.09 20.10 -4.78
C THR C 200 11.43 20.33 -6.26
N CYS C 201 10.56 21.06 -6.94
CA CYS C 201 10.72 21.43 -8.33
C CYS C 201 11.82 22.51 -8.39
N PRO C 202 12.84 22.39 -9.26
CA PRO C 202 13.88 23.43 -9.31
C PRO C 202 13.47 24.69 -10.10
N HIS C 203 12.28 25.24 -9.81
CA HIS C 203 11.75 26.46 -10.46
C HIS C 203 12.04 27.58 -9.50
N TYR C 204 13.17 28.26 -9.74
CA TYR C 204 13.67 29.29 -8.82
C TYR C 204 12.66 30.41 -8.57
N TRP C 205 12.03 30.93 -9.63
CA TRP C 205 11.05 32.00 -9.52
C TRP C 205 9.91 31.67 -8.57
N ARG C 206 9.45 30.42 -8.59
CA ARG C 206 8.33 29.99 -7.76
C ARG C 206 8.75 29.47 -6.40
N TYR C 207 9.73 28.57 -6.36
CA TYR C 207 10.13 27.91 -5.12
C TYR C 207 11.29 28.47 -4.32
N GLY C 208 11.98 29.45 -4.88
CA GLY C 208 13.06 30.14 -4.16
C GLY C 208 12.47 30.94 -3.03
N GLU C 209 13.07 30.87 -1.83
CA GLU C 209 12.59 31.62 -0.67
C GLU C 209 13.02 33.07 -0.80
N GLU C 210 12.35 33.99 -0.07
CA GLU C 210 12.74 35.41 -0.05
C GLU C 210 14.17 35.49 0.47
N GLY C 211 15.04 36.16 -0.28
CA GLY C 211 16.45 36.31 0.09
C GLY C 211 17.35 35.16 -0.31
N GLU C 212 16.77 34.09 -0.88
CA GLU C 212 17.56 32.93 -1.30
C GLU C 212 18.06 33.16 -2.73
N THR C 213 19.39 33.07 -2.97
CA THR C 213 19.92 33.20 -4.34
C THR C 213 19.64 31.93 -5.10
N GLU C 214 19.83 31.95 -6.43
CA GLU C 214 19.66 30.77 -7.25
C GLU C 214 20.66 29.70 -6.85
N GLU C 215 21.90 30.12 -6.52
CA GLU C 215 22.95 29.20 -6.04
C GLU C 215 22.51 28.57 -4.69
N GLN C 216 21.98 29.38 -3.74
CA GLN C 216 21.53 28.87 -2.44
C GLN C 216 20.35 27.92 -2.62
N PHE C 217 19.44 28.25 -3.55
CA PHE C 217 18.28 27.41 -3.85
C PHE C 217 18.70 26.03 -4.31
N VAL C 218 19.68 25.97 -5.23
CA VAL C 218 20.21 24.71 -5.76
C VAL C 218 20.91 23.91 -4.65
N ALA C 219 21.69 24.59 -3.78
CA ALA C 219 22.37 23.95 -2.66
C ALA C 219 21.30 23.37 -1.69
N ARG C 220 20.16 24.08 -1.50
CA ARG C 220 19.09 23.58 -0.63
C ARG C 220 18.47 22.32 -1.22
N LEU C 221 18.21 22.33 -2.54
CA LEU C 221 17.62 21.18 -3.24
C LEU C 221 18.52 19.97 -3.09
N ALA C 222 19.85 20.16 -3.10
CA ALA C 222 20.83 19.07 -2.93
C ALA C 222 20.78 18.56 -1.49
N ARG C 223 20.69 19.45 -0.50
CA ARG C 223 20.56 19.04 0.90
C ARG C 223 19.23 18.31 1.13
N GLU C 224 18.12 18.80 0.53
CA GLU C 224 16.79 18.16 0.66
C GLU C 224 16.82 16.75 0.12
N LEU C 225 17.50 16.55 -1.02
CA LEU C 225 17.59 15.26 -1.66
C LEU C 225 18.37 14.30 -0.77
N GLU C 226 19.48 14.77 -0.20
CA GLU C 226 20.31 13.97 0.71
C GLU C 226 19.51 13.60 1.96
N GLU C 227 18.74 14.55 2.55
CA GLU C 227 17.88 14.31 3.73
C GLU C 227 16.82 13.25 3.39
N THR C 228 16.17 13.39 2.21
CA THR C 228 15.16 12.44 1.71
C THR C 228 15.75 11.03 1.57
N ILE C 229 16.94 10.88 0.93
CA ILE C 229 17.61 9.58 0.78
C ILE C 229 17.92 8.99 2.17
N GLN C 230 18.42 9.84 3.09
CA GLN C 230 18.76 9.42 4.45
C GLN C 230 17.53 8.92 5.23
N ARG C 231 16.38 9.61 5.08
CA ARG C 231 15.14 9.25 5.75
C ARG C 231 14.50 8.00 5.15
N GLU C 232 14.54 7.86 3.81
CA GLU C 232 13.96 6.71 3.12
C GLU C 232 14.88 5.49 3.13
N GLY C 233 16.18 5.72 3.19
CA GLY C 233 17.21 4.69 3.09
C GLY C 233 17.50 4.48 1.62
N ALA C 234 18.79 4.65 1.20
CA ALA C 234 19.23 4.51 -0.21
C ALA C 234 18.92 3.12 -0.76
N ASP C 235 18.98 2.10 0.11
CA ASP C 235 18.72 0.71 -0.25
C ASP C 235 17.27 0.48 -0.64
N THR C 236 16.36 1.44 -0.35
CA THR C 236 14.94 1.36 -0.72
C THR C 236 14.64 2.18 -1.99
N ILE C 237 15.63 2.91 -2.56
CA ILE C 237 15.40 3.76 -3.74
C ILE C 237 15.89 3.15 -5.05
N ALA C 238 14.96 2.87 -5.95
CA ALA C 238 15.22 2.23 -7.25
C ALA C 238 15.79 3.12 -8.33
N GLY C 239 15.44 4.40 -8.30
CA GLY C 239 15.88 5.30 -9.34
C GLY C 239 15.32 6.70 -9.22
N PHE C 240 15.93 7.59 -9.99
CA PHE C 240 15.57 8.99 -10.06
C PHE C 240 15.32 9.28 -11.53
N PHE C 241 14.19 9.96 -11.83
CA PHE C 241 13.85 10.36 -13.21
C PHE C 241 13.71 11.88 -13.26
N ALA C 242 14.24 12.48 -14.33
CA ALA C 242 14.10 13.91 -14.54
C ALA C 242 14.03 14.28 -16.01
N GLU C 243 13.06 15.12 -16.31
CA GLU C 243 12.98 15.79 -17.59
C GLU C 243 14.06 16.87 -17.43
N PRO C 244 15.04 17.02 -18.35
CA PRO C 244 16.03 18.11 -18.21
C PRO C 244 15.34 19.47 -18.10
N VAL C 245 14.37 19.75 -18.99
CA VAL C 245 13.50 20.94 -18.91
C VAL C 245 12.11 20.34 -18.77
N MET C 246 11.37 20.70 -17.70
CA MET C 246 10.01 20.21 -17.49
C MET C 246 9.10 20.79 -18.56
N GLY C 247 8.49 19.93 -19.37
CA GLY C 247 7.71 20.35 -20.52
C GLY C 247 6.25 20.62 -20.22
N ALA C 248 5.47 19.53 -20.11
CA ALA C 248 4.03 19.59 -19.85
C ALA C 248 3.68 20.26 -18.54
N GLY C 249 4.65 20.36 -17.64
CA GLY C 249 4.51 21.03 -16.35
C GLY C 249 4.64 22.54 -16.38
N GLY C 250 4.78 23.10 -17.59
CA GLY C 250 4.84 24.55 -17.79
C GLY C 250 6.15 25.14 -18.30
N VAL C 251 7.01 24.34 -18.96
CA VAL C 251 8.31 24.79 -19.51
C VAL C 251 9.17 25.39 -18.41
N ILE C 252 9.77 24.51 -17.64
CA ILE C 252 10.58 24.90 -16.49
C ILE C 252 12.03 24.48 -16.66
N PRO C 253 12.92 25.40 -17.13
CA PRO C 253 14.35 25.07 -17.15
C PRO C 253 14.79 25.00 -15.67
N PRO C 254 15.67 24.06 -15.31
CA PRO C 254 16.06 23.97 -13.89
C PRO C 254 16.93 25.14 -13.48
N ALA C 255 16.93 25.46 -12.18
CA ALA C 255 17.78 26.51 -11.63
C ALA C 255 19.25 26.20 -12.00
N LYS C 256 20.05 27.24 -12.22
CA LYS C 256 21.44 27.13 -12.67
C LYS C 256 22.25 26.15 -11.80
N GLY C 257 22.87 25.18 -12.44
CA GLY C 257 23.74 24.21 -11.75
C GLY C 257 23.02 23.11 -11.00
N TYR C 258 21.69 23.00 -11.17
CA TYR C 258 20.85 21.99 -10.52
C TYR C 258 21.38 20.56 -10.70
N PHE C 259 21.58 20.10 -11.96
CA PHE C 259 22.04 18.72 -12.19
C PHE C 259 23.44 18.43 -11.65
N GLN C 260 24.31 19.43 -11.69
CA GLN C 260 25.69 19.35 -11.21
C GLN C 260 25.74 19.19 -9.69
N ALA C 261 24.70 19.69 -8.97
CA ALA C 261 24.61 19.56 -7.52
C ALA C 261 23.92 18.24 -7.09
N ILE C 262 22.82 17.88 -7.76
CA ILE C 262 22.06 16.66 -7.42
C ILE C 262 22.68 15.32 -7.87
N LEU C 263 23.28 15.25 -9.09
CA LEU C 263 23.85 14.01 -9.64
C LEU C 263 24.96 13.37 -8.78
N PRO C 264 25.94 14.10 -8.21
CA PRO C 264 26.92 13.45 -7.34
C PRO C 264 26.28 12.75 -6.13
N ILE C 265 25.19 13.33 -5.57
CA ILE C 265 24.46 12.73 -4.43
C ILE C 265 23.83 11.38 -4.85
N LEU C 266 23.11 11.36 -5.99
CA LEU C 266 22.50 10.15 -6.52
C LEU C 266 23.55 9.06 -6.79
N ARG C 267 24.71 9.46 -7.35
CA ARG C 267 25.79 8.52 -7.66
C ARG C 267 26.40 7.90 -6.40
N LYS C 268 26.58 8.73 -5.34
CA LYS C 268 27.10 8.38 -4.02
C LYS C 268 26.22 7.30 -3.35
N TYR C 269 24.90 7.38 -3.57
CA TYR C 269 23.91 6.48 -2.98
C TYR C 269 23.41 5.35 -3.88
N ASP C 270 24.12 5.09 -5.01
CA ASP C 270 23.77 4.03 -5.97
C ASP C 270 22.30 4.13 -6.47
N ILE C 271 21.88 5.34 -6.83
CA ILE C 271 20.54 5.60 -7.35
C ILE C 271 20.66 5.80 -8.88
N PRO C 272 20.17 4.87 -9.74
CA PRO C 272 20.25 5.09 -11.19
C PRO C 272 19.58 6.39 -11.62
N VAL C 273 20.17 7.08 -12.62
CA VAL C 273 19.71 8.37 -13.14
C VAL C 273 19.10 8.16 -14.51
N ILE C 274 17.84 8.54 -14.66
CA ILE C 274 17.14 8.39 -15.94
C ILE C 274 16.70 9.76 -16.43
N SER C 275 17.11 10.12 -17.66
CA SER C 275 16.68 11.39 -18.22
C SER C 275 15.42 11.12 -19.07
N ASP C 276 14.32 11.73 -18.67
CA ASP C 276 13.08 11.60 -19.44
C ASP C 276 13.19 12.64 -20.54
N GLU C 277 13.55 12.16 -21.75
CA GLU C 277 13.79 12.99 -22.93
C GLU C 277 12.58 12.98 -23.86
N VAL C 278 11.38 12.68 -23.35
CA VAL C 278 10.17 12.61 -24.17
C VAL C 278 9.92 13.92 -24.92
N VAL C 279 10.04 15.06 -24.20
CA VAL C 279 9.92 16.37 -24.83
C VAL C 279 11.26 16.92 -25.32
N CYS C 280 12.34 16.76 -24.50
CA CYS C 280 13.65 17.34 -24.81
C CYS C 280 14.44 16.59 -25.87
N GLY C 281 14.06 15.35 -26.16
CA GLY C 281 14.79 14.54 -27.14
C GLY C 281 14.62 15.07 -28.54
N PHE C 282 15.70 15.09 -29.31
CA PHE C 282 15.68 15.53 -30.70
C PHE C 282 15.42 17.02 -30.95
N GLY C 283 16.17 17.86 -30.23
CA GLY C 283 16.36 19.26 -30.55
C GLY C 283 15.61 20.43 -29.95
N ARG C 284 14.55 20.21 -29.13
CA ARG C 284 13.79 21.35 -28.61
C ARG C 284 14.58 22.29 -27.69
N THR C 285 15.60 21.80 -26.97
CA THR C 285 16.39 22.67 -26.09
C THR C 285 17.61 23.30 -26.79
N GLY C 286 17.80 23.03 -28.08
CA GLY C 286 18.97 23.53 -28.80
C GLY C 286 20.09 22.51 -28.96
N ASN C 287 19.87 21.27 -28.48
CA ASN C 287 20.84 20.17 -28.64
C ASN C 287 20.03 18.91 -28.89
N THR C 288 20.69 17.82 -29.32
CA THR C 288 20.00 16.56 -29.56
C THR C 288 19.27 16.06 -28.31
N TRP C 289 19.85 16.29 -27.12
CA TRP C 289 19.23 15.83 -25.88
C TRP C 289 19.28 16.93 -24.85
N GLY C 290 18.29 16.96 -23.95
CA GLY C 290 18.25 17.91 -22.85
C GLY C 290 19.40 17.67 -21.89
N CYS C 291 19.78 16.39 -21.71
CA CYS C 291 20.90 16.05 -20.83
C CYS C 291 22.25 16.58 -21.40
N VAL C 292 22.31 16.74 -22.72
CA VAL C 292 23.48 17.34 -23.40
C VAL C 292 23.48 18.87 -23.12
N THR C 293 22.32 19.54 -23.29
CA THR C 293 22.14 20.99 -23.01
C THR C 293 22.52 21.30 -21.55
N TYR C 294 22.13 20.40 -20.61
CA TYR C 294 22.40 20.59 -19.18
C TYR C 294 23.64 19.85 -18.67
N ASP C 295 24.47 19.37 -19.61
CA ASP C 295 25.79 18.77 -19.37
C ASP C 295 25.85 17.66 -18.30
N PHE C 296 24.99 16.64 -18.45
CA PHE C 296 25.03 15.50 -17.55
C PHE C 296 24.83 14.23 -18.33
N THR C 297 25.37 13.14 -17.82
CA THR C 297 25.25 11.84 -18.46
C THR C 297 24.30 10.98 -17.63
N PRO C 298 23.14 10.61 -18.16
CA PRO C 298 22.25 9.71 -17.38
C PRO C 298 22.67 8.25 -17.61
N ASP C 299 22.03 7.31 -16.88
CA ASP C 299 22.28 5.87 -17.03
C ASP C 299 21.37 5.31 -18.09
N ALA C 300 20.26 6.02 -18.37
CA ALA C 300 19.26 5.64 -19.37
C ALA C 300 18.47 6.86 -19.83
N ILE C 301 17.88 6.75 -21.02
CA ILE C 301 17.07 7.82 -21.64
C ILE C 301 15.70 7.26 -22.02
N ILE C 302 14.65 8.06 -21.79
CA ILE C 302 13.29 7.76 -22.24
C ILE C 302 12.98 8.68 -23.42
N SER C 303 12.51 8.11 -24.52
CA SER C 303 12.23 8.89 -25.73
C SER C 303 10.87 8.56 -26.30
N SER C 304 10.19 9.56 -26.87
CA SER C 304 8.88 9.40 -27.51
C SER C 304 8.56 10.71 -28.21
N1 LLP C 305 7.21 12.06 -20.31
C2 LLP C 305 7.17 13.36 -20.69
C2' LLP C 305 8.22 14.39 -20.29
C3 LLP C 305 6.15 13.80 -21.55
O3 LLP C 305 6.16 15.07 -21.88
C4 LLP C 305 5.09 12.95 -22.01
C4' LLP C 305 4.00 13.46 -23.05
C5 LLP C 305 5.14 11.58 -21.51
C6 LLP C 305 6.20 11.18 -20.69
C5' LLP C 305 4.09 10.58 -21.92
OP4 LLP C 305 4.13 10.28 -23.34
P LLP C 305 2.78 9.70 -23.82
OP1 LLP C 305 1.70 10.74 -23.70
OP2 LLP C 305 3.03 9.26 -25.20
OP3 LLP C 305 2.42 8.55 -22.96
N LLP C 305 7.27 11.03 -28.41
CA LLP C 305 6.84 12.31 -29.02
CB LLP C 305 7.01 13.45 -27.96
CG LLP C 305 5.76 13.43 -27.01
CD LLP C 305 5.61 14.77 -26.27
CE LLP C 305 4.33 14.74 -25.37
NZ LLP C 305 4.76 14.45 -23.94
C LLP C 305 7.52 12.60 -30.36
O LLP C 305 7.16 11.96 -31.35
N ASN C 306 8.56 13.48 -30.39
CA ASN C 306 9.29 13.84 -31.62
C ASN C 306 10.03 12.70 -32.23
N LEU C 307 10.25 11.61 -31.47
CA LEU C 307 10.96 10.44 -32.00
C LEU C 307 10.42 10.08 -33.42
N THR C 308 9.11 10.25 -33.63
CA THR C 308 8.51 9.98 -34.95
C THR C 308 7.91 11.24 -35.56
N ALA C 309 8.20 12.42 -34.98
CA ALA C 309 7.62 13.72 -35.42
C ALA C 309 6.05 13.65 -35.40
N GLY C 310 5.53 12.81 -34.51
CA GLY C 310 4.09 12.61 -34.35
C GLY C 310 3.39 11.76 -35.41
N PHE C 311 4.14 11.15 -36.32
CA PHE C 311 3.58 10.33 -37.39
C PHE C 311 3.16 8.92 -36.97
N PHE C 312 3.66 8.42 -35.83
CA PHE C 312 3.37 7.06 -35.37
C PHE C 312 3.64 6.98 -33.88
N PRO C 313 2.80 6.24 -33.10
CA PRO C 313 3.08 6.08 -31.66
C PRO C 313 4.30 5.18 -31.42
N MET C 314 5.39 5.81 -30.99
CA MET C 314 6.62 5.11 -30.61
C MET C 314 7.18 5.67 -29.32
N GLY C 315 7.65 4.79 -28.46
CA GLY C 315 8.38 5.11 -27.25
C GLY C 315 9.61 4.23 -27.24
N ALA C 316 10.68 4.66 -26.56
CA ALA C 316 11.91 3.87 -26.44
C ALA C 316 12.60 4.13 -25.12
N VAL C 317 13.16 3.05 -24.57
CA VAL C 317 14.00 3.08 -23.38
C VAL C 317 15.39 2.82 -23.95
N ILE C 318 16.29 3.74 -23.75
CA ILE C 318 17.63 3.56 -24.30
C ILE C 318 18.55 3.27 -23.13
N LEU C 319 19.05 2.21 -22.83
CA LEU C 319 19.87 1.88 -21.67
C LEU C 319 21.31 2.10 -21.97
N GLY C 320 22.00 2.81 -21.08
CA GLY C 320 23.43 3.05 -21.21
C GLY C 320 24.25 1.79 -20.98
N PRO C 321 25.59 1.86 -21.06
CA PRO C 321 26.39 0.62 -20.91
C PRO C 321 26.26 -0.10 -19.58
N GLU C 322 26.23 0.68 -18.47
CA GLU C 322 26.15 0.13 -17.11
C GLU C 322 24.87 -0.66 -16.89
N LEU C 323 23.70 -0.02 -17.13
CA LEU C 323 22.41 -0.69 -16.97
C LEU C 323 22.21 -1.82 -17.98
N SER C 324 22.70 -1.65 -19.23
CA SER C 324 22.58 -2.72 -20.25
C SER C 324 23.25 -4.00 -19.77
N LYS C 325 24.51 -3.90 -19.34
CA LYS C 325 25.26 -5.05 -18.84
C LYS C 325 24.55 -5.67 -17.62
N ARG C 326 24.16 -4.85 -16.65
CA ARG C 326 23.48 -5.31 -15.42
C ARG C 326 22.15 -6.00 -15.72
N LEU C 327 21.30 -5.40 -16.61
CA LEU C 327 20.03 -6.01 -16.98
C LEU C 327 20.21 -7.29 -17.75
N GLU C 328 21.19 -7.35 -18.68
CA GLU C 328 21.45 -8.55 -19.46
C GLU C 328 21.83 -9.71 -18.56
N THR C 329 22.70 -9.48 -17.55
CA THR C 329 23.09 -10.53 -16.61
C THR C 329 21.90 -11.07 -15.83
N ALA C 330 21.02 -10.16 -15.37
CA ALA C 330 19.82 -10.51 -14.61
C ALA C 330 18.83 -11.32 -15.47
N ILE C 331 18.60 -10.86 -16.73
CA ILE C 331 17.70 -11.54 -17.68
C ILE C 331 18.27 -12.92 -18.02
N GLU C 332 19.60 -13.02 -18.28
CA GLU C 332 20.26 -14.30 -18.59
C GLU C 332 19.98 -15.32 -17.50
N ALA C 333 20.09 -14.89 -16.21
CA ALA C 333 19.84 -15.69 -15.02
C ALA C 333 18.43 -16.27 -14.95
N ILE C 334 17.38 -15.52 -15.40
CA ILE C 334 16.00 -16.02 -15.41
C ILE C 334 15.53 -16.53 -16.76
N GLU C 335 16.41 -16.45 -17.79
CA GLU C 335 16.22 -16.94 -19.17
C GLU C 335 15.25 -16.15 -20.05
N GLU C 336 14.45 -15.24 -19.47
CA GLU C 336 13.48 -14.42 -20.23
C GLU C 336 13.15 -13.14 -19.49
N PHE C 337 12.81 -12.06 -20.20
CA PHE C 337 12.39 -10.83 -19.59
C PHE C 337 10.88 -10.75 -19.90
N PRO C 338 9.99 -11.07 -18.91
CA PRO C 338 8.56 -11.20 -19.23
C PRO C 338 7.85 -9.86 -19.25
N HIS C 339 8.14 -9.09 -20.29
CA HIS C 339 7.62 -7.74 -20.45
C HIS C 339 7.66 -7.37 -21.94
N GLY C 340 6.64 -6.66 -22.38
CA GLY C 340 6.55 -6.17 -23.76
C GLY C 340 5.14 -5.78 -24.15
N PHE C 341 5.02 -5.06 -25.26
CA PHE C 341 3.71 -4.64 -25.78
C PHE C 341 3.59 -5.19 -27.20
N THR C 342 2.37 -5.50 -27.64
CA THR C 342 2.08 -6.08 -28.97
C THR C 342 2.83 -5.38 -30.11
N ALA C 343 2.74 -4.03 -30.17
CA ALA C 343 3.34 -3.19 -31.21
C ALA C 343 4.76 -2.70 -30.90
N SER C 344 5.37 -3.09 -29.76
CA SER C 344 6.77 -2.70 -29.48
C SER C 344 7.65 -3.13 -30.68
N GLY C 345 8.41 -2.19 -31.25
CA GLY C 345 9.31 -2.42 -32.38
C GLY C 345 8.64 -2.56 -33.73
N HIS C 346 7.39 -2.02 -33.83
CA HIS C 346 6.59 -2.04 -35.06
C HIS C 346 7.43 -1.54 -36.24
N PRO C 347 7.48 -2.31 -37.35
CA PRO C 347 8.33 -1.92 -38.50
C PRO C 347 8.05 -0.55 -39.09
N VAL C 348 6.76 -0.14 -39.11
CA VAL C 348 6.35 1.17 -39.64
C VAL C 348 6.84 2.26 -38.71
N GLY C 349 6.63 2.08 -37.41
CA GLY C 349 7.12 3.02 -36.41
C GLY C 349 8.62 3.22 -36.48
N CYS C 350 9.36 2.11 -36.63
CA CYS C 350 10.82 2.14 -36.72
C CYS C 350 11.32 2.85 -37.99
N ALA C 351 10.70 2.57 -39.15
CA ALA C 351 11.06 3.26 -40.40
C ALA C 351 10.73 4.74 -40.32
N ILE C 352 9.57 5.09 -39.71
CA ILE C 352 9.19 6.51 -39.57
C ILE C 352 10.16 7.24 -38.63
N ALA C 353 10.53 6.60 -37.51
CA ALA C 353 11.47 7.20 -36.54
C ALA C 353 12.84 7.42 -37.17
N LEU C 354 13.30 6.47 -38.00
CA LEU C 354 14.58 6.61 -38.70
C LEU C 354 14.54 7.87 -39.60
N LYS C 355 13.43 8.07 -40.32
CA LYS C 355 13.26 9.25 -41.16
C LYS C 355 13.15 10.54 -40.31
N ALA C 356 12.38 10.50 -39.22
CA ALA C 356 12.18 11.67 -38.35
C ALA C 356 13.47 12.13 -37.73
N ILE C 357 14.32 11.17 -37.30
CA ILE C 357 15.61 11.51 -36.71
C ILE C 357 16.47 12.20 -37.79
N ASP C 358 16.45 11.65 -39.02
CA ASP C 358 17.17 12.21 -40.15
C ASP C 358 16.69 13.63 -40.51
N VAL C 359 15.36 13.82 -40.58
CA VAL C 359 14.77 15.13 -40.91
C VAL C 359 15.18 16.19 -39.88
N VAL C 360 15.02 15.88 -38.59
CA VAL C 360 15.36 16.83 -37.51
C VAL C 360 16.85 17.14 -37.43
N MET C 361 17.71 16.10 -37.43
CA MET C 361 19.16 16.32 -37.28
C MET C 361 19.86 16.81 -38.53
N ASN C 362 19.42 16.33 -39.72
CA ASN C 362 20.14 16.58 -40.96
C ASN C 362 19.47 17.44 -42.01
N GLU C 363 18.18 17.73 -41.87
CA GLU C 363 17.50 18.57 -42.86
C GLU C 363 17.32 20.02 -42.42
N GLY C 364 18.00 20.43 -41.34
CA GLY C 364 17.98 21.82 -40.88
C GLY C 364 16.99 22.21 -39.80
N LEU C 365 16.10 21.30 -39.38
CA LEU C 365 15.09 21.57 -38.34
C LEU C 365 15.71 21.85 -36.98
N ALA C 366 16.61 20.97 -36.49
CA ALA C 366 17.29 21.21 -35.20
C ALA C 366 18.14 22.49 -35.27
N GLU C 367 18.77 22.76 -36.43
CA GLU C 367 19.56 23.99 -36.63
C GLU C 367 18.69 25.25 -36.62
N ASN C 368 17.48 25.17 -37.19
CA ASN C 368 16.53 26.27 -37.19
C ASN C 368 16.12 26.70 -35.75
N VAL C 369 16.00 25.72 -34.82
CA VAL C 369 15.69 25.94 -33.40
C VAL C 369 16.84 26.79 -32.81
N ARG C 370 18.11 26.41 -33.09
CA ARG C 370 19.28 27.14 -32.59
C ARG C 370 19.34 28.56 -33.14
N ARG C 371 19.06 28.72 -34.43
CA ARG C 371 19.17 30.03 -35.06
C ARG C 371 18.03 30.99 -34.70
N LEU C 372 16.81 30.47 -34.46
CA LEU C 372 15.65 31.30 -34.12
C LEU C 372 15.39 31.47 -32.63
N ALA C 373 16.05 30.66 -31.77
CA ALA C 373 15.88 30.77 -30.30
C ALA C 373 16.20 32.21 -29.77
N PRO C 374 17.29 32.91 -30.24
CA PRO C 374 17.54 34.29 -29.73
C PRO C 374 16.38 35.26 -30.02
N ARG C 375 15.82 35.22 -31.25
CA ARG C 375 14.68 36.05 -31.70
C ARG C 375 13.45 35.74 -30.83
N PHE C 376 13.22 34.46 -30.56
CA PHE C 376 12.11 33.98 -29.74
C PHE C 376 12.22 34.61 -28.34
N GLU C 377 13.41 34.49 -27.70
CA GLU C 377 13.65 35.06 -26.37
C GLU C 377 13.54 36.59 -26.36
N GLU C 378 14.07 37.25 -27.40
CA GLU C 378 14.04 38.72 -27.53
C GLU C 378 12.61 39.25 -27.47
N ARG C 379 11.70 38.59 -28.20
CA ARG C 379 10.30 38.97 -28.19
C ARG C 379 9.63 38.68 -26.83
N LEU C 380 9.94 37.54 -26.21
CA LEU C 380 9.38 37.21 -24.89
C LEU C 380 9.87 38.18 -23.82
N LYS C 381 11.16 38.60 -23.90
CA LYS C 381 11.75 39.58 -22.98
C LYS C 381 10.92 40.87 -23.02
N HIS C 382 10.51 41.31 -24.24
CA HIS C 382 9.68 42.48 -24.48
C HIS C 382 8.26 42.30 -23.92
N ILE C 383 7.64 41.13 -24.16
CA ILE C 383 6.28 40.83 -23.66
C ILE C 383 6.29 40.84 -22.13
N ALA C 384 7.39 40.34 -21.52
CA ALA C 384 7.56 40.27 -20.06
C ALA C 384 7.63 41.64 -19.35
N GLU C 385 7.69 42.74 -20.11
CA GLU C 385 7.66 44.10 -19.58
C GLU C 385 6.23 44.46 -19.10
N ARG C 386 5.19 43.77 -19.62
CA ARG C 386 3.79 43.98 -19.24
C ARG C 386 3.59 43.77 -17.75
N PRO C 387 2.79 44.64 -17.07
CA PRO C 387 2.61 44.47 -15.62
C PRO C 387 2.03 43.14 -15.18
N ASN C 388 1.26 42.46 -16.05
CA ASN C 388 0.67 41.17 -15.73
C ASN C 388 1.49 39.95 -16.14
N ILE C 389 2.79 40.14 -16.51
CA ILE C 389 3.65 38.99 -16.83
C ILE C 389 4.72 38.92 -15.74
N GLY C 390 4.66 37.86 -14.92
CA GLY C 390 5.57 37.63 -13.81
C GLY C 390 6.97 37.28 -14.27
N GLU C 391 7.07 36.43 -15.31
CA GLU C 391 8.33 36.02 -15.92
C GLU C 391 8.08 35.33 -17.24
N TYR C 392 9.15 35.24 -18.03
CA TYR C 392 9.17 34.42 -19.22
C TYR C 392 10.27 33.44 -18.89
N ARG C 393 10.17 32.25 -19.44
CA ARG C 393 11.20 31.25 -19.20
C ARG C 393 11.21 30.30 -20.36
N GLY C 394 12.33 29.60 -20.52
CA GLY C 394 12.48 28.59 -21.57
C GLY C 394 13.86 28.52 -22.16
N ILE C 395 13.96 27.84 -23.31
CA ILE C 395 15.22 27.62 -24.04
C ILE C 395 14.88 27.02 -25.38
N GLY C 396 15.69 27.31 -26.40
CA GLY C 396 15.50 26.76 -27.73
C GLY C 396 14.14 27.11 -28.29
N PHE C 397 13.27 26.07 -28.53
CA PHE C 397 11.90 26.24 -29.03
C PHE C 397 10.84 25.84 -27.97
N MET C 398 11.17 26.00 -26.67
CA MET C 398 10.19 25.71 -25.63
C MET C 398 10.18 26.87 -24.68
N TRP C 399 9.05 27.58 -24.62
CA TRP C 399 8.96 28.79 -23.80
C TRP C 399 7.63 28.91 -23.08
N ALA C 400 7.61 29.71 -22.00
CA ALA C 400 6.36 29.99 -21.26
C ALA C 400 6.34 31.42 -20.74
N LEU C 401 5.13 31.96 -20.60
CA LEU C 401 4.85 33.26 -19.98
C LEU C 401 3.94 32.98 -18.79
N GLU C 402 4.31 33.49 -17.60
CA GLU C 402 3.57 33.33 -16.35
C GLU C 402 2.74 34.62 -16.11
N ALA C 403 1.41 34.50 -15.97
CA ALA C 403 0.54 35.67 -15.71
C ALA C 403 0.44 35.95 -14.19
N VAL C 404 0.51 37.22 -13.80
CA VAL C 404 0.40 37.64 -12.38
C VAL C 404 -0.58 38.81 -12.25
N LYS C 405 -1.26 38.91 -11.09
CA LYS C 405 -2.14 40.06 -10.80
C LYS C 405 -1.22 41.22 -10.38
N ASP C 406 -0.16 40.92 -9.62
CA ASP C 406 0.81 41.91 -9.14
C ASP C 406 2.23 41.36 -9.27
N LYS C 407 3.04 42.03 -10.11
CA LYS C 407 4.43 41.65 -10.43
C LYS C 407 5.40 41.63 -9.24
N ALA C 408 5.49 42.74 -8.48
CA ALA C 408 6.41 42.89 -7.36
C ALA C 408 6.26 41.79 -6.29
N SER C 409 5.02 41.45 -5.92
CA SER C 409 4.72 40.42 -4.91
C SER C 409 4.57 39.02 -5.47
N LYS C 410 4.57 38.86 -6.82
CA LYS C 410 4.38 37.58 -7.53
C LYS C 410 2.97 37.03 -7.25
N THR C 411 2.01 37.92 -6.94
CA THR C 411 0.64 37.55 -6.63
C THR C 411 -0.09 37.10 -7.90
N PRO C 412 -0.61 35.87 -7.93
CA PRO C 412 -1.34 35.44 -9.14
C PRO C 412 -2.77 35.95 -9.15
N PHE C 413 -3.43 35.88 -10.31
CA PHE C 413 -4.86 36.18 -10.41
C PHE C 413 -5.56 34.99 -9.75
N ASP C 414 -6.78 35.22 -9.21
CA ASP C 414 -7.56 34.15 -8.58
C ASP C 414 -7.79 33.00 -9.58
N GLY C 415 -7.70 31.77 -9.10
CA GLY C 415 -7.89 30.56 -9.90
C GLY C 415 -9.21 30.53 -10.65
N ASN C 416 -10.28 31.07 -10.03
CA ASN C 416 -11.65 31.17 -10.58
C ASN C 416 -11.72 32.01 -11.85
N LEU C 417 -10.76 32.95 -12.03
CA LEU C 417 -10.67 33.81 -13.22
C LEU C 417 -10.20 33.04 -14.47
N SER C 418 -9.54 31.88 -14.30
CA SER C 418 -9.01 31.01 -15.37
C SER C 418 -8.27 31.79 -16.47
N VAL C 419 -7.35 32.68 -16.05
CA VAL C 419 -6.59 33.59 -16.91
C VAL C 419 -5.89 32.91 -18.10
N SER C 420 -5.19 31.78 -17.85
CA SER C 420 -4.45 31.02 -18.86
C SER C 420 -5.40 30.42 -19.91
N GLU C 421 -6.52 29.85 -19.48
CA GLU C 421 -7.57 29.31 -20.35
C GLU C 421 -8.21 30.45 -21.17
N ARG C 422 -8.41 31.62 -20.55
CA ARG C 422 -8.96 32.78 -21.25
C ARG C 422 -8.03 33.21 -22.38
N ILE C 423 -6.70 33.26 -22.10
CA ILE C 423 -5.66 33.62 -23.08
C ILE C 423 -5.68 32.58 -24.21
N ALA C 424 -5.60 31.29 -23.86
CA ALA C 424 -5.61 30.18 -24.81
C ALA C 424 -6.84 30.18 -25.74
N ASN C 425 -8.04 30.36 -25.16
CA ASN C 425 -9.30 30.44 -25.91
C ASN C 425 -9.31 31.62 -26.87
N THR C 426 -8.82 32.80 -26.42
CA THR C 426 -8.75 34.02 -27.26
C THR C 426 -7.76 33.79 -28.40
N CYS C 427 -6.63 33.11 -28.11
CA CYS C 427 -5.62 32.77 -29.10
C CYS C 427 -6.28 31.95 -30.21
N THR C 428 -7.13 30.96 -29.83
CA THR C 428 -7.85 30.08 -30.75
C THR C 428 -8.74 30.91 -31.66
N ASP C 429 -9.50 31.87 -31.08
CA ASP C 429 -10.36 32.79 -31.83
C ASP C 429 -9.54 33.64 -32.82
N LEU C 430 -8.25 33.88 -32.51
CA LEU C 430 -7.39 34.65 -33.42
C LEU C 430 -6.57 33.76 -34.40
N GLY C 431 -6.84 32.46 -34.45
CA GLY C 431 -6.11 31.56 -35.35
C GLY C 431 -4.77 31.10 -34.80
N LEU C 432 -4.65 30.98 -33.47
CA LEU C 432 -3.41 30.50 -32.84
C LEU C 432 -3.71 29.45 -31.77
N ILE C 433 -3.01 28.29 -31.80
CA ILE C 433 -3.19 27.31 -30.75
C ILE C 433 -1.96 27.38 -29.86
N CYS C 434 -2.17 27.59 -28.55
CA CYS C 434 -1.07 27.57 -27.57
C CYS C 434 -1.49 26.66 -26.42
N PHE C 435 -0.63 26.47 -25.40
CA PHE C 435 -0.97 25.55 -24.31
C PHE C 435 -1.12 26.25 -22.96
N PRO C 436 -2.33 26.29 -22.35
CA PRO C 436 -2.44 26.86 -21.00
C PRO C 436 -2.09 25.82 -19.93
N LEU C 437 -1.35 26.24 -18.90
CA LEU C 437 -1.02 25.37 -17.76
C LEU C 437 -0.87 26.22 -16.50
N GLY C 438 -1.73 25.97 -15.52
CA GLY C 438 -1.74 26.73 -14.28
C GLY C 438 -2.00 28.18 -14.61
N GLN C 439 -1.07 29.08 -14.22
CA GLN C 439 -1.17 30.51 -14.52
C GLN C 439 -0.30 30.88 -15.73
N SER C 440 0.13 29.86 -16.49
CA SER C 440 1.04 30.06 -17.62
C SER C 440 0.44 29.75 -18.98
N VAL C 441 1.09 30.28 -20.02
CA VAL C 441 0.80 30.02 -21.42
C VAL C 441 2.13 29.55 -22.03
N VAL C 442 2.11 28.39 -22.66
CA VAL C 442 3.27 27.71 -23.22
C VAL C 442 3.33 27.82 -24.76
N LEU C 443 4.54 28.01 -25.31
CA LEU C 443 4.76 28.05 -26.75
C LEU C 443 5.81 27.01 -27.07
N CYS C 444 5.43 25.99 -27.84
CA CYS C 444 6.33 24.91 -28.23
C CYS C 444 6.07 24.63 -29.73
N PRO C 445 6.42 25.60 -30.60
CA PRO C 445 6.05 25.46 -32.02
C PRO C 445 6.89 24.48 -32.83
N PRO C 446 6.42 24.12 -34.06
CA PRO C 446 7.23 23.20 -34.89
C PRO C 446 8.58 23.80 -35.24
N PHE C 447 9.60 22.93 -35.45
CA PHE C 447 10.97 23.36 -35.77
C PHE C 447 11.07 23.98 -37.17
N ILE C 448 10.03 23.78 -38.00
CA ILE C 448 9.94 24.33 -39.37
C ILE C 448 9.45 25.81 -39.38
N LEU C 449 9.16 26.38 -38.21
CA LEU C 449 8.65 27.76 -38.09
C LEU C 449 9.61 28.75 -38.72
N THR C 450 9.10 29.62 -39.60
CA THR C 450 9.92 30.65 -40.27
C THR C 450 9.87 31.89 -39.39
N GLU C 451 10.69 32.91 -39.71
CA GLU C 451 10.69 34.17 -38.96
C GLU C 451 9.31 34.86 -39.04
N ALA C 452 8.67 34.85 -40.23
CA ALA C 452 7.35 35.47 -40.42
C ALA C 452 6.25 34.76 -39.61
N GLN C 453 6.32 33.41 -39.54
CA GLN C 453 5.36 32.64 -38.75
C GLN C 453 5.58 32.87 -37.26
N MET C 454 6.86 33.07 -36.82
CA MET C 454 7.15 33.41 -35.42
C MET C 454 6.50 34.78 -35.10
N ASP C 455 6.63 35.77 -36.03
CA ASP C 455 6.01 37.10 -35.89
C ASP C 455 4.49 36.97 -35.79
N GLU C 456 3.88 36.14 -36.66
CA GLU C 456 2.43 35.88 -36.66
C GLU C 456 2.00 35.30 -35.30
N MET C 457 2.74 34.31 -34.79
CA MET C 457 2.46 33.67 -33.51
C MET C 457 2.46 34.72 -32.39
N PHE C 458 3.51 35.55 -32.32
CA PHE C 458 3.62 36.62 -31.32
C PHE C 458 2.59 37.74 -31.48
N ASP C 459 2.27 38.15 -32.73
CA ASP C 459 1.25 39.18 -32.96
C ASP C 459 -0.12 38.73 -32.44
N LYS C 460 -0.46 37.45 -32.68
CA LYS C 460 -1.73 36.86 -32.22
C LYS C 460 -1.77 36.73 -30.69
N LEU C 461 -0.68 36.21 -30.08
CA LEU C 461 -0.55 36.07 -28.63
C LEU C 461 -0.67 37.46 -27.95
N GLU C 462 0.08 38.46 -28.43
CA GLU C 462 0.04 39.82 -27.87
C GLU C 462 -1.36 40.42 -27.89
N LYS C 463 -2.13 40.19 -28.97
CA LYS C 463 -3.53 40.61 -29.09
C LYS C 463 -4.38 39.90 -28.04
N ALA C 464 -4.17 38.57 -27.84
CA ALA C 464 -4.91 37.79 -26.84
C ALA C 464 -4.63 38.32 -25.44
N LEU C 465 -3.35 38.62 -25.12
CA LEU C 465 -2.95 39.18 -23.82
C LEU C 465 -3.56 40.55 -23.58
N ASP C 466 -3.60 41.42 -24.62
CA ASP C 466 -4.20 42.78 -24.53
C ASP C 466 -5.67 42.64 -24.12
N LYS C 467 -6.42 41.74 -24.79
CA LYS C 467 -7.85 41.53 -24.54
C LYS C 467 -8.15 40.97 -23.15
N VAL C 468 -7.43 39.91 -22.74
CA VAL C 468 -7.63 39.25 -21.44
C VAL C 468 -7.21 40.14 -20.28
N PHE C 469 -6.02 40.77 -20.36
CA PHE C 469 -5.55 41.65 -19.29
C PHE C 469 -6.42 42.90 -19.10
N ALA C 470 -7.08 43.37 -20.17
CA ALA C 470 -7.99 44.51 -20.12
C ALA C 470 -9.30 44.12 -19.43
N GLU C 471 -9.68 42.83 -19.53
CA GLU C 471 -10.91 42.32 -18.93
C GLU C 471 -10.73 41.99 -17.45
N VAL C 472 -9.51 41.61 -17.03
CA VAL C 472 -9.20 41.17 -15.66
C VAL C 472 -8.21 42.06 -14.87
N ASN D 22 35.00 -2.49 -32.93
CA ASN D 22 34.41 -3.83 -32.89
C ASN D 22 32.89 -3.72 -33.02
N LYS D 23 32.41 -3.61 -34.26
CA LYS D 23 30.98 -3.46 -34.53
C LYS D 23 30.34 -4.69 -35.19
N PRO D 24 29.04 -5.00 -34.89
CA PRO D 24 28.40 -6.18 -35.50
C PRO D 24 28.18 -6.02 -37.01
N GLN D 25 28.35 -7.12 -37.77
CA GLN D 25 28.22 -7.11 -39.23
C GLN D 25 26.85 -7.61 -39.72
N SER D 26 26.46 -8.83 -39.31
CA SER D 26 25.24 -9.49 -39.73
C SER D 26 24.01 -8.94 -39.03
N TRP D 27 22.83 -9.18 -39.63
CA TRP D 27 21.55 -8.76 -39.07
C TRP D 27 21.36 -9.35 -37.67
N GLU D 28 21.75 -10.65 -37.48
CA GLU D 28 21.61 -11.36 -36.21
C GLU D 28 22.51 -10.69 -35.17
N ALA D 29 23.78 -10.37 -35.53
CA ALA D 29 24.74 -9.74 -34.62
C ALA D 29 24.28 -8.34 -34.21
N ARG D 30 23.80 -7.54 -35.20
CA ARG D 30 23.28 -6.18 -34.98
C ARG D 30 22.11 -6.20 -34.01
N ALA D 31 21.14 -7.14 -34.20
CA ALA D 31 19.99 -7.30 -33.33
C ALA D 31 20.43 -7.60 -31.88
N GLU D 32 21.40 -8.51 -31.71
CA GLU D 32 21.89 -8.90 -30.38
C GLU D 32 22.70 -7.82 -29.68
N THR D 33 23.36 -6.96 -30.45
CA THR D 33 24.22 -5.90 -29.91
C THR D 33 23.42 -4.74 -29.32
N TYR D 34 22.30 -4.38 -29.95
CA TYR D 34 21.53 -3.20 -29.56
C TYR D 34 20.15 -3.45 -28.98
N SER D 35 19.65 -4.69 -28.93
CA SER D 35 18.31 -4.90 -28.39
C SER D 35 18.30 -5.39 -26.97
N LEU D 36 17.29 -4.95 -26.22
CA LEU D 36 17.00 -5.48 -24.90
C LEU D 36 15.76 -6.33 -25.20
N TYR D 37 15.92 -7.66 -25.22
CA TYR D 37 14.83 -8.57 -25.61
C TYR D 37 13.71 -8.72 -24.60
N GLY D 38 12.49 -8.59 -25.09
CA GLY D 38 11.27 -8.82 -24.31
C GLY D 38 10.57 -10.08 -24.78
N TRP D 39 9.99 -10.85 -23.83
CA TRP D 39 9.27 -12.11 -24.10
C TRP D 39 10.10 -13.07 -24.98
N THR D 40 11.44 -13.11 -24.77
CA THR D 40 12.35 -13.93 -25.58
C THR D 40 13.12 -14.90 -24.71
N ASP D 41 13.05 -16.20 -25.07
CA ASP D 41 13.80 -17.25 -24.38
C ASP D 41 15.29 -17.08 -24.76
N MET D 42 16.10 -16.55 -23.82
CA MET D 42 17.52 -16.27 -24.06
C MET D 42 18.37 -17.49 -24.45
N PRO D 43 18.25 -18.68 -23.78
CA PRO D 43 19.00 -19.85 -24.26
C PRO D 43 18.75 -20.15 -25.75
N SER D 44 17.49 -20.17 -26.20
CA SER D 44 17.11 -20.39 -27.60
C SER D 44 17.60 -19.27 -28.50
N LEU D 45 17.50 -18.00 -28.07
CA LEU D 45 17.95 -16.91 -28.91
C LEU D 45 19.43 -17.00 -29.23
N HIS D 46 20.27 -17.26 -28.21
CA HIS D 46 21.73 -17.40 -28.37
C HIS D 46 22.11 -18.53 -29.31
N GLN D 47 21.42 -19.67 -29.20
CA GLN D 47 21.68 -20.85 -30.03
C GLN D 47 21.23 -20.66 -31.49
N ARG D 48 20.03 -20.06 -31.68
CA ARG D 48 19.36 -19.91 -32.97
C ARG D 48 19.58 -18.61 -33.73
N GLY D 49 19.74 -17.52 -33.01
CA GLY D 49 19.87 -16.20 -33.62
C GLY D 49 18.49 -15.58 -33.75
N THR D 50 18.43 -14.25 -33.80
CA THR D 50 17.16 -13.52 -33.97
C THR D 50 16.65 -13.76 -35.40
N VAL D 51 15.32 -13.92 -35.56
CA VAL D 51 14.69 -14.01 -36.89
C VAL D 51 14.38 -12.55 -37.25
N VAL D 52 15.13 -11.97 -38.19
CA VAL D 52 14.98 -10.57 -38.60
C VAL D 52 14.11 -10.58 -39.87
N VAL D 53 12.87 -10.08 -39.75
CA VAL D 53 11.85 -10.12 -40.81
C VAL D 53 11.88 -8.88 -41.69
N THR D 54 11.81 -9.05 -43.02
CA THR D 54 11.83 -7.90 -43.95
C THR D 54 10.47 -7.61 -44.58
N HIS D 55 9.66 -8.66 -44.84
CA HIS D 55 8.35 -8.52 -45.49
C HIS D 55 7.50 -9.79 -45.34
N GLY D 56 6.29 -9.73 -45.86
CA GLY D 56 5.37 -10.86 -45.87
C GLY D 56 4.50 -10.90 -47.10
N GLU D 57 3.72 -12.00 -47.25
CA GLU D 57 2.80 -12.29 -48.36
C GLU D 57 1.70 -13.15 -47.76
N GLY D 58 0.48 -12.63 -47.76
CA GLY D 58 -0.64 -13.32 -47.12
C GLY D 58 -0.31 -13.68 -45.66
N PRO D 59 -0.41 -14.98 -45.27
CA PRO D 59 -0.05 -15.37 -43.88
C PRO D 59 1.43 -15.72 -43.68
N TYR D 60 2.28 -15.50 -44.70
CA TYR D 60 3.70 -15.84 -44.65
C TYR D 60 4.57 -14.62 -44.35
N ILE D 61 5.70 -14.84 -43.68
CA ILE D 61 6.71 -13.83 -43.38
C ILE D 61 8.02 -14.34 -43.99
N VAL D 62 8.88 -13.42 -44.42
CA VAL D 62 10.16 -13.75 -45.04
C VAL D 62 11.24 -12.99 -44.28
N ASP D 63 12.33 -13.67 -43.95
CA ASP D 63 13.43 -13.07 -43.21
C ASP D 63 14.58 -12.57 -44.11
N VAL D 64 15.59 -11.92 -43.50
CA VAL D 64 16.78 -11.37 -44.16
C VAL D 64 17.55 -12.45 -44.95
N ASN D 65 17.40 -13.74 -44.57
CA ASN D 65 18.11 -14.83 -45.22
C ASN D 65 17.27 -15.51 -46.33
N GLY D 66 16.10 -14.94 -46.61
CA GLY D 66 15.17 -15.44 -47.64
C GLY D 66 14.30 -16.61 -47.20
N ARG D 67 14.41 -17.02 -45.92
CA ARG D 67 13.60 -18.13 -45.41
C ARG D 67 12.17 -17.64 -45.21
N ARG D 68 11.20 -18.49 -45.58
CA ARG D 68 9.77 -18.20 -45.48
C ARG D 68 9.13 -18.99 -44.34
N TYR D 69 8.22 -18.34 -43.59
CA TYR D 69 7.53 -19.02 -42.51
C TYR D 69 6.06 -18.70 -42.59
N LEU D 70 5.22 -19.71 -42.32
CA LEU D 70 3.78 -19.50 -42.23
C LEU D 70 3.55 -19.04 -40.77
N ASP D 71 3.11 -17.78 -40.60
CA ASP D 71 2.90 -17.26 -39.25
C ASP D 71 1.52 -17.64 -38.74
N ALA D 72 1.46 -18.82 -38.09
CA ALA D 72 0.24 -19.38 -37.56
C ALA D 72 -0.20 -18.72 -36.26
N ASN D 73 0.54 -17.69 -35.82
CA ASN D 73 0.15 -16.89 -34.64
C ASN D 73 -0.32 -15.49 -35.04
N SER D 74 -0.41 -15.17 -36.37
CA SER D 74 -0.78 -13.83 -36.90
C SER D 74 0.15 -12.76 -36.26
N GLY D 75 1.42 -13.14 -36.07
CA GLY D 75 2.38 -12.30 -35.38
C GLY D 75 2.12 -12.51 -33.90
N LEU D 76 1.38 -11.59 -33.28
CA LEU D 76 0.96 -11.71 -31.88
C LEU D 76 -0.57 -11.64 -31.80
N PHE D 77 -1.25 -12.51 -32.59
CA PHE D 77 -2.71 -12.66 -32.73
C PHE D 77 -3.38 -11.53 -33.53
N ASN D 78 -2.65 -10.45 -33.80
CA ASN D 78 -3.18 -9.22 -34.35
C ASN D 78 -3.25 -9.05 -35.86
N MET D 79 -2.41 -9.77 -36.64
CA MET D 79 -2.33 -9.64 -38.10
C MET D 79 -3.29 -10.54 -38.83
N VAL D 80 -4.58 -10.35 -38.54
CA VAL D 80 -5.71 -11.13 -39.03
C VAL D 80 -5.93 -11.06 -40.55
N ALA D 81 -5.42 -10.00 -41.20
CA ALA D 81 -5.56 -9.82 -42.66
C ALA D 81 -4.27 -10.19 -43.38
N GLY D 82 -3.33 -10.77 -42.64
CA GLY D 82 -2.04 -11.16 -43.20
C GLY D 82 -1.04 -10.02 -43.17
N PHE D 83 0.07 -10.20 -43.89
CA PHE D 83 1.22 -9.31 -43.89
C PHE D 83 1.40 -8.39 -45.09
N ASP D 84 0.45 -8.39 -46.05
CA ASP D 84 0.55 -7.54 -47.25
C ASP D 84 -0.82 -7.12 -47.82
N HIS D 85 -1.85 -7.03 -46.98
CA HIS D 85 -3.22 -6.71 -47.41
C HIS D 85 -3.28 -5.36 -48.13
N LYS D 86 -3.62 -5.39 -49.43
CA LYS D 86 -3.66 -4.20 -50.27
C LYS D 86 -4.61 -3.10 -49.82
N GLY D 87 -5.86 -3.45 -49.51
CA GLY D 87 -6.87 -2.49 -49.03
C GLY D 87 -6.41 -1.75 -47.79
N LEU D 88 -5.80 -2.46 -46.84
CA LEU D 88 -5.28 -1.86 -45.62
C LEU D 88 -4.05 -1.00 -45.85
N ILE D 89 -3.14 -1.46 -46.75
CA ILE D 89 -1.96 -0.67 -47.12
C ILE D 89 -2.42 0.66 -47.74
N ASP D 90 -3.39 0.58 -48.66
CA ASP D 90 -3.92 1.75 -49.36
C ASP D 90 -4.63 2.71 -48.43
N ALA D 91 -5.39 2.20 -47.44
CA ALA D 91 -6.07 3.07 -46.46
C ALA D 91 -5.03 3.83 -45.59
N ALA D 92 -3.96 3.13 -45.16
CA ALA D 92 -2.87 3.73 -44.37
C ALA D 92 -2.20 4.84 -45.19
N LYS D 93 -1.82 4.54 -46.46
CA LYS D 93 -1.18 5.49 -47.37
C LYS D 93 -2.09 6.71 -47.58
N ALA D 94 -3.40 6.47 -47.86
CA ALA D 94 -4.36 7.57 -48.07
C ALA D 94 -4.45 8.51 -46.85
N GLN D 95 -4.44 7.98 -45.62
CA GLN D 95 -4.45 8.86 -44.44
C GLN D 95 -3.15 9.62 -44.25
N TYR D 96 -1.98 9.01 -44.53
CA TYR D 96 -0.73 9.77 -44.46
C TYR D 96 -0.74 10.98 -45.44
N GLU D 97 -1.32 10.79 -46.64
CA GLU D 97 -1.43 11.86 -47.62
C GLU D 97 -2.43 12.94 -47.18
N ARG D 98 -3.49 12.53 -46.50
CA ARG D 98 -4.56 13.42 -46.04
C ARG D 98 -4.17 14.24 -44.81
N PHE D 99 -3.88 13.55 -43.69
CA PHE D 99 -3.55 14.19 -42.41
C PHE D 99 -2.75 13.18 -41.61
N PRO D 100 -1.41 13.33 -41.56
CA PRO D 100 -0.57 12.27 -40.99
C PRO D 100 -0.38 12.19 -39.48
N GLY D 101 -0.95 13.14 -38.75
CA GLY D 101 -0.81 13.09 -37.30
C GLY D 101 -1.49 14.22 -36.59
N TYR D 102 -2.03 13.91 -35.40
CA TYR D 102 -2.70 14.83 -34.48
C TYR D 102 -3.02 14.11 -33.21
N HIS D 103 -3.62 14.83 -32.29
CA HIS D 103 -4.00 14.30 -30.99
C HIS D 103 -5.53 14.41 -30.85
N ALA D 104 -6.05 14.02 -29.67
CA ALA D 104 -7.48 14.11 -29.37
C ALA D 104 -7.64 14.62 -27.94
N ALA D 105 -6.90 15.68 -27.61
CA ALA D 105 -6.89 16.30 -26.30
C ALA D 105 -7.20 17.77 -26.44
N PHE D 106 -7.45 18.44 -25.30
CA PHE D 106 -7.71 19.87 -25.20
C PHE D 106 -8.82 20.37 -26.12
N GLY D 107 -9.90 19.58 -26.24
CA GLY D 107 -11.06 19.95 -27.05
C GLY D 107 -10.87 19.88 -28.54
N LYS D 108 -9.86 19.13 -28.99
CA LYS D 108 -9.59 18.96 -30.41
C LYS D 108 -9.51 17.50 -30.73
N MET D 109 -9.72 17.15 -31.99
CA MET D 109 -9.56 15.77 -32.49
C MET D 109 -9.72 15.78 -33.99
N SER D 110 -9.27 14.72 -34.66
CA SER D 110 -9.42 14.67 -36.11
C SER D 110 -10.82 14.18 -36.46
N ASP D 111 -11.21 14.38 -37.73
CA ASP D 111 -12.45 13.86 -38.29
C ASP D 111 -12.47 12.33 -38.23
N GLN D 112 -11.29 11.67 -38.41
CA GLN D 112 -11.12 10.21 -38.37
C GLN D 112 -11.46 9.68 -36.97
N THR D 113 -11.06 10.41 -35.91
CA THR D 113 -11.33 10.06 -34.50
C THR D 113 -12.83 10.01 -34.26
N VAL D 114 -13.52 11.07 -34.71
CA VAL D 114 -14.97 11.21 -34.60
C VAL D 114 -15.63 10.02 -35.29
N MET D 115 -15.23 9.76 -36.54
CA MET D 115 -15.79 8.63 -37.31
C MET D 115 -15.55 7.29 -36.64
N LEU D 116 -14.32 7.06 -36.10
CA LEU D 116 -14.07 5.78 -35.44
C LEU D 116 -14.91 5.58 -34.16
N SER D 117 -15.06 6.64 -33.34
CA SER D 117 -15.85 6.53 -32.11
C SER D 117 -17.30 6.13 -32.43
N GLU D 118 -17.90 6.80 -33.42
CA GLU D 118 -19.25 6.52 -33.89
C GLU D 118 -19.35 5.06 -34.39
N LYS D 119 -18.36 4.61 -35.18
CA LYS D 119 -18.29 3.25 -35.68
C LYS D 119 -18.11 2.20 -34.55
N LEU D 120 -17.23 2.47 -33.58
CA LEU D 120 -17.01 1.55 -32.46
C LEU D 120 -18.27 1.38 -31.61
N VAL D 121 -18.97 2.46 -31.29
CA VAL D 121 -20.25 2.35 -30.54
C VAL D 121 -21.25 1.51 -31.37
N GLU D 122 -21.31 1.77 -32.70
CA GLU D 122 -22.22 1.05 -33.62
C GLU D 122 -21.97 -0.47 -33.64
N VAL D 123 -20.71 -0.90 -33.85
CA VAL D 123 -20.35 -2.32 -33.92
C VAL D 123 -20.33 -3.02 -32.55
N SER D 124 -20.17 -2.24 -31.47
CA SER D 124 -20.22 -2.73 -30.09
C SER D 124 -21.63 -3.33 -29.81
N PRO D 125 -21.78 -4.18 -28.78
CA PRO D 125 -23.14 -4.68 -28.44
C PRO D 125 -24.01 -3.60 -27.78
N PHE D 126 -23.45 -2.42 -27.50
CA PHE D 126 -24.16 -1.32 -26.86
C PHE D 126 -24.99 -0.50 -27.86
N ASP D 127 -26.11 0.06 -27.38
CA ASP D 127 -26.98 0.89 -28.20
C ASP D 127 -26.44 2.31 -28.24
N SER D 128 -25.69 2.70 -27.20
CA SER D 128 -25.03 4.00 -27.13
C SER D 128 -23.81 3.84 -26.23
N GLY D 129 -22.96 4.85 -26.19
CA GLY D 129 -21.77 4.78 -25.36
C GLY D 129 -20.72 5.79 -25.77
N ARG D 130 -19.53 5.68 -25.18
CA ARG D 130 -18.45 6.62 -25.41
C ARG D 130 -17.14 5.86 -25.52
N VAL D 131 -16.21 6.43 -26.27
CA VAL D 131 -14.93 5.79 -26.58
C VAL D 131 -13.77 6.64 -26.10
N PHE D 132 -12.76 5.98 -25.48
CA PHE D 132 -11.52 6.62 -25.05
C PHE D 132 -10.40 5.86 -25.74
N TYR D 133 -9.42 6.56 -26.35
CA TYR D 133 -8.37 5.88 -27.08
C TYR D 133 -7.08 5.78 -26.34
N THR D 134 -6.32 4.73 -26.64
CA THR D 134 -4.96 4.51 -26.14
C THR D 134 -4.16 3.96 -27.33
N ASN D 135 -2.90 3.60 -27.10
CA ASN D 135 -2.08 2.99 -28.14
C ASN D 135 -2.15 1.46 -28.03
N SER D 136 -2.30 0.95 -26.81
CA SER D 136 -2.22 -0.49 -26.62
C SER D 136 -3.31 -1.03 -25.73
N GLY D 137 -3.43 -2.35 -25.69
CA GLY D 137 -4.35 -3.03 -24.78
C GLY D 137 -3.94 -2.85 -23.34
N SER D 138 -2.61 -2.82 -23.03
CA SER D 138 -2.10 -2.55 -21.66
C SER D 138 -2.54 -1.19 -21.15
N GLU D 139 -2.32 -0.13 -21.97
CA GLU D 139 -2.75 1.23 -21.57
C GLU D 139 -4.25 1.30 -21.46
N ALA D 140 -5.00 0.58 -22.34
CA ALA D 140 -6.48 0.60 -22.28
C ALA D 140 -6.98 -0.07 -20.97
N ASN D 141 -6.34 -1.19 -20.51
CA ASN D 141 -6.72 -1.82 -19.23
C ASN D 141 -6.34 -0.92 -18.07
N ASP D 142 -5.15 -0.32 -18.13
CA ASP D 142 -4.68 0.64 -17.12
C ASP D 142 -5.69 1.83 -17.03
N THR D 143 -6.14 2.35 -18.19
CA THR D 143 -7.11 3.44 -18.31
C THR D 143 -8.45 3.05 -17.65
N MET D 144 -8.96 1.87 -17.98
CA MET D 144 -10.22 1.40 -17.42
C MET D 144 -10.14 1.34 -15.90
N VAL D 145 -9.04 0.83 -15.35
CA VAL D 145 -8.83 0.78 -13.89
C VAL D 145 -8.88 2.20 -13.31
N LYS D 146 -8.14 3.14 -13.90
CA LYS D 146 -8.11 4.55 -13.46
C LYS D 146 -9.53 5.16 -13.54
N MET D 147 -10.28 4.86 -14.61
CA MET D 147 -11.67 5.34 -14.79
C MET D 147 -12.56 4.85 -13.65
N LEU D 148 -12.40 3.57 -13.24
CA LEU D 148 -13.17 2.98 -12.13
C LEU D 148 -12.80 3.66 -10.81
N TRP D 149 -11.49 3.83 -10.55
CA TRP D 149 -11.03 4.51 -9.33
C TRP D 149 -11.60 5.93 -9.27
N PHE D 150 -11.58 6.62 -10.40
CA PHE D 150 -12.08 7.98 -10.56
C PHE D 150 -13.58 8.02 -10.29
N LEU D 151 -14.32 7.15 -10.97
CA LEU D 151 -15.79 7.08 -10.86
C LEU D 151 -16.27 6.78 -9.46
N HIS D 152 -15.74 5.71 -8.86
CA HIS D 152 -16.14 5.32 -7.51
C HIS D 152 -15.86 6.39 -6.47
N ALA D 153 -14.67 7.07 -6.55
CA ALA D 153 -14.35 8.16 -5.63
C ALA D 153 -15.32 9.34 -5.80
N ALA D 154 -15.65 9.68 -7.06
CA ALA D 154 -16.61 10.77 -7.37
C ALA D 154 -17.98 10.48 -6.78
N GLU D 155 -18.37 9.20 -6.74
CA GLU D 155 -19.64 8.74 -6.18
C GLU D 155 -19.61 8.44 -4.67
N GLY D 156 -18.56 8.88 -3.98
CA GLY D 156 -18.44 8.71 -2.53
C GLY D 156 -17.93 7.36 -2.04
N LYS D 157 -17.37 6.53 -2.94
CA LYS D 157 -16.77 5.26 -2.52
C LYS D 157 -15.30 5.20 -2.93
N PRO D 158 -14.40 6.09 -2.40
CA PRO D 158 -12.99 6.06 -2.84
C PRO D 158 -12.24 4.78 -2.49
N GLN D 159 -12.74 4.00 -1.50
CA GLN D 159 -12.15 2.72 -1.10
C GLN D 159 -12.47 1.61 -2.13
N LYS D 160 -13.38 1.88 -3.09
CA LYS D 160 -13.80 0.91 -4.11
C LYS D 160 -12.70 0.87 -5.20
N ARG D 161 -11.64 0.11 -4.92
CA ARG D 161 -10.42 0.09 -5.72
C ARG D 161 -9.91 -1.25 -6.21
N LYS D 162 -10.28 -2.34 -5.52
CA LYS D 162 -9.77 -3.67 -5.87
C LYS D 162 -10.25 -4.14 -7.23
N ILE D 163 -9.35 -4.83 -7.94
CA ILE D 163 -9.66 -5.34 -9.27
C ILE D 163 -9.66 -6.86 -9.27
N LEU D 164 -10.77 -7.44 -9.71
CA LEU D 164 -10.86 -8.90 -9.78
C LEU D 164 -10.58 -9.36 -11.19
N THR D 165 -9.65 -10.31 -11.32
CA THR D 165 -9.35 -10.95 -12.61
C THR D 165 -9.20 -12.45 -12.27
N ARG D 166 -8.80 -13.27 -13.22
CA ARG D 166 -8.62 -14.69 -12.99
C ARG D 166 -7.14 -15.04 -13.14
N TRP D 167 -6.72 -16.12 -12.47
CA TRP D 167 -5.41 -16.70 -12.64
C TRP D 167 -5.33 -17.12 -14.12
N ASN D 168 -4.17 -16.96 -14.76
CA ASN D 168 -3.91 -17.27 -16.20
C ASN D 168 -4.49 -16.25 -17.16
N ALA D 169 -5.11 -15.18 -16.63
CA ALA D 169 -5.57 -14.08 -17.49
C ALA D 169 -4.34 -13.27 -17.95
N TYR D 170 -4.41 -12.67 -19.14
CA TYR D 170 -3.38 -11.78 -19.63
C TYR D 170 -4.08 -10.48 -19.95
N HIS D 171 -3.71 -9.41 -19.23
CA HIS D 171 -4.29 -8.09 -19.41
C HIS D 171 -3.29 -7.01 -19.87
N GLY D 172 -2.02 -7.36 -19.92
CA GLY D 172 -1.00 -6.42 -20.34
C GLY D 172 0.23 -6.37 -19.48
N ALA D 173 1.12 -5.40 -19.80
CA ALA D 173 2.45 -5.28 -19.21
C ALA D 173 2.76 -3.97 -18.49
N THR D 174 1.79 -3.02 -18.34
CA THR D 174 2.05 -1.83 -17.49
C THR D 174 2.04 -2.39 -16.05
N ALA D 175 2.52 -1.65 -15.03
CA ALA D 175 2.51 -2.25 -13.69
C ALA D 175 1.10 -2.72 -13.26
N VAL D 176 0.05 -1.91 -13.57
CA VAL D 176 -1.34 -2.25 -13.26
C VAL D 176 -1.84 -3.40 -14.13
N SER D 177 -1.68 -3.34 -15.47
CA SER D 177 -2.19 -4.43 -16.31
C SER D 177 -1.44 -5.76 -16.09
N ALA D 178 -0.18 -5.68 -15.62
CA ALA D 178 0.61 -6.86 -15.25
C ALA D 178 0.16 -7.40 -13.90
N SER D 179 -0.37 -6.53 -13.02
CA SER D 179 -0.90 -6.99 -11.71
C SER D 179 -2.25 -7.69 -11.96
N MET D 180 -2.97 -7.26 -13.00
CA MET D 180 -4.25 -7.88 -13.42
C MET D 180 -3.98 -9.27 -14.02
N THR D 181 -2.89 -9.38 -14.78
CA THR D 181 -2.41 -10.61 -15.41
C THR D 181 -2.20 -11.64 -14.29
N GLY D 182 -2.51 -12.90 -14.55
CA GLY D 182 -2.39 -13.93 -13.54
C GLY D 182 -1.30 -14.95 -13.80
N PHE D 183 -0.03 -14.54 -13.76
CA PHE D 183 1.09 -15.47 -13.98
C PHE D 183 2.20 -15.35 -12.95
N PRO D 184 2.85 -16.49 -12.58
CA PRO D 184 3.95 -16.42 -11.60
C PRO D 184 5.15 -15.56 -12.02
N TYR D 185 5.40 -15.41 -13.35
CA TYR D 185 6.56 -14.67 -13.89
C TYR D 185 6.62 -13.23 -13.43
N ASN D 186 5.44 -12.63 -13.09
CA ASN D 186 5.39 -11.25 -12.63
C ASN D 186 6.02 -11.01 -11.26
N SER D 187 6.31 -12.09 -10.49
CA SER D 187 7.00 -12.00 -9.20
C SER D 187 8.39 -11.38 -9.39
N VAL D 188 8.99 -11.47 -10.60
CA VAL D 188 10.32 -10.90 -10.89
C VAL D 188 10.33 -9.37 -10.81
N PHE D 189 9.13 -8.74 -10.85
CA PHE D 189 8.90 -7.29 -10.77
C PHE D 189 8.32 -6.89 -9.40
N GLY D 190 8.13 -7.87 -8.53
CA GLY D 190 7.55 -7.65 -7.22
C GLY D 190 6.06 -7.32 -7.37
N LEU D 191 5.45 -7.91 -8.39
CA LEU D 191 4.04 -7.72 -8.71
C LEU D 191 3.30 -9.01 -8.37
N PRO D 192 1.97 -8.98 -8.14
CA PRO D 192 1.04 -7.85 -8.32
C PRO D 192 1.11 -6.79 -7.23
N LEU D 193 0.69 -5.58 -7.58
CA LEU D 193 0.52 -4.49 -6.65
C LEU D 193 -0.63 -4.92 -5.73
N PRO D 194 -0.79 -4.36 -4.52
CA PRO D 194 -1.93 -4.75 -3.69
C PRO D 194 -3.24 -4.32 -4.35
N GLY D 195 -4.32 -5.01 -4.01
CA GLY D 195 -5.62 -4.65 -4.56
C GLY D 195 -5.99 -5.35 -5.86
N PHE D 196 -5.19 -6.33 -6.30
CA PHE D 196 -5.45 -7.10 -7.52
C PHE D 196 -5.68 -8.55 -7.11
N VAL D 197 -6.95 -8.96 -7.16
CA VAL D 197 -7.41 -10.27 -6.69
C VAL D 197 -7.59 -11.24 -7.86
N HIS D 198 -6.96 -12.43 -7.77
CA HIS D 198 -7.03 -13.43 -8.84
C HIS D 198 -7.86 -14.62 -8.44
N LEU D 199 -8.98 -14.80 -9.14
CA LEU D 199 -9.93 -15.91 -8.96
C LEU D 199 -9.42 -17.13 -9.68
N THR D 200 -10.04 -18.30 -9.44
CA THR D 200 -9.66 -19.52 -10.15
C THR D 200 -9.95 -19.37 -11.65
N CYS D 201 -9.07 -19.91 -12.48
CA CYS D 201 -9.21 -19.93 -13.91
C CYS D 201 -10.31 -20.98 -14.27
N PRO D 202 -11.32 -20.64 -15.12
CA PRO D 202 -12.37 -21.64 -15.43
C PRO D 202 -11.95 -22.66 -16.50
N HIS D 203 -10.76 -23.28 -16.29
CA HIS D 203 -10.20 -24.30 -17.18
C HIS D 203 -10.53 -25.64 -16.52
N TYR D 204 -11.63 -26.26 -16.96
CA TYR D 204 -12.12 -27.51 -16.37
C TYR D 204 -11.10 -28.65 -16.40
N TRP D 205 -10.47 -28.90 -17.56
CA TRP D 205 -9.47 -29.97 -17.71
C TRP D 205 -8.31 -29.88 -16.69
N ARG D 206 -7.81 -28.66 -16.39
CA ARG D 206 -6.71 -28.46 -15.43
C ARG D 206 -7.15 -28.29 -13.97
N TYR D 207 -8.15 -27.43 -13.71
CA TYR D 207 -8.57 -27.11 -12.34
C TYR D 207 -9.74 -27.89 -11.77
N GLY D 208 -10.42 -28.69 -12.60
CA GLY D 208 -11.48 -29.55 -12.11
C GLY D 208 -10.87 -30.61 -11.23
N GLU D 209 -11.45 -30.84 -10.05
CA GLU D 209 -10.92 -31.83 -9.10
C GLU D 209 -11.39 -33.23 -9.47
N GLU D 210 -10.73 -34.29 -8.94
CA GLU D 210 -11.13 -35.68 -9.21
C GLU D 210 -12.60 -35.86 -8.83
N GLY D 211 -13.38 -36.44 -9.74
CA GLY D 211 -14.80 -36.67 -9.52
C GLY D 211 -15.67 -35.43 -9.53
N GLU D 212 -15.12 -34.30 -9.94
CA GLU D 212 -15.91 -33.08 -10.01
C GLU D 212 -16.45 -32.94 -11.43
N THR D 213 -17.77 -32.73 -11.57
CA THR D 213 -18.36 -32.53 -12.90
C THR D 213 -18.12 -31.09 -13.34
N GLU D 214 -18.34 -30.81 -14.63
CA GLU D 214 -18.15 -29.46 -15.16
C GLU D 214 -19.18 -28.52 -14.54
N GLU D 215 -20.39 -29.02 -14.30
CA GLU D 215 -21.46 -28.27 -13.63
C GLU D 215 -21.04 -27.93 -12.18
N GLN D 216 -20.46 -28.90 -11.45
CA GLN D 216 -20.00 -28.66 -10.07
C GLN D 216 -18.82 -27.68 -10.03
N PHE D 217 -17.93 -27.78 -11.03
CA PHE D 217 -16.79 -26.88 -11.19
C PHE D 217 -17.26 -25.42 -11.36
N VAL D 218 -18.28 -25.19 -12.21
CA VAL D 218 -18.82 -23.84 -12.43
C VAL D 218 -19.50 -23.34 -11.15
N ALA D 219 -20.29 -24.22 -10.48
CA ALA D 219 -20.95 -23.89 -9.20
C ALA D 219 -19.89 -23.50 -8.15
N ARG D 220 -18.76 -24.25 -8.12
CA ARG D 220 -17.62 -23.97 -7.22
C ARG D 220 -17.05 -22.58 -7.52
N LEU D 221 -16.85 -22.26 -8.82
CA LEU D 221 -16.30 -20.96 -9.23
C LEU D 221 -17.17 -19.81 -8.80
N ALA D 222 -18.50 -19.94 -8.99
CA ALA D 222 -19.50 -18.93 -8.59
C ALA D 222 -19.47 -18.78 -7.05
N ARG D 223 -19.35 -19.92 -6.30
CA ARG D 223 -19.28 -19.86 -4.83
C ARG D 223 -18.02 -19.15 -4.37
N GLU D 224 -16.88 -19.43 -5.04
CA GLU D 224 -15.61 -18.80 -4.71
C GLU D 224 -15.68 -17.30 -4.95
N LEU D 225 -16.34 -16.87 -6.04
CA LEU D 225 -16.47 -15.44 -6.33
C LEU D 225 -17.31 -14.74 -5.23
N GLU D 226 -18.45 -15.34 -4.86
CA GLU D 226 -19.30 -14.78 -3.81
C GLU D 226 -18.57 -14.71 -2.46
N GLU D 227 -17.80 -15.76 -2.10
CA GLU D 227 -17.00 -15.78 -0.86
C GLU D 227 -15.94 -14.69 -0.89
N THR D 228 -15.27 -14.49 -2.07
CA THR D 228 -14.25 -13.46 -2.27
C THR D 228 -14.85 -12.06 -2.07
N ILE D 229 -16.05 -11.82 -2.67
CA ILE D 229 -16.75 -10.54 -2.52
C ILE D 229 -17.07 -10.26 -1.05
N GLN D 230 -17.56 -11.29 -0.31
CA GLN D 230 -17.90 -11.14 1.11
C GLN D 230 -16.66 -10.94 1.97
N ARG D 231 -15.55 -11.65 1.67
CA ARG D 231 -14.31 -11.50 2.43
C ARG D 231 -13.64 -10.15 2.16
N GLU D 232 -13.68 -9.66 0.91
CA GLU D 232 -13.08 -8.36 0.59
C GLU D 232 -13.97 -7.20 0.99
N GLY D 233 -15.28 -7.37 0.79
CA GLY D 233 -16.29 -6.34 0.99
C GLY D 233 -16.58 -5.74 -0.38
N ALA D 234 -17.86 -5.80 -0.86
CA ALA D 234 -18.26 -5.26 -2.18
C ALA D 234 -17.88 -3.79 -2.33
N ASP D 235 -17.92 -3.03 -1.22
CA ASP D 235 -17.56 -1.60 -1.23
C ASP D 235 -16.07 -1.34 -1.50
N THR D 236 -15.22 -2.37 -1.50
CA THR D 236 -13.79 -2.19 -1.78
C THR D 236 -13.43 -2.67 -3.18
N ILE D 237 -14.39 -3.29 -3.92
CA ILE D 237 -14.15 -3.87 -5.24
C ILE D 237 -14.62 -2.94 -6.37
N ALA D 238 -13.67 -2.44 -7.18
CA ALA D 238 -13.90 -1.49 -8.27
C ALA D 238 -14.44 -2.13 -9.54
N GLY D 239 -14.05 -3.37 -9.81
CA GLY D 239 -14.49 -4.01 -11.04
C GLY D 239 -13.92 -5.39 -11.22
N PHE D 240 -14.47 -6.06 -12.22
CA PHE D 240 -14.13 -7.41 -12.62
C PHE D 240 -13.83 -7.35 -14.12
N PHE D 241 -12.68 -7.89 -14.51
CA PHE D 241 -12.30 -7.93 -15.92
C PHE D 241 -12.17 -9.40 -16.34
N ALA D 242 -12.65 -9.72 -17.55
CA ALA D 242 -12.50 -11.05 -18.12
C ALA D 242 -12.36 -11.06 -19.61
N GLU D 243 -11.39 -11.83 -20.10
CA GLU D 243 -11.28 -12.17 -21.50
C GLU D 243 -12.33 -13.27 -21.68
N PRO D 244 -13.29 -13.14 -22.62
CA PRO D 244 -14.29 -14.21 -22.80
C PRO D 244 -13.62 -15.58 -22.98
N VAL D 245 -12.61 -15.66 -23.86
CA VAL D 245 -11.72 -16.81 -24.04
C VAL D 245 -10.33 -16.25 -23.69
N MET D 246 -9.63 -16.88 -22.74
CA MET D 246 -8.28 -16.43 -22.38
C MET D 246 -7.33 -16.74 -23.54
N GLY D 247 -6.66 -15.71 -24.06
CA GLY D 247 -5.79 -15.82 -25.23
C GLY D 247 -4.37 -16.21 -24.92
N ALA D 248 -3.54 -15.20 -24.55
CA ALA D 248 -2.11 -15.38 -24.26
C ALA D 248 -1.85 -16.39 -23.14
N GLY D 249 -2.84 -16.62 -22.29
CA GLY D 249 -2.81 -17.59 -21.21
C GLY D 249 -2.95 -19.04 -21.64
N GLY D 250 -3.05 -19.28 -22.95
CA GLY D 250 -3.07 -20.63 -23.50
C GLY D 250 -4.33 -21.08 -24.20
N VAL D 251 -5.19 -20.13 -24.65
CA VAL D 251 -6.45 -20.40 -25.36
C VAL D 251 -7.36 -21.24 -24.47
N ILE D 252 -7.98 -20.58 -23.51
CA ILE D 252 -8.84 -21.27 -22.56
C ILE D 252 -10.30 -20.84 -22.69
N PRO D 253 -11.14 -21.60 -23.43
CA PRO D 253 -12.58 -21.28 -23.45
C PRO D 253 -13.10 -21.63 -22.05
N PRO D 254 -14.02 -20.85 -21.50
CA PRO D 254 -14.41 -21.10 -20.10
C PRO D 254 -15.32 -22.31 -19.98
N ALA D 255 -15.30 -22.96 -18.82
CA ALA D 255 -16.17 -24.10 -18.55
C ALA D 255 -17.64 -23.72 -18.86
N LYS D 256 -18.44 -24.67 -19.36
CA LYS D 256 -19.84 -24.48 -19.75
C LYS D 256 -20.69 -23.77 -18.70
N GLY D 257 -21.31 -22.67 -19.08
CA GLY D 257 -22.18 -21.91 -18.18
C GLY D 257 -21.49 -20.96 -17.21
N TYR D 258 -20.17 -20.82 -17.33
CA TYR D 258 -19.37 -19.94 -16.46
C TYR D 258 -19.92 -18.54 -16.33
N PHE D 259 -20.05 -17.82 -17.45
CA PHE D 259 -20.55 -16.44 -17.38
C PHE D 259 -21.98 -16.33 -16.89
N GLN D 260 -22.80 -17.33 -17.16
CA GLN D 260 -24.20 -17.38 -16.70
C GLN D 260 -24.25 -17.55 -15.17
N ALA D 261 -23.23 -18.20 -14.57
CA ALA D 261 -23.18 -18.38 -13.11
C ALA D 261 -22.58 -17.16 -12.39
N ILE D 262 -21.51 -16.58 -12.94
CA ILE D 262 -20.83 -15.46 -12.29
C ILE D 262 -21.44 -14.08 -12.45
N LEU D 263 -21.99 -13.76 -13.65
CA LEU D 263 -22.56 -12.43 -13.91
C LEU D 263 -23.65 -11.97 -12.92
N PRO D 264 -24.66 -12.81 -12.58
CA PRO D 264 -25.66 -12.38 -11.57
C PRO D 264 -25.03 -12.00 -10.23
N ILE D 265 -23.94 -12.70 -9.83
CA ILE D 265 -23.23 -12.40 -8.57
C ILE D 265 -22.59 -11.02 -8.65
N LEU D 266 -21.86 -10.74 -9.72
CA LEU D 266 -21.26 -9.39 -9.85
C LEU D 266 -22.32 -8.28 -9.89
N ARG D 267 -23.44 -8.53 -10.59
CA ARG D 267 -24.54 -7.56 -10.72
C ARG D 267 -25.18 -7.32 -9.34
N LYS D 268 -25.35 -8.39 -8.55
CA LYS D 268 -25.89 -8.33 -7.17
C LYS D 268 -25.07 -7.36 -6.30
N TYR D 269 -23.72 -7.39 -6.42
CA TYR D 269 -22.80 -6.59 -5.60
C TYR D 269 -22.29 -5.27 -6.18
N ASP D 270 -22.94 -4.74 -7.25
CA ASP D 270 -22.59 -3.47 -7.92
C ASP D 270 -21.10 -3.45 -8.33
N ILE D 271 -20.66 -4.53 -9.01
CA ILE D 271 -19.29 -4.62 -9.48
C ILE D 271 -19.29 -4.55 -11.01
N PRO D 272 -18.81 -3.42 -11.59
CA PRO D 272 -18.75 -3.31 -13.07
C PRO D 272 -18.03 -4.48 -13.72
N VAL D 273 -18.57 -4.92 -14.86
CA VAL D 273 -18.10 -6.08 -15.60
C VAL D 273 -17.46 -5.54 -16.85
N ILE D 274 -16.18 -5.85 -17.05
CA ILE D 274 -15.44 -5.40 -18.22
C ILE D 274 -15.02 -6.60 -19.05
N SER D 275 -15.40 -6.62 -20.32
CA SER D 275 -14.96 -7.69 -21.21
C SER D 275 -13.65 -7.25 -21.87
N ASP D 276 -12.54 -7.94 -21.59
CA ASP D 276 -11.30 -7.61 -22.26
C ASP D 276 -11.38 -8.36 -23.59
N GLU D 277 -11.65 -7.62 -24.68
CA GLU D 277 -11.81 -8.16 -26.03
C GLU D 277 -10.58 -7.90 -26.88
N VAL D 278 -9.41 -7.70 -26.26
CA VAL D 278 -8.18 -7.41 -27.02
C VAL D 278 -7.90 -8.48 -28.06
N VAL D 279 -8.03 -9.76 -27.67
CA VAL D 279 -7.88 -10.89 -28.59
C VAL D 279 -9.22 -11.33 -29.22
N CYS D 280 -10.28 -11.40 -28.42
CA CYS D 280 -11.60 -11.88 -28.88
C CYS D 280 -12.38 -10.91 -29.78
N GLY D 281 -12.05 -9.63 -29.71
CA GLY D 281 -12.74 -8.61 -30.49
C GLY D 281 -12.47 -8.71 -31.96
N PHE D 282 -13.53 -8.53 -32.76
CA PHE D 282 -13.48 -8.61 -34.20
C PHE D 282 -13.25 -9.99 -34.81
N GLY D 283 -14.00 -10.98 -34.35
CA GLY D 283 -14.08 -12.28 -35.02
C GLY D 283 -13.35 -13.54 -34.66
N ARG D 284 -12.29 -13.51 -33.83
CA ARG D 284 -11.55 -14.77 -33.59
C ARG D 284 -12.37 -15.93 -32.98
N THR D 285 -13.40 -15.62 -32.15
CA THR D 285 -14.25 -16.65 -31.50
C THR D 285 -15.44 -17.08 -32.39
N GLY D 286 -15.58 -16.47 -33.56
CA GLY D 286 -16.67 -16.79 -34.48
C GLY D 286 -17.84 -15.85 -34.40
N ASN D 287 -17.67 -14.73 -33.68
CA ASN D 287 -18.68 -13.67 -33.54
C ASN D 287 -17.91 -12.37 -33.45
N THR D 288 -18.59 -11.21 -33.59
CA THR D 288 -17.92 -9.92 -33.53
C THR D 288 -17.22 -9.69 -32.20
N TRP D 289 -17.82 -10.18 -31.11
CA TRP D 289 -17.23 -10.04 -29.77
C TRP D 289 -17.30 -11.37 -29.06
N GLY D 290 -16.31 -11.64 -28.19
CA GLY D 290 -16.32 -12.86 -27.37
C GLY D 290 -17.48 -12.83 -26.41
N CYS D 291 -17.87 -11.62 -25.92
CA CYS D 291 -19.06 -11.54 -25.03
C CYS D 291 -20.39 -11.92 -25.73
N VAL D 292 -20.43 -11.80 -27.07
CA VAL D 292 -21.58 -12.21 -27.89
C VAL D 292 -21.56 -13.75 -27.99
N THR D 293 -20.38 -14.36 -28.27
CA THR D 293 -20.23 -15.83 -28.33
C THR D 293 -20.68 -16.46 -27.00
N TYR D 294 -20.32 -15.81 -25.88
CA TYR D 294 -20.65 -16.29 -24.53
C TYR D 294 -21.89 -15.69 -23.93
N ASP D 295 -22.69 -15.02 -24.79
CA ASP D 295 -24.01 -14.49 -24.50
C ASP D 295 -24.15 -13.66 -23.23
N PHE D 296 -23.23 -12.69 -23.06
CA PHE D 296 -23.31 -11.77 -21.92
C PHE D 296 -23.08 -10.34 -22.38
N THR D 297 -23.63 -9.37 -21.64
CA THR D 297 -23.45 -7.97 -21.96
C THR D 297 -22.59 -7.34 -20.86
N PRO D 298 -21.38 -6.87 -21.20
CA PRO D 298 -20.55 -6.21 -20.17
C PRO D 298 -20.96 -4.74 -20.03
N ASP D 299 -20.32 -4.03 -19.10
CA ASP D 299 -20.53 -2.60 -18.87
C ASP D 299 -19.58 -1.77 -19.74
N ALA D 300 -18.49 -2.41 -20.16
CA ALA D 300 -17.47 -1.84 -21.02
C ALA D 300 -16.68 -2.92 -21.73
N ILE D 301 -16.02 -2.52 -22.83
CA ILE D 301 -15.19 -3.37 -23.64
C ILE D 301 -13.81 -2.73 -23.83
N ILE D 302 -12.75 -3.55 -23.80
CA ILE D 302 -11.37 -3.17 -24.08
C ILE D 302 -11.06 -3.79 -25.43
N SER D 303 -10.62 -2.97 -26.38
CA SER D 303 -10.28 -3.43 -27.72
C SER D 303 -8.87 -3.00 -28.09
N SER D 304 -8.17 -3.81 -28.89
CA SER D 304 -6.84 -3.49 -29.41
C SER D 304 -6.48 -4.57 -30.44
N1 LLP D 305 -5.37 -7.92 -23.04
C2 LLP D 305 -5.32 -9.05 -23.71
C2' LLP D 305 -6.43 -10.10 -23.62
C3 LLP D 305 -4.30 -9.24 -24.66
O3 LLP D 305 -4.29 -10.35 -25.36
C4 LLP D 305 -3.23 -8.31 -24.84
C4' LLP D 305 -2.14 -8.57 -25.94
C5 LLP D 305 -3.28 -7.13 -24.02
C6 LLP D 305 -4.38 -6.95 -23.15
C5' LLP D 305 -2.18 -6.08 -24.10
OP4 LLP D 305 -2.16 -5.40 -25.38
P LLP D 305 -0.80 -4.69 -25.64
OP1 LLP D 305 0.22 -5.83 -25.74
OP2 LLP D 305 -1.03 -4.00 -26.92
OP3 LLP D 305 -0.49 -3.81 -24.53
N LLP D 305 -5.19 -4.89 -30.62
CA LLP D 305 -4.76 -5.98 -31.55
CB LLP D 305 -4.81 -7.43 -30.91
CG LLP D 305 -3.68 -7.62 -29.84
CD LLP D 305 -3.53 -9.08 -29.41
CE LLP D 305 -2.26 -9.23 -28.48
NZ LLP D 305 -2.78 -9.39 -27.08
C LLP D 305 -5.42 -5.87 -32.94
O LLP D 305 -5.04 -5.00 -33.72
N ASN D 306 -6.43 -6.72 -33.21
CA ASN D 306 -7.18 -6.79 -34.50
C ASN D 306 -7.89 -5.52 -34.85
N LEU D 307 -8.10 -4.63 -33.87
CA LEU D 307 -8.74 -3.34 -34.10
C LEU D 307 -8.16 -2.66 -35.38
N THR D 308 -6.85 -2.80 -35.62
CA THR D 308 -6.18 -2.23 -36.80
C THR D 308 -5.54 -3.33 -37.64
N ALA D 309 -5.82 -4.62 -37.34
CA ALA D 309 -5.20 -5.78 -38.02
C ALA D 309 -3.65 -5.68 -37.97
N GLY D 310 -3.14 -5.14 -36.86
CA GLY D 310 -1.71 -4.96 -36.60
C GLY D 310 -1.01 -3.88 -37.39
N PHE D 311 -1.77 -3.08 -38.16
CA PHE D 311 -1.17 -2.04 -38.99
C PHE D 311 -0.75 -0.80 -38.22
N PHE D 312 -1.33 -0.58 -37.03
CA PHE D 312 -1.06 0.62 -36.25
C PHE D 312 -1.39 0.35 -34.78
N PRO D 313 -0.64 0.89 -33.82
CA PRO D 313 -0.96 0.64 -32.41
C PRO D 313 -2.15 1.49 -31.98
N MET D 314 -3.28 0.82 -31.74
CA MET D 314 -4.48 1.45 -31.23
C MET D 314 -5.04 0.56 -30.16
N GLY D 315 -5.57 1.20 -29.14
CA GLY D 315 -6.32 0.54 -28.07
C GLY D 315 -7.55 1.39 -27.87
N ALA D 316 -8.64 0.78 -27.40
CA ALA D 316 -9.85 1.55 -27.13
C ALA D 316 -10.62 1.02 -25.95
N VAL D 317 -11.16 1.94 -25.17
CA VAL D 317 -12.05 1.63 -24.06
C VAL D 317 -13.45 2.03 -24.58
N ILE D 318 -14.36 1.11 -24.67
CA ILE D 318 -15.68 1.41 -25.24
C ILE D 318 -16.67 1.37 -24.09
N LEU D 319 -17.18 2.39 -23.54
CA LEU D 319 -18.04 2.38 -22.35
C LEU D 319 -19.49 2.25 -22.75
N GLY D 320 -20.21 1.35 -22.10
CA GLY D 320 -21.63 1.14 -22.34
C GLY D 320 -22.46 2.31 -21.82
N PRO D 321 -23.80 2.27 -21.97
CA PRO D 321 -24.63 3.40 -21.53
C PRO D 321 -24.55 3.78 -20.06
N GLU D 322 -24.54 2.80 -19.14
CA GLU D 322 -24.52 3.07 -17.68
C GLU D 322 -23.21 3.71 -17.23
N LEU D 323 -22.06 3.10 -17.57
CA LEU D 323 -20.77 3.67 -17.21
C LEU D 323 -20.49 5.01 -17.92
N SER D 324 -20.98 5.18 -19.19
CA SER D 324 -20.80 6.46 -19.92
C SER D 324 -21.48 7.61 -19.17
N LYS D 325 -22.76 7.42 -18.80
CA LYS D 325 -23.57 8.41 -18.10
C LYS D 325 -22.97 8.70 -16.72
N ARG D 326 -22.55 7.64 -16.01
CA ARG D 326 -21.94 7.78 -14.69
C ARG D 326 -20.60 8.52 -14.74
N LEU D 327 -19.73 8.19 -15.74
CA LEU D 327 -18.42 8.86 -15.87
C LEU D 327 -18.58 10.31 -16.33
N GLU D 328 -19.52 10.58 -17.28
CA GLU D 328 -19.83 11.94 -17.75
C GLU D 328 -20.22 12.86 -16.57
N THR D 329 -21.11 12.36 -15.69
CA THR D 329 -21.58 13.08 -14.48
C THR D 329 -20.39 13.43 -13.59
N ALA D 330 -19.51 12.46 -13.36
CA ALA D 330 -18.31 12.60 -12.54
C ALA D 330 -17.32 13.60 -13.16
N ILE D 331 -17.07 13.52 -14.49
CA ILE D 331 -16.14 14.42 -15.19
C ILE D 331 -16.70 15.86 -15.20
N GLU D 332 -18.01 16.02 -15.45
CA GLU D 332 -18.67 17.34 -15.47
C GLU D 332 -18.45 18.07 -14.12
N ALA D 333 -18.55 17.33 -12.99
CA ALA D 333 -18.35 17.84 -11.63
C ALA D 333 -16.93 18.36 -11.38
N ILE D 334 -15.87 17.68 -11.90
CA ILE D 334 -14.50 18.19 -11.71
C ILE D 334 -14.00 19.01 -12.88
N GLU D 335 -14.84 19.15 -13.92
CA GLU D 335 -14.64 19.94 -15.14
C GLU D 335 -13.62 19.39 -16.14
N GLU D 336 -12.88 18.33 -15.77
CA GLU D 336 -11.87 17.73 -16.66
C GLU D 336 -11.56 16.28 -16.28
N PHE D 337 -11.14 15.49 -17.26
CA PHE D 337 -10.72 14.12 -17.01
C PHE D 337 -9.20 14.13 -17.28
N PRO D 338 -8.37 14.28 -16.21
CA PRO D 338 -6.92 14.43 -16.40
C PRO D 338 -6.20 13.12 -16.74
N HIS D 339 -6.40 12.66 -17.99
CA HIS D 339 -5.88 11.39 -18.48
C HIS D 339 -5.87 11.36 -19.99
N GLY D 340 -4.82 10.76 -20.55
CA GLY D 340 -4.66 10.61 -22.00
C GLY D 340 -3.23 10.36 -22.40
N PHE D 341 -3.05 9.92 -23.65
CA PHE D 341 -1.73 9.62 -24.20
C PHE D 341 -1.56 10.50 -25.41
N THR D 342 -0.33 10.90 -25.70
CA THR D 342 -0.03 11.82 -26.81
C THR D 342 -0.72 11.40 -28.11
N ALA D 343 -0.56 10.12 -28.50
CA ALA D 343 -1.14 9.62 -29.75
C ALA D 343 -2.58 9.07 -29.62
N SER D 344 -3.24 9.23 -28.46
CA SER D 344 -4.65 8.77 -28.31
C SER D 344 -5.50 9.45 -29.40
N GLY D 345 -6.19 8.66 -30.22
CA GLY D 345 -7.05 9.19 -31.26
C GLY D 345 -6.34 9.66 -32.52
N HIS D 346 -5.09 9.20 -32.72
CA HIS D 346 -4.25 9.51 -33.90
C HIS D 346 -5.06 9.33 -35.18
N PRO D 347 -5.08 10.32 -36.10
CA PRO D 347 -5.93 10.22 -37.31
C PRO D 347 -5.61 9.04 -38.22
N VAL D 348 -4.32 8.68 -38.31
CA VAL D 348 -3.86 7.52 -39.09
C VAL D 348 -4.36 6.19 -38.47
N GLY D 349 -4.18 6.03 -37.17
CA GLY D 349 -4.69 4.85 -36.46
C GLY D 349 -6.19 4.71 -36.61
N CYS D 350 -6.92 5.84 -36.53
CA CYS D 350 -8.38 5.84 -36.67
C CYS D 350 -8.83 5.48 -38.07
N ALA D 351 -8.16 6.02 -39.11
CA ALA D 351 -8.50 5.67 -40.50
C ALA D 351 -8.20 4.20 -40.79
N ILE D 352 -7.07 3.68 -40.26
CA ILE D 352 -6.68 2.27 -40.44
C ILE D 352 -7.68 1.36 -39.73
N ALA D 353 -8.05 1.70 -38.48
CA ALA D 353 -9.04 0.94 -37.71
C ALA D 353 -10.40 0.89 -38.42
N LEU D 354 -10.86 2.02 -39.01
CA LEU D 354 -12.12 2.05 -39.78
C LEU D 354 -12.06 1.03 -40.92
N LYS D 355 -10.93 1.00 -41.65
CA LYS D 355 -10.76 0.05 -42.76
C LYS D 355 -10.69 -1.39 -42.25
N ALA D 356 -9.89 -1.64 -41.20
CA ALA D 356 -9.69 -2.95 -40.57
C ALA D 356 -11.02 -3.55 -40.11
N ILE D 357 -11.89 -2.73 -39.48
CA ILE D 357 -13.23 -3.16 -39.03
C ILE D 357 -14.05 -3.56 -40.26
N ASP D 358 -14.03 -2.70 -41.30
CA ASP D 358 -14.75 -2.95 -42.54
C ASP D 358 -14.26 -4.20 -43.28
N VAL D 359 -12.94 -4.41 -43.35
CA VAL D 359 -12.33 -5.58 -43.99
C VAL D 359 -12.75 -6.86 -43.23
N VAL D 360 -12.57 -6.87 -41.90
CA VAL D 360 -12.87 -8.05 -41.09
C VAL D 360 -14.36 -8.40 -41.15
N MET D 361 -15.22 -7.41 -40.83
CA MET D 361 -16.67 -7.60 -40.78
C MET D 361 -17.36 -7.73 -42.12
N ASN D 362 -16.95 -6.93 -43.10
CA ASN D 362 -17.64 -6.88 -44.40
C ASN D 362 -16.93 -7.44 -45.61
N GLU D 363 -15.65 -7.89 -45.46
CA GLU D 363 -14.97 -8.46 -46.62
C GLU D 363 -14.67 -9.97 -46.52
N GLY D 364 -15.43 -10.68 -45.70
CA GLY D 364 -15.37 -12.14 -45.56
C GLY D 364 -14.37 -12.74 -44.59
N LEU D 365 -13.55 -11.92 -43.91
CA LEU D 365 -12.53 -12.45 -42.99
C LEU D 365 -13.16 -13.13 -41.77
N ALA D 366 -14.09 -12.44 -41.07
CA ALA D 366 -14.78 -13.00 -39.89
C ALA D 366 -15.61 -14.22 -40.34
N GLU D 367 -16.13 -14.20 -41.58
CA GLU D 367 -16.91 -15.31 -42.13
C GLU D 367 -16.02 -16.52 -42.44
N ASN D 368 -14.79 -16.27 -42.90
CA ASN D 368 -13.84 -17.34 -43.19
C ASN D 368 -13.49 -18.11 -41.91
N VAL D 369 -13.37 -17.43 -40.75
CA VAL D 369 -13.14 -18.14 -39.47
C VAL D 369 -14.28 -19.10 -39.12
N ARG D 370 -15.55 -18.64 -39.24
CA ARG D 370 -16.73 -19.47 -38.99
C ARG D 370 -16.75 -20.67 -39.96
N ARG D 371 -16.43 -20.43 -41.26
CA ARG D 371 -16.40 -21.46 -42.30
C ARG D 371 -15.32 -22.53 -42.07
N LEU D 372 -14.12 -22.09 -41.68
CA LEU D 372 -13.00 -23.02 -41.45
C LEU D 372 -12.82 -23.58 -40.02
N ALA D 373 -13.53 -23.02 -39.01
CA ALA D 373 -13.48 -23.52 -37.62
C ALA D 373 -13.80 -25.04 -37.49
N PRO D 374 -14.83 -25.61 -38.18
CA PRO D 374 -15.08 -27.06 -38.04
C PRO D 374 -13.91 -27.96 -38.51
N ARG D 375 -13.28 -27.62 -39.65
CA ARG D 375 -12.12 -28.32 -40.22
C ARG D 375 -10.95 -28.24 -39.24
N PHE D 376 -10.72 -27.03 -38.66
CA PHE D 376 -9.68 -26.76 -37.67
C PHE D 376 -9.85 -27.72 -36.48
N GLU D 377 -11.06 -27.81 -35.96
CA GLU D 377 -11.37 -28.65 -34.82
C GLU D 377 -11.22 -30.13 -35.12
N GLU D 378 -11.73 -30.58 -36.28
CA GLU D 378 -11.67 -31.96 -36.72
C GLU D 378 -10.20 -32.46 -36.71
N ARG D 379 -9.28 -31.66 -37.25
CA ARG D 379 -7.85 -32.00 -37.31
C ARG D 379 -7.19 -32.05 -35.94
N LEU D 380 -7.57 -31.13 -35.04
CA LEU D 380 -7.04 -31.09 -33.67
C LEU D 380 -7.53 -32.29 -32.90
N LYS D 381 -8.81 -32.66 -33.10
CA LYS D 381 -9.45 -33.83 -32.48
C LYS D 381 -8.65 -35.10 -32.86
N HIS D 382 -8.24 -35.20 -34.15
CA HIS D 382 -7.44 -36.30 -34.66
C HIS D 382 -6.03 -36.27 -34.02
N ILE D 383 -5.39 -35.07 -33.97
CA ILE D 383 -4.06 -34.93 -33.34
C ILE D 383 -4.10 -35.33 -31.85
N ALA D 384 -5.16 -34.95 -31.13
CA ALA D 384 -5.34 -35.23 -29.70
C ALA D 384 -5.46 -36.73 -29.32
N GLU D 385 -5.52 -37.62 -30.31
CA GLU D 385 -5.56 -39.07 -30.12
C GLU D 385 -4.18 -39.56 -29.66
N ARG D 386 -3.11 -38.81 -30.06
CA ARG D 386 -1.71 -39.09 -29.68
C ARG D 386 -1.56 -39.27 -28.15
N PRO D 387 -0.76 -40.24 -27.67
CA PRO D 387 -0.63 -40.45 -26.21
C PRO D 387 -0.04 -39.26 -25.43
N ASN D 388 0.74 -38.40 -26.10
CA ASN D 388 1.34 -37.24 -25.46
C ASN D 388 0.53 -35.95 -25.58
N ILE D 389 -0.73 -36.03 -26.09
CA ILE D 389 -1.60 -34.85 -26.16
C ILE D 389 -2.72 -34.99 -25.12
N GLY D 390 -2.66 -34.14 -24.08
CA GLY D 390 -3.60 -34.14 -22.96
C GLY D 390 -5.02 -33.74 -23.33
N GLU D 391 -5.14 -32.72 -24.19
CA GLU D 391 -6.41 -32.21 -24.69
C GLU D 391 -6.16 -31.21 -25.81
N TYR D 392 -7.20 -31.00 -26.61
CA TYR D 392 -7.22 -29.91 -27.57
C TYR D 392 -8.33 -29.00 -27.04
N ARG D 393 -8.20 -27.71 -27.24
CA ARG D 393 -9.19 -26.73 -26.78
C ARG D 393 -9.19 -25.52 -27.69
N GLY D 394 -10.34 -24.85 -27.77
CA GLY D 394 -10.46 -23.63 -28.56
C GLY D 394 -11.84 -23.40 -29.12
N ILE D 395 -11.92 -22.42 -30.03
CA ILE D 395 -13.15 -21.95 -30.69
C ILE D 395 -12.73 -21.05 -31.86
N GLY D 396 -13.52 -21.06 -32.94
CA GLY D 396 -13.23 -20.23 -34.11
C GLY D 396 -11.83 -20.42 -34.66
N PHE D 397 -11.00 -19.36 -34.57
CA PHE D 397 -9.60 -19.37 -35.06
C PHE D 397 -8.58 -19.22 -33.91
N MET D 398 -8.93 -19.73 -32.70
CA MET D 398 -8.00 -19.73 -31.58
C MET D 398 -7.99 -21.11 -31.00
N TRP D 399 -6.84 -21.82 -31.08
CA TRP D 399 -6.78 -23.20 -30.59
C TRP D 399 -5.50 -23.49 -29.86
N ALA D 400 -5.54 -24.55 -29.04
CA ALA D 400 -4.36 -25.01 -28.32
C ALA D 400 -4.33 -26.53 -28.17
N LEU D 401 -3.12 -27.07 -28.01
CA LEU D 401 -2.84 -28.48 -27.73
C LEU D 401 -1.97 -28.51 -26.48
N GLU D 402 -2.35 -29.36 -25.51
CA GLU D 402 -1.61 -29.50 -24.26
C GLU D 402 -0.79 -30.80 -24.35
N ALA D 403 0.52 -30.71 -24.09
CA ALA D 403 1.42 -31.86 -24.08
C ALA D 403 1.45 -32.50 -22.69
N VAL D 404 1.43 -33.85 -22.61
CA VAL D 404 1.47 -34.60 -21.36
C VAL D 404 2.44 -35.79 -21.46
N LYS D 405 3.07 -36.17 -20.35
CA LYS D 405 3.93 -37.35 -20.29
C LYS D 405 3.00 -38.57 -20.20
N ASP D 406 1.94 -38.48 -19.36
CA ASP D 406 0.95 -39.55 -19.19
C ASP D 406 -0.46 -38.96 -19.27
N LYS D 407 -1.25 -39.42 -20.26
CA LYS D 407 -2.62 -38.96 -20.53
C LYS D 407 -3.60 -39.28 -19.39
N ALA D 408 -3.68 -40.57 -18.98
CA ALA D 408 -4.59 -41.06 -17.93
C ALA D 408 -4.60 -40.22 -16.65
N SER D 409 -3.42 -39.86 -16.12
CA SER D 409 -3.26 -39.07 -14.88
C SER D 409 -3.02 -37.57 -15.12
N LYS D 410 -3.00 -37.11 -16.40
CA LYS D 410 -2.74 -35.71 -16.79
C LYS D 410 -1.35 -35.22 -16.30
N THR D 411 -0.37 -36.14 -16.22
CA THR D 411 0.99 -35.82 -15.78
C THR D 411 1.76 -35.12 -16.91
N PRO D 412 2.25 -33.88 -16.68
CA PRO D 412 3.02 -33.22 -17.73
C PRO D 412 4.48 -33.70 -17.71
N PHE D 413 5.25 -33.30 -18.72
CA PHE D 413 6.68 -33.57 -18.77
C PHE D 413 7.33 -32.60 -17.78
N ASP D 414 8.53 -32.94 -17.25
CA ASP D 414 9.25 -32.06 -16.32
C ASP D 414 9.49 -30.72 -17.00
N GLY D 415 9.38 -29.64 -16.21
CA GLY D 415 9.59 -28.26 -16.68
C GLY D 415 10.90 -28.02 -17.39
N ASN D 416 11.97 -28.69 -16.89
CA ASN D 416 13.34 -28.62 -17.43
C ASN D 416 13.49 -29.22 -18.85
N LEU D 417 12.51 -30.04 -19.29
CA LEU D 417 12.50 -30.64 -20.63
C LEU D 417 12.07 -29.61 -21.71
N SER D 418 11.35 -28.55 -21.28
CA SER D 418 10.88 -27.43 -22.12
C SER D 418 10.22 -27.90 -23.43
N VAL D 419 9.28 -28.86 -23.33
CA VAL D 419 8.55 -29.46 -24.45
C VAL D 419 7.90 -28.46 -25.41
N SER D 420 7.21 -27.43 -24.89
CA SER D 420 6.54 -26.43 -25.73
C SER D 420 7.55 -25.64 -26.56
N GLU D 421 8.65 -25.18 -25.93
CA GLU D 421 9.73 -24.46 -26.60
C GLU D 421 10.35 -25.32 -27.70
N ARG D 422 10.58 -26.62 -27.42
CA ARG D 422 11.16 -27.57 -28.39
C ARG D 422 10.21 -27.71 -29.58
N ILE D 423 8.88 -27.86 -29.35
CA ILE D 423 7.88 -27.98 -30.43
C ILE D 423 7.88 -26.70 -31.28
N ALA D 424 7.81 -25.52 -30.62
CA ALA D 424 7.82 -24.22 -31.32
C ALA D 424 9.12 -24.01 -32.12
N ASN D 425 10.28 -24.39 -31.54
CA ASN D 425 11.57 -24.29 -32.22
C ASN D 425 11.65 -25.23 -33.41
N THR D 426 11.10 -26.46 -33.26
CA THR D 426 11.07 -27.43 -34.35
C THR D 426 10.14 -26.89 -35.45
N CYS D 427 9.01 -26.28 -35.06
CA CYS D 427 8.08 -25.67 -36.01
C CYS D 427 8.74 -24.61 -36.88
N THR D 428 9.49 -23.67 -36.24
CA THR D 428 10.25 -22.62 -36.92
C THR D 428 11.21 -23.22 -37.93
N ASP D 429 11.92 -24.32 -37.56
CA ASP D 429 12.86 -25.04 -38.45
C ASP D 429 12.15 -25.62 -39.66
N LEU D 430 10.86 -25.96 -39.51
CA LEU D 430 10.03 -26.49 -40.60
C LEU D 430 9.29 -25.41 -41.41
N GLY D 431 9.46 -24.14 -41.03
CA GLY D 431 8.81 -23.05 -41.73
C GLY D 431 7.42 -22.72 -41.19
N LEU D 432 7.21 -22.99 -39.90
CA LEU D 432 5.96 -22.67 -39.21
C LEU D 432 6.22 -21.90 -37.91
N ILE D 433 5.51 -20.78 -37.69
CA ILE D 433 5.61 -20.05 -36.44
C ILE D 433 4.34 -20.33 -35.63
N CYS D 434 4.50 -20.78 -34.38
CA CYS D 434 3.38 -20.96 -33.46
C CYS D 434 3.80 -20.44 -32.09
N PHE D 435 2.89 -20.41 -31.12
CA PHE D 435 3.16 -19.83 -29.83
C PHE D 435 3.27 -20.86 -28.69
N PRO D 436 4.46 -21.02 -28.06
CA PRO D 436 4.54 -21.95 -26.92
C PRO D 436 4.13 -21.25 -25.63
N LEU D 437 3.43 -21.97 -24.73
CA LEU D 437 3.04 -21.44 -23.43
C LEU D 437 2.77 -22.59 -22.48
N GLY D 438 3.51 -22.60 -21.36
CA GLY D 438 3.42 -23.67 -20.37
C GLY D 438 3.79 -24.98 -21.05
N GLN D 439 2.89 -25.97 -20.96
CA GLN D 439 3.04 -27.27 -21.62
C GLN D 439 2.18 -27.32 -22.89
N SER D 440 1.77 -26.16 -23.39
CA SER D 440 0.89 -26.06 -24.56
C SER D 440 1.51 -25.37 -25.78
N VAL D 441 0.93 -25.63 -26.95
CA VAL D 441 1.26 -25.00 -28.23
C VAL D 441 -0.05 -24.40 -28.77
N VAL D 442 -0.04 -23.10 -29.03
CA VAL D 442 -1.20 -22.32 -29.48
C VAL D 442 -1.15 -22.05 -30.97
N LEU D 443 -2.35 -22.11 -31.62
CA LEU D 443 -2.56 -21.78 -33.02
C LEU D 443 -3.62 -20.67 -33.11
N CYS D 444 -3.21 -19.49 -33.61
CA CYS D 444 -4.11 -18.34 -33.83
C CYS D 444 -3.78 -17.72 -35.17
N PRO D 445 -4.06 -18.45 -36.27
CA PRO D 445 -3.64 -17.97 -37.59
C PRO D 445 -4.49 -16.82 -38.16
N PRO D 446 -4.00 -16.16 -39.23
CA PRO D 446 -4.77 -15.04 -39.81
C PRO D 446 -6.09 -15.52 -40.35
N PHE D 447 -7.08 -14.62 -40.41
CA PHE D 447 -8.44 -14.96 -40.90
C PHE D 447 -8.49 -15.20 -42.42
N ILE D 448 -7.42 -14.84 -43.13
CA ILE D 448 -7.30 -15.02 -44.59
C ILE D 448 -6.80 -16.44 -44.96
N LEU D 449 -6.50 -17.27 -43.94
CA LEU D 449 -6.01 -18.65 -44.11
C LEU D 449 -6.94 -19.45 -45.03
N THR D 450 -6.35 -20.06 -46.07
CA THR D 450 -7.07 -20.93 -47.00
C THR D 450 -7.07 -22.35 -46.40
N GLU D 451 -7.84 -23.27 -47.00
CA GLU D 451 -7.89 -24.67 -46.55
C GLU D 451 -6.51 -25.34 -46.72
N ALA D 452 -5.83 -25.08 -47.85
CA ALA D 452 -4.50 -25.61 -48.19
C ALA D 452 -3.42 -25.11 -47.21
N GLN D 453 -3.52 -23.84 -46.80
CA GLN D 453 -2.57 -23.26 -45.83
C GLN D 453 -2.81 -23.83 -44.43
N MET D 454 -4.09 -24.15 -44.09
CA MET D 454 -4.42 -24.77 -42.80
C MET D 454 -3.79 -26.18 -42.78
N ASP D 455 -3.89 -26.91 -43.92
CA ASP D 455 -3.29 -28.25 -44.04
C ASP D 455 -1.79 -28.17 -43.91
N GLU D 456 -1.16 -27.14 -44.51
CA GLU D 456 0.30 -26.90 -44.44
C GLU D 456 0.70 -26.65 -42.98
N MET D 457 -0.07 -25.81 -42.26
CA MET D 457 0.13 -25.49 -40.84
C MET D 457 0.09 -26.79 -40.02
N PHE D 458 -0.96 -27.61 -40.21
CA PHE D 458 -1.08 -28.89 -39.51
C PHE D 458 -0.02 -29.92 -39.88
N ASP D 459 0.37 -29.98 -41.16
CA ASP D 459 1.40 -30.94 -41.59
C ASP D 459 2.75 -30.70 -40.92
N LYS D 460 3.17 -29.42 -40.82
CA LYS D 460 4.43 -29.03 -40.19
C LYS D 460 4.35 -29.26 -38.68
N LEU D 461 3.22 -28.88 -38.06
CA LEU D 461 2.97 -29.04 -36.63
C LEU D 461 3.08 -30.52 -36.24
N GLU D 462 2.39 -31.42 -36.97
CA GLU D 462 2.44 -32.87 -36.72
C GLU D 462 3.86 -33.45 -36.79
N LYS D 463 4.69 -32.96 -37.74
CA LYS D 463 6.11 -33.36 -37.89
C LYS D 463 6.91 -32.97 -36.64
N ALA D 464 6.73 -31.72 -36.15
CA ALA D 464 7.37 -31.21 -34.94
C ALA D 464 6.98 -32.07 -33.72
N LEU D 465 5.68 -32.41 -33.58
CA LEU D 465 5.18 -33.28 -32.51
C LEU D 465 5.81 -34.67 -32.58
N ASP D 466 5.95 -35.24 -33.81
CA ASP D 466 6.60 -36.55 -34.03
C ASP D 466 8.05 -36.50 -33.54
N LYS D 467 8.81 -35.45 -33.93
CA LYS D 467 10.23 -35.27 -33.56
C LYS D 467 10.46 -35.07 -32.06
N VAL D 468 9.72 -34.13 -31.46
CA VAL D 468 9.84 -33.78 -30.04
C VAL D 468 9.42 -34.95 -29.14
N PHE D 469 8.25 -35.59 -29.42
CA PHE D 469 7.77 -36.73 -28.64
C PHE D 469 8.64 -37.99 -28.74
N ALA D 470 9.34 -38.16 -29.88
CA ALA D 470 10.28 -39.27 -30.07
C ALA D 470 11.51 -39.02 -29.18
N GLU D 471 11.98 -37.76 -29.10
CA GLU D 471 13.12 -37.37 -28.28
C GLU D 471 12.82 -37.49 -26.79
N VAL D 472 11.63 -37.03 -26.37
CA VAL D 472 11.17 -37.04 -24.99
C VAL D 472 10.23 -38.22 -24.71
S SO4 E . -28.66 10.83 37.60
O1 SO4 E . -29.19 11.87 36.84
O2 SO4 E . -29.14 9.54 37.20
O3 SO4 E . -27.26 10.85 37.43
O4 SO4 E . -28.98 11.05 38.99
NA NA F . 9.52 -25.95 27.72
S SO4 G . 25.28 -19.53 31.64
O1 SO4 G . 26.47 -18.73 31.50
O2 SO4 G . 24.24 -19.05 30.72
O3 SO4 G . 25.58 -20.92 31.40
O4 SO4 G . 24.80 -19.40 32.96
NA NA H . -11.67 19.62 32.55
NA NA I . 25.88 7.30 -28.99
S SO4 J . 29.08 -10.83 -37.01
O1 SO4 J . 30.23 -11.16 -37.80
O2 SO4 J . 28.03 -10.41 -37.89
O3 SO4 J . 28.63 -12.01 -36.27
O4 SO4 J . 29.44 -9.74 -36.09
NA NA K . -23.78 -0.98 -31.06
#